data_2AJE
#
_entry.id   2AJE
#
_entity_poly.entity_id   1
_entity_poly.type   'polypeptide(L)'
_entity_poly.pdbx_seq_one_letter_code
;GSHMLEDPQRRIRRPFSVAEVEALVQAVEKLGTGRWRDVKLCAFEDADHRTYVDLKDKWKTLVHTAKISPQQRRGEPVPQ
ELLNRVLNAHGYWTQQQMQQLQQNV
;
_entity_poly.pdbx_strand_id   A
#
# COMPACT_ATOMS: atom_id res chain seq x y z
N GLN A 9 -18.09 -19.80 -19.70
CA GLN A 9 -18.34 -18.69 -18.79
C GLN A 9 -17.12 -17.78 -18.68
N ARG A 10 -15.94 -18.37 -18.77
CA ARG A 10 -14.69 -17.62 -18.69
C ARG A 10 -14.59 -16.88 -17.36
N ARG A 11 -15.39 -17.30 -16.39
CA ARG A 11 -15.39 -16.67 -15.06
C ARG A 11 -14.14 -17.04 -14.28
N ILE A 12 -13.41 -16.03 -13.82
CA ILE A 12 -12.18 -16.25 -13.06
C ILE A 12 -12.45 -16.08 -11.56
N ARG A 13 -11.98 -17.06 -10.78
CA ARG A 13 -12.17 -17.03 -9.33
C ARG A 13 -11.37 -15.89 -8.71
N ARG A 14 -12.06 -14.81 -8.35
CA ARG A 14 -11.42 -13.65 -7.75
C ARG A 14 -12.27 -13.09 -6.60
N PRO A 15 -12.09 -13.61 -5.38
CA PRO A 15 -12.84 -13.15 -4.21
C PRO A 15 -12.39 -11.77 -3.73
N PHE A 16 -11.11 -11.48 -3.93
CA PHE A 16 -10.54 -10.20 -3.51
C PHE A 16 -9.79 -9.54 -4.65
N SER A 17 -9.46 -8.26 -4.48
CA SER A 17 -8.73 -7.51 -5.50
C SER A 17 -8.10 -6.25 -4.89
N VAL A 18 -7.41 -5.48 -5.72
CA VAL A 18 -6.77 -4.26 -5.27
C VAL A 18 -7.75 -3.36 -4.52
N ALA A 19 -9.01 -3.41 -4.95
CA ALA A 19 -10.06 -2.61 -4.30
C ALA A 19 -10.15 -2.93 -2.83
N GLU A 20 -10.22 -4.23 -2.52
CA GLU A 20 -10.31 -4.68 -1.14
C GLU A 20 -9.01 -4.36 -0.40
N VAL A 21 -7.90 -4.44 -1.12
CA VAL A 21 -6.59 -4.14 -0.54
C VAL A 21 -6.58 -2.75 0.06
N GLU A 22 -7.31 -1.83 -0.56
CA GLU A 22 -7.39 -0.45 -0.08
C GLU A 22 -7.70 -0.44 1.42
N ALA A 23 -8.82 -1.05 1.79
CA ALA A 23 -9.21 -1.12 3.20
C ALA A 23 -8.12 -1.80 4.00
N LEU A 24 -7.53 -2.85 3.43
CA LEU A 24 -6.45 -3.58 4.08
C LEU A 24 -5.28 -2.65 4.36
N VAL A 25 -5.12 -1.64 3.50
CA VAL A 25 -4.04 -0.66 3.67
C VAL A 25 -4.30 0.21 4.89
N GLN A 26 -5.56 0.63 5.03
CA GLN A 26 -5.95 1.48 6.16
C GLN A 26 -5.81 0.72 7.48
N ALA A 27 -5.84 -0.60 7.39
CA ALA A 27 -5.71 -1.46 8.57
C ALA A 27 -4.25 -1.76 8.92
N VAL A 28 -3.43 -1.95 7.89
CA VAL A 28 -2.02 -2.28 8.08
C VAL A 28 -1.14 -1.04 8.27
N GLU A 29 -1.64 0.12 7.88
CA GLU A 29 -0.88 1.35 8.00
C GLU A 29 -0.45 1.63 9.44
N LYS A 30 -1.00 0.86 10.38
CA LYS A 30 -0.68 1.04 11.79
C LYS A 30 0.22 -0.09 12.31
N LEU A 31 -0.14 -1.33 12.00
CA LEU A 31 0.64 -2.49 12.45
C LEU A 31 1.31 -3.19 11.28
N GLY A 32 1.69 -2.41 10.27
CA GLY A 32 2.34 -2.95 9.10
C GLY A 32 3.74 -3.48 9.39
N THR A 33 4.30 -4.21 8.44
CA THR A 33 5.64 -4.76 8.59
C THR A 33 6.40 -4.73 7.26
N GLY A 34 5.67 -4.95 6.17
CA GLY A 34 6.29 -4.93 4.86
C GLY A 34 5.33 -5.35 3.75
N ARG A 35 4.04 -5.09 3.98
CA ARG A 35 2.99 -5.42 3.01
C ARG A 35 3.19 -6.80 2.41
N TRP A 36 3.79 -7.70 3.18
CA TRP A 36 4.03 -9.06 2.72
C TRP A 36 2.71 -9.78 2.45
N ARG A 37 1.78 -9.65 3.39
CA ARG A 37 0.48 -10.28 3.26
C ARG A 37 -0.36 -9.59 2.18
N ASP A 38 -0.14 -8.29 2.01
CA ASP A 38 -0.85 -7.52 1.01
C ASP A 38 -0.46 -7.94 -0.39
N VAL A 39 0.84 -7.97 -0.66
CA VAL A 39 1.35 -8.35 -1.97
C VAL A 39 0.99 -9.79 -2.30
N LYS A 40 0.92 -10.63 -1.28
CA LYS A 40 0.58 -12.03 -1.46
C LYS A 40 -0.86 -12.21 -1.92
N LEU A 41 -1.79 -11.50 -1.26
CA LEU A 41 -3.20 -11.61 -1.61
C LEU A 41 -3.73 -10.31 -2.20
N CYS A 42 -2.86 -9.51 -2.80
CA CYS A 42 -3.27 -8.25 -3.41
C CYS A 42 -4.40 -8.50 -4.41
N ALA A 43 -4.20 -9.52 -5.23
CA ALA A 43 -5.18 -9.90 -6.25
C ALA A 43 -4.66 -11.07 -7.08
N PHE A 44 -3.79 -11.88 -6.48
CA PHE A 44 -3.19 -13.02 -7.16
C PHE A 44 -2.30 -12.49 -8.27
N GLU A 45 -2.06 -11.18 -8.20
CA GLU A 45 -1.24 -10.51 -9.18
C GLU A 45 0.25 -10.60 -8.83
N ASP A 46 0.59 -10.17 -7.62
CA ASP A 46 1.97 -10.21 -7.17
C ASP A 46 2.18 -11.27 -6.10
N ALA A 47 1.34 -12.31 -6.13
CA ALA A 47 1.43 -13.40 -5.16
C ALA A 47 2.74 -14.17 -5.31
N ASP A 48 3.50 -13.84 -6.35
CA ASP A 48 4.78 -14.51 -6.60
C ASP A 48 5.95 -13.57 -6.32
N HIS A 49 5.63 -12.32 -6.00
CA HIS A 49 6.65 -11.31 -5.69
C HIS A 49 7.54 -11.05 -6.89
N ARG A 50 7.43 -9.85 -7.46
CA ARG A 50 8.23 -9.47 -8.62
C ARG A 50 9.50 -8.72 -8.20
N THR A 51 9.33 -7.52 -7.68
CA THR A 51 10.46 -6.70 -7.25
C THR A 51 10.05 -5.77 -6.12
N TYR A 52 11.02 -5.39 -5.27
CA TYR A 52 10.75 -4.52 -4.14
C TYR A 52 10.19 -3.16 -4.59
N VAL A 53 10.80 -2.56 -5.61
CA VAL A 53 10.32 -1.26 -6.10
C VAL A 53 9.08 -1.44 -6.97
N ASP A 54 9.04 -2.52 -7.74
CA ASP A 54 7.89 -2.79 -8.61
C ASP A 54 6.62 -2.82 -7.76
N LEU A 55 6.64 -3.65 -6.73
CA LEU A 55 5.50 -3.76 -5.82
C LEU A 55 5.27 -2.42 -5.14
N LYS A 56 6.37 -1.72 -4.87
CA LYS A 56 6.32 -0.42 -4.23
C LYS A 56 5.61 0.59 -5.12
N ASP A 57 5.72 0.38 -6.43
CA ASP A 57 5.08 1.26 -7.40
C ASP A 57 3.58 1.02 -7.43
N LYS A 58 3.20 -0.26 -7.43
CA LYS A 58 1.79 -0.63 -7.46
C LYS A 58 1.11 -0.29 -6.15
N TRP A 59 1.88 -0.29 -5.06
CA TRP A 59 1.34 0.03 -3.75
C TRP A 59 1.22 1.54 -3.57
N LYS A 60 2.32 2.23 -3.84
CA LYS A 60 2.34 3.69 -3.73
C LYS A 60 1.24 4.33 -4.57
N THR A 61 0.91 3.70 -5.69
CA THR A 61 -0.13 4.23 -6.57
C THR A 61 -1.50 3.80 -6.07
N LEU A 62 -1.55 2.63 -5.43
CA LEU A 62 -2.78 2.10 -4.88
C LEU A 62 -3.35 3.06 -3.84
N VAL A 63 -2.46 3.74 -3.13
CA VAL A 63 -2.86 4.69 -2.11
C VAL A 63 -3.02 6.10 -2.69
N HIS A 64 -2.10 6.48 -3.56
CA HIS A 64 -2.13 7.79 -4.20
C HIS A 64 -3.41 7.95 -5.03
N THR A 65 -3.91 6.82 -5.54
CA THR A 65 -5.12 6.83 -6.35
C THR A 65 -6.37 6.87 -5.49
N ALA A 66 -6.22 6.54 -4.21
CA ALA A 66 -7.34 6.53 -3.28
C ALA A 66 -8.00 7.91 -3.19
N LYS A 67 -7.48 8.76 -2.30
CA LYS A 67 -8.03 10.10 -2.11
C LYS A 67 -6.94 11.08 -1.71
N ILE A 68 -5.69 10.76 -2.03
CA ILE A 68 -4.57 11.62 -1.70
C ILE A 68 -4.67 12.94 -2.44
N SER A 69 -5.36 12.93 -3.59
CA SER A 69 -5.53 14.13 -4.40
C SER A 69 -4.19 14.81 -4.67
N PRO A 70 -3.35 14.20 -5.54
CA PRO A 70 -2.03 14.76 -5.88
C PRO A 70 -2.13 15.91 -6.88
N GLN A 71 -3.36 16.26 -7.25
CA GLN A 71 -3.59 17.34 -8.20
C GLN A 71 -3.69 18.69 -7.49
N GLN A 72 -4.07 18.65 -6.21
CA GLN A 72 -4.20 19.86 -5.41
C GLN A 72 -5.21 20.83 -6.02
N ARG A 73 -6.02 20.33 -6.95
CA ARG A 73 -7.03 21.14 -7.61
C ARG A 73 -6.39 22.29 -8.39
N ARG A 74 -5.06 22.24 -8.53
CA ARG A 74 -4.33 23.27 -9.25
C ARG A 74 -3.83 22.75 -10.59
N GLY A 75 -3.10 21.64 -10.55
CA GLY A 75 -2.57 21.05 -11.76
C GLY A 75 -1.74 19.82 -11.49
N GLU A 76 -0.67 19.65 -12.26
CA GLU A 76 0.20 18.49 -12.11
C GLU A 76 1.67 18.92 -12.07
N PRO A 77 2.11 19.55 -10.96
CA PRO A 77 3.50 20.01 -10.81
C PRO A 77 4.46 18.85 -10.61
N VAL A 78 4.65 18.44 -9.36
CA VAL A 78 5.55 17.34 -9.04
C VAL A 78 5.02 16.51 -7.87
N PRO A 79 4.39 15.36 -8.16
CA PRO A 79 3.82 14.49 -7.12
C PRO A 79 4.91 13.76 -6.33
N GLN A 80 5.50 14.46 -5.35
CA GLN A 80 6.55 13.89 -4.52
C GLN A 80 5.97 13.37 -3.20
N GLU A 81 4.86 13.97 -2.78
CA GLU A 81 4.19 13.59 -1.55
C GLU A 81 3.95 12.08 -1.48
N LEU A 82 3.40 11.52 -2.55
CA LEU A 82 3.12 10.09 -2.61
C LEU A 82 4.38 9.25 -2.37
N LEU A 83 5.54 9.79 -2.76
CA LEU A 83 6.81 9.09 -2.57
C LEU A 83 7.31 9.22 -1.14
N ASN A 84 7.12 10.40 -0.57
CA ASN A 84 7.55 10.67 0.80
C ASN A 84 6.71 9.90 1.80
N ARG A 85 5.42 9.76 1.51
CA ARG A 85 4.50 9.06 2.40
C ARG A 85 4.64 7.53 2.27
N VAL A 86 4.91 7.06 1.06
CA VAL A 86 5.06 5.62 0.85
C VAL A 86 6.32 5.09 1.52
N LEU A 87 7.44 5.80 1.34
CA LEU A 87 8.70 5.39 1.94
C LEU A 87 8.68 5.58 3.45
N ASN A 88 7.96 6.61 3.91
CA ASN A 88 7.84 6.88 5.34
C ASN A 88 7.01 5.80 6.01
N ALA A 89 5.91 5.44 5.36
CA ALA A 89 5.01 4.42 5.88
C ALA A 89 5.73 3.09 6.07
N HIS A 90 6.32 2.57 4.99
CA HIS A 90 7.03 1.30 5.05
C HIS A 90 8.18 1.38 6.05
N GLY A 91 9.05 2.37 5.86
CA GLY A 91 10.18 2.55 6.76
C GLY A 91 9.73 2.62 8.21
N TYR A 92 8.55 3.19 8.44
CA TYR A 92 8.01 3.31 9.78
C TYR A 92 7.71 1.94 10.37
N TRP A 93 7.03 1.08 9.60
CA TRP A 93 6.71 -0.26 10.08
C TRP A 93 7.97 -0.96 10.57
N THR A 94 8.93 -1.12 9.68
CA THR A 94 10.19 -1.79 10.01
C THR A 94 10.90 -1.10 11.17
N GLN A 95 11.01 0.22 11.07
CA GLN A 95 11.68 1.02 12.11
C GLN A 95 10.84 1.06 13.38
N GLN A 96 9.59 0.63 13.27
CA GLN A 96 8.69 0.63 14.41
C GLN A 96 8.92 -0.62 15.26
N GLN A 97 9.29 -1.71 14.60
CA GLN A 97 9.56 -2.98 15.28
C GLN A 97 8.29 -3.47 15.97
N MET A 98 7.15 -3.20 15.37
CA MET A 98 5.85 -3.61 15.92
C MET A 98 5.57 -2.93 17.25
N GLN A 99 6.50 -2.05 17.66
CA GLN A 99 6.38 -1.31 18.92
C GLN A 99 6.62 -2.22 20.13
N GLN A 100 6.21 -3.48 20.04
CA GLN A 100 6.40 -4.43 21.12
C GLN A 100 6.69 -5.82 20.58
N LEU A 101 7.11 -5.89 19.32
CA LEU A 101 7.41 -7.16 18.67
C LEU A 101 6.19 -8.07 18.63
N GLN A 102 5.01 -7.46 18.81
CA GLN A 102 3.76 -8.20 18.80
C GLN A 102 2.69 -7.45 18.00
N GLN A 103 1.69 -8.18 17.52
CA GLN A 103 0.61 -7.57 16.74
C GLN A 103 -0.40 -6.90 17.65
N ASN A 104 -0.11 -6.89 18.95
CA ASN A 104 -1.01 -6.26 19.92
C ASN A 104 -0.70 -4.77 20.05
N VAL A 105 -1.23 -3.99 19.11
CA VAL A 105 -1.03 -2.54 19.12
C VAL A 105 -1.79 -1.88 20.27
N GLN A 9 -20.71 -18.35 -17.23
CA GLN A 9 -19.44 -19.00 -16.94
C GLN A 9 -18.27 -18.05 -17.19
N ARG A 10 -18.59 -16.87 -17.70
CA ARG A 10 -17.56 -15.87 -18.00
C ARG A 10 -17.19 -15.07 -16.75
N ARG A 11 -18.11 -15.04 -15.78
CA ARG A 11 -17.89 -14.32 -14.54
C ARG A 11 -17.33 -15.25 -13.46
N ILE A 12 -16.06 -15.05 -13.11
CA ILE A 12 -15.41 -15.86 -12.10
C ILE A 12 -15.32 -15.12 -10.77
N ARG A 13 -15.55 -15.84 -9.68
CA ARG A 13 -15.49 -15.25 -8.35
C ARG A 13 -14.07 -15.22 -7.82
N ARG A 14 -13.54 -14.02 -7.66
CA ARG A 14 -12.18 -13.83 -7.15
C ARG A 14 -12.18 -13.62 -5.64
N PRO A 15 -11.10 -14.04 -4.96
CA PRO A 15 -10.99 -13.89 -3.50
C PRO A 15 -10.90 -12.43 -3.07
N PHE A 16 -9.83 -11.75 -3.49
CA PHE A 16 -9.63 -10.35 -3.15
C PHE A 16 -9.24 -9.53 -4.38
N SER A 17 -9.13 -8.21 -4.19
CA SER A 17 -8.76 -7.31 -5.27
C SER A 17 -8.12 -6.05 -4.71
N VAL A 18 -7.42 -5.31 -5.58
CA VAL A 18 -6.76 -4.08 -5.17
C VAL A 18 -7.72 -3.15 -4.41
N ALA A 19 -8.99 -3.18 -4.82
CA ALA A 19 -10.01 -2.35 -4.19
C ALA A 19 -10.09 -2.64 -2.69
N GLU A 20 -10.13 -3.93 -2.35
CA GLU A 20 -10.20 -4.35 -0.95
C GLU A 20 -8.89 -4.05 -0.25
N VAL A 21 -7.79 -4.19 -0.97
CA VAL A 21 -6.47 -3.92 -0.43
C VAL A 21 -6.41 -2.52 0.17
N GLU A 22 -7.11 -1.58 -0.47
CA GLU A 22 -7.14 -0.20 0.01
C GLU A 22 -7.46 -0.16 1.51
N ALA A 23 -8.59 -0.75 1.88
CA ALA A 23 -8.99 -0.79 3.27
C ALA A 23 -7.91 -1.46 4.11
N LEU A 24 -7.37 -2.56 3.58
CA LEU A 24 -6.32 -3.30 4.26
C LEU A 24 -5.12 -2.39 4.52
N VAL A 25 -4.93 -1.41 3.64
CA VAL A 25 -3.82 -0.46 3.78
C VAL A 25 -4.06 0.45 4.97
N GLN A 26 -5.28 0.95 5.10
CA GLN A 26 -5.63 1.83 6.21
C GLN A 26 -5.51 1.09 7.54
N ALA A 27 -5.58 -0.24 7.47
CA ALA A 27 -5.48 -1.08 8.67
C ALA A 27 -4.03 -1.43 9.00
N VAL A 28 -3.22 -1.68 7.97
CA VAL A 28 -1.82 -2.08 8.15
C VAL A 28 -0.89 -0.87 8.30
N GLU A 29 -1.35 0.30 7.89
CA GLU A 29 -0.52 1.51 7.97
C GLU A 29 -0.05 1.77 9.40
N LYS A 30 -0.59 1.03 10.36
CA LYS A 30 -0.21 1.21 11.76
C LYS A 30 0.66 0.04 12.26
N LEU A 31 0.24 -1.19 11.97
CA LEU A 31 0.97 -2.36 12.41
C LEU A 31 1.52 -3.16 11.23
N GLY A 32 1.88 -2.45 10.17
CA GLY A 32 2.41 -3.11 8.98
C GLY A 32 3.86 -3.52 9.12
N THR A 33 4.40 -4.14 8.08
CA THR A 33 5.79 -4.59 8.09
C THR A 33 6.40 -4.45 6.69
N GLY A 34 5.62 -4.82 5.68
CA GLY A 34 6.10 -4.75 4.31
C GLY A 34 5.04 -5.13 3.31
N ARG A 35 3.78 -4.96 3.69
CA ARG A 35 2.63 -5.28 2.84
C ARG A 35 2.81 -6.63 2.15
N TRP A 36 3.56 -7.53 2.79
CA TRP A 36 3.79 -8.86 2.24
C TRP A 36 2.47 -9.55 1.92
N ARG A 37 1.51 -9.41 2.83
CA ARG A 37 0.20 -10.03 2.65
C ARG A 37 -0.57 -9.32 1.53
N ASP A 38 -0.29 -8.04 1.35
CA ASP A 38 -0.95 -7.25 0.32
C ASP A 38 -0.52 -7.72 -1.06
N VAL A 39 0.79 -7.71 -1.31
CA VAL A 39 1.33 -8.14 -2.58
C VAL A 39 0.96 -9.59 -2.87
N LYS A 40 0.72 -10.35 -1.80
CA LYS A 40 0.35 -11.75 -1.93
C LYS A 40 -1.05 -11.90 -2.54
N LEU A 41 -2.03 -11.23 -1.95
CA LEU A 41 -3.41 -11.31 -2.42
C LEU A 41 -3.89 -9.98 -3.00
N CYS A 42 -2.96 -9.16 -3.48
CA CYS A 42 -3.31 -7.87 -4.06
C CYS A 42 -4.42 -8.03 -5.08
N ALA A 43 -4.27 -9.04 -5.93
CA ALA A 43 -5.26 -9.35 -6.97
C ALA A 43 -4.80 -10.51 -7.84
N PHE A 44 -3.96 -11.38 -7.28
CA PHE A 44 -3.43 -12.53 -8.00
C PHE A 44 -2.51 -12.01 -9.08
N GLU A 45 -2.20 -10.72 -8.98
CA GLU A 45 -1.35 -10.05 -9.93
C GLU A 45 0.12 -10.21 -9.55
N ASP A 46 0.43 -9.92 -8.29
CA ASP A 46 1.80 -10.03 -7.81
C ASP A 46 1.97 -11.22 -6.88
N ALA A 47 1.11 -12.22 -7.06
CA ALA A 47 1.16 -13.43 -6.25
C ALA A 47 2.43 -14.22 -6.52
N ASP A 48 3.20 -13.78 -7.50
CA ASP A 48 4.45 -14.45 -7.86
C ASP A 48 5.65 -13.59 -7.46
N HIS A 49 5.37 -12.39 -6.96
CA HIS A 49 6.42 -11.46 -6.53
C HIS A 49 7.29 -11.04 -7.71
N ARG A 50 7.21 -9.76 -8.08
CA ARG A 50 8.00 -9.23 -9.19
C ARG A 50 9.31 -8.64 -8.69
N THR A 51 9.21 -7.56 -7.92
CA THR A 51 10.39 -6.89 -7.38
C THR A 51 10.02 -6.05 -6.15
N TYR A 52 10.99 -5.81 -5.28
CA TYR A 52 10.74 -5.03 -4.07
C TYR A 52 10.27 -3.61 -4.40
N VAL A 53 10.94 -2.94 -5.33
CA VAL A 53 10.56 -1.59 -5.72
C VAL A 53 9.34 -1.61 -6.63
N ASP A 54 9.30 -2.54 -7.58
CA ASP A 54 8.17 -2.66 -8.50
C ASP A 54 6.88 -2.87 -7.71
N LEU A 55 6.87 -3.87 -6.85
CA LEU A 55 5.71 -4.16 -6.03
C LEU A 55 5.38 -2.94 -5.17
N LYS A 56 6.43 -2.24 -4.74
CA LYS A 56 6.27 -1.04 -3.93
C LYS A 56 5.64 0.06 -4.77
N ASP A 57 5.89 0.03 -6.08
CA ASP A 57 5.34 1.02 -6.99
C ASP A 57 3.84 0.85 -7.09
N LYS A 58 3.39 -0.40 -7.18
CA LYS A 58 1.97 -0.70 -7.26
C LYS A 58 1.27 -0.25 -5.98
N TRP A 59 2.01 -0.32 -4.87
CA TRP A 59 1.50 0.09 -3.57
C TRP A 59 1.36 1.61 -3.53
N LYS A 60 2.40 2.31 -3.99
CA LYS A 60 2.40 3.77 -4.04
C LYS A 60 1.27 4.27 -4.92
N THR A 61 0.94 3.49 -5.94
CA THR A 61 -0.13 3.84 -6.87
C THR A 61 -1.46 3.39 -6.30
N LEU A 62 -1.39 2.36 -5.47
CA LEU A 62 -2.58 1.82 -4.82
C LEU A 62 -3.20 2.86 -3.89
N VAL A 63 -2.35 3.68 -3.29
CA VAL A 63 -2.81 4.73 -2.39
C VAL A 63 -3.07 6.02 -3.17
N HIS A 64 -2.17 6.33 -4.10
CA HIS A 64 -2.30 7.52 -4.94
C HIS A 64 -3.64 7.54 -5.66
N THR A 65 -4.08 6.36 -6.09
CA THR A 65 -5.34 6.23 -6.81
C THR A 65 -6.53 6.17 -5.84
N ALA A 66 -6.25 5.85 -4.59
CA ALA A 66 -7.29 5.75 -3.58
C ALA A 66 -8.09 7.04 -3.48
N LYS A 67 -7.51 8.06 -2.86
CA LYS A 67 -8.18 9.35 -2.71
C LYS A 67 -7.19 10.44 -2.30
N ILE A 68 -5.93 10.25 -2.66
CA ILE A 68 -4.89 11.22 -2.33
C ILE A 68 -5.23 12.59 -2.92
N SER A 69 -5.95 12.59 -4.04
CA SER A 69 -6.34 13.83 -4.71
C SER A 69 -5.16 14.79 -4.85
N PRO A 70 -4.15 14.42 -5.66
CA PRO A 70 -2.96 15.25 -5.88
C PRO A 70 -3.23 16.40 -6.84
N GLN A 71 -4.48 16.56 -7.24
CA GLN A 71 -4.87 17.63 -8.17
C GLN A 71 -4.69 19.00 -7.51
N GLN A 72 -5.03 19.10 -6.24
CA GLN A 72 -4.91 20.35 -5.49
C GLN A 72 -5.78 21.45 -6.10
N ARG A 73 -6.63 21.06 -7.06
CA ARG A 73 -7.53 22.00 -7.73
C ARG A 73 -6.75 23.07 -8.50
N ARG A 74 -6.94 23.10 -9.81
CA ARG A 74 -6.26 24.08 -10.67
C ARG A 74 -4.75 23.92 -10.60
N GLY A 75 -4.16 23.39 -11.68
CA GLY A 75 -2.73 23.18 -11.72
C GLY A 75 -2.29 21.93 -11.00
N GLU A 76 -1.14 21.39 -11.39
CA GLU A 76 -0.61 20.18 -10.77
C GLU A 76 0.88 20.01 -11.12
N PRO A 77 1.79 20.27 -10.15
CA PRO A 77 3.22 20.14 -10.37
C PRO A 77 3.66 18.68 -10.49
N VAL A 78 3.93 18.06 -9.34
CA VAL A 78 4.36 16.67 -9.30
C VAL A 78 3.83 15.97 -8.05
N PRO A 79 3.22 14.77 -8.22
CA PRO A 79 2.67 14.01 -7.08
C PRO A 79 3.76 13.32 -6.26
N GLN A 80 4.29 14.06 -5.29
CA GLN A 80 5.35 13.54 -4.43
C GLN A 80 4.76 13.00 -3.12
N GLU A 81 3.60 13.54 -2.75
CA GLU A 81 2.92 13.14 -1.53
C GLU A 81 2.79 11.62 -1.41
N LEU A 82 2.63 10.96 -2.54
CA LEU A 82 2.50 9.51 -2.57
C LEU A 82 3.80 8.83 -2.13
N LEU A 83 4.88 9.10 -2.86
CA LEU A 83 6.17 8.51 -2.56
C LEU A 83 6.64 8.90 -1.16
N ASN A 84 6.16 10.05 -0.69
CA ASN A 84 6.53 10.54 0.63
C ASN A 84 5.88 9.69 1.72
N ARG A 85 4.57 9.49 1.63
CA ARG A 85 3.83 8.71 2.61
C ARG A 85 4.16 7.22 2.49
N VAL A 86 4.67 6.82 1.33
CA VAL A 86 5.02 5.43 1.10
C VAL A 86 6.32 5.06 1.78
N LEU A 87 7.40 5.73 1.39
CA LEU A 87 8.71 5.47 1.99
C LEU A 87 8.70 5.76 3.48
N ASN A 88 7.82 6.66 3.89
CA ASN A 88 7.70 7.04 5.31
C ASN A 88 7.01 5.93 6.08
N ALA A 89 5.81 5.58 5.66
CA ALA A 89 5.03 4.53 6.31
C ALA A 89 5.82 3.22 6.36
N HIS A 90 6.50 2.91 5.27
CA HIS A 90 7.29 1.69 5.18
C HIS A 90 8.40 1.71 6.23
N GLY A 91 9.20 2.77 6.20
CA GLY A 91 10.28 2.90 7.17
C GLY A 91 9.78 2.84 8.59
N TYR A 92 8.55 3.31 8.80
CA TYR A 92 7.94 3.30 10.12
C TYR A 92 7.71 1.86 10.59
N TRP A 93 7.15 1.03 9.71
CA TRP A 93 6.89 -0.37 10.06
C TRP A 93 8.19 -1.04 10.52
N THR A 94 9.18 -1.04 9.63
CA THR A 94 10.47 -1.64 9.93
C THR A 94 11.08 -1.02 11.19
N GLN A 95 11.14 0.30 11.24
CA GLN A 95 11.70 1.01 12.38
C GLN A 95 10.82 0.81 13.61
N GLN A 96 9.58 0.39 13.38
CA GLN A 96 8.65 0.16 14.49
C GLN A 96 9.01 -1.15 15.19
N GLN A 97 9.58 -2.07 14.42
CA GLN A 97 10.00 -3.37 14.94
C GLN A 97 8.79 -4.20 15.35
N MET A 98 7.61 -3.79 14.90
CA MET A 98 6.37 -4.49 15.22
C MET A 98 6.18 -4.63 16.73
N GLN A 99 6.97 -3.86 17.49
CA GLN A 99 6.89 -3.91 18.95
C GLN A 99 6.68 -2.52 19.53
N GLN A 100 6.19 -1.60 18.70
CA GLN A 100 5.94 -0.22 19.11
C GLN A 100 7.22 0.44 19.61
N LEU A 101 7.83 1.25 18.76
CA LEU A 101 9.07 1.94 19.11
C LEU A 101 8.87 2.82 20.34
N GLN A 102 7.75 3.53 20.39
CA GLN A 102 7.45 4.41 21.53
C GLN A 102 5.95 4.73 21.57
N GLN A 103 5.18 3.83 22.16
CA GLN A 103 3.73 4.00 22.29
C GLN A 103 3.09 4.24 20.92
N ASN A 104 3.77 3.82 19.86
CA ASN A 104 3.26 3.99 18.51
C ASN A 104 2.20 2.93 18.20
N VAL A 105 0.99 3.16 18.68
CA VAL A 105 -0.12 2.23 18.46
C VAL A 105 0.20 0.85 19.00
N GLN A 9 -17.08 -5.80 -21.04
CA GLN A 9 -17.99 -6.40 -20.06
C GLN A 9 -17.77 -5.80 -18.68
N ARG A 10 -16.50 -5.59 -18.33
CA ARG A 10 -16.14 -5.02 -17.03
C ARG A 10 -16.68 -5.88 -15.89
N ARG A 11 -17.02 -7.13 -16.19
CA ARG A 11 -17.54 -8.05 -15.19
C ARG A 11 -16.41 -8.89 -14.58
N ILE A 12 -16.07 -8.59 -13.33
CA ILE A 12 -15.03 -9.31 -12.63
C ILE A 12 -15.50 -10.68 -12.15
N ARG A 13 -14.58 -11.45 -11.58
CA ARG A 13 -14.90 -12.78 -11.08
C ARG A 13 -14.15 -13.08 -9.80
N ARG A 14 -12.91 -12.61 -9.73
CA ARG A 14 -12.07 -12.83 -8.55
C ARG A 14 -12.78 -12.36 -7.28
N PRO A 15 -12.55 -13.06 -6.15
CA PRO A 15 -13.18 -12.72 -4.86
C PRO A 15 -12.79 -11.32 -4.40
N PHE A 16 -11.49 -11.05 -4.33
CA PHE A 16 -10.99 -9.75 -3.89
C PHE A 16 -10.16 -9.08 -4.98
N SER A 17 -9.81 -7.82 -4.75
CA SER A 17 -9.01 -7.06 -5.70
C SER A 17 -8.42 -5.82 -5.03
N VAL A 18 -7.65 -5.05 -5.79
CA VAL A 18 -7.02 -3.83 -5.28
C VAL A 18 -8.05 -2.94 -4.56
N ALA A 19 -9.30 -3.06 -4.96
CA ALA A 19 -10.38 -2.27 -4.37
C ALA A 19 -10.45 -2.50 -2.86
N GLU A 20 -10.63 -3.75 -2.46
CA GLU A 20 -10.72 -4.09 -1.05
C GLU A 20 -9.37 -3.90 -0.37
N VAL A 21 -8.29 -4.17 -1.10
CA VAL A 21 -6.94 -4.01 -0.58
C VAL A 21 -6.73 -2.60 -0.05
N GLU A 22 -7.43 -1.64 -0.64
CA GLU A 22 -7.32 -0.25 -0.22
C GLU A 22 -7.57 -0.11 1.28
N ALA A 23 -8.73 -0.58 1.72
CA ALA A 23 -9.08 -0.53 3.14
C ALA A 23 -8.07 -1.33 3.95
N LEU A 24 -7.72 -2.51 3.43
CA LEU A 24 -6.76 -3.38 4.09
C LEU A 24 -5.43 -2.65 4.30
N VAL A 25 -5.15 -1.70 3.40
CA VAL A 25 -3.93 -0.93 3.48
C VAL A 25 -4.02 0.12 4.58
N GLN A 26 -5.19 0.72 4.72
CA GLN A 26 -5.42 1.74 5.75
C GLN A 26 -5.32 1.10 7.13
N ALA A 27 -5.51 -0.22 7.18
CA ALA A 27 -5.45 -0.95 8.44
C ALA A 27 -4.03 -1.41 8.77
N VAL A 28 -3.27 -1.79 7.74
CA VAL A 28 -1.90 -2.27 7.94
C VAL A 28 -0.88 -1.13 7.99
N GLU A 29 -1.25 0.04 7.50
CA GLU A 29 -0.34 1.19 7.50
C GLU A 29 0.16 1.53 8.89
N LYS A 30 -0.43 0.91 9.92
CA LYS A 30 -0.03 1.17 11.30
C LYS A 30 0.80 0.04 11.88
N LEU A 31 0.41 -1.20 11.60
CA LEU A 31 1.14 -2.36 12.12
C LEU A 31 1.64 -3.26 11.00
N GLY A 32 1.92 -2.65 9.85
CA GLY A 32 2.39 -3.41 8.70
C GLY A 32 3.86 -3.76 8.80
N THR A 33 4.42 -4.25 7.69
CA THR A 33 5.83 -4.62 7.63
C THR A 33 6.37 -4.49 6.22
N GLY A 34 5.60 -4.95 5.24
CA GLY A 34 6.01 -4.87 3.86
C GLY A 34 4.95 -5.38 2.89
N ARG A 35 3.69 -5.37 3.35
CA ARG A 35 2.56 -5.82 2.54
C ARG A 35 2.86 -7.13 1.82
N TRP A 36 3.78 -7.91 2.38
CA TRP A 36 4.15 -9.19 1.78
C TRP A 36 2.92 -10.08 1.64
N ARG A 37 2.15 -10.17 2.71
CA ARG A 37 0.94 -10.99 2.71
C ARG A 37 -0.15 -10.36 1.85
N ASP A 38 -0.13 -9.04 1.75
CA ASP A 38 -1.12 -8.32 0.97
C ASP A 38 -0.96 -8.64 -0.51
N VAL A 39 0.21 -8.33 -1.06
CA VAL A 39 0.50 -8.60 -2.46
C VAL A 39 0.36 -10.09 -2.75
N LYS A 40 0.61 -10.91 -1.74
CA LYS A 40 0.50 -12.36 -1.87
C LYS A 40 -0.92 -12.78 -2.23
N LEU A 41 -1.88 -12.28 -1.46
CA LEU A 41 -3.29 -12.63 -1.70
C LEU A 41 -4.09 -11.42 -2.17
N CYS A 42 -3.41 -10.45 -2.75
CA CYS A 42 -4.08 -9.26 -3.25
C CYS A 42 -5.15 -9.63 -4.26
N ALA A 43 -4.77 -10.49 -5.20
CA ALA A 43 -5.67 -10.97 -6.24
C ALA A 43 -4.92 -11.84 -7.23
N PHE A 44 -3.87 -12.51 -6.75
CA PHE A 44 -3.04 -13.36 -7.60
C PHE A 44 -2.33 -12.46 -8.59
N GLU A 45 -2.26 -11.19 -8.21
CA GLU A 45 -1.64 -10.18 -9.03
C GLU A 45 -0.13 -10.12 -8.81
N ASP A 46 0.26 -9.95 -7.54
CA ASP A 46 1.66 -9.88 -7.18
C ASP A 46 2.04 -11.06 -6.31
N ALA A 47 1.24 -12.12 -6.36
CA ALA A 47 1.50 -13.32 -5.57
C ALA A 47 2.82 -13.98 -5.97
N ASP A 48 3.45 -13.45 -7.02
CA ASP A 48 4.72 -13.99 -7.49
C ASP A 48 5.89 -13.08 -7.11
N HIS A 49 5.56 -11.85 -6.76
CA HIS A 49 6.58 -10.86 -6.37
C HIS A 49 7.54 -10.59 -7.52
N ARG A 50 7.39 -9.43 -8.16
CA ARG A 50 8.25 -9.06 -9.27
C ARG A 50 9.55 -8.40 -8.80
N THR A 51 9.41 -7.32 -8.03
CA THR A 51 10.57 -6.60 -7.51
C THR A 51 10.21 -5.82 -6.25
N TYR A 52 11.21 -5.52 -5.43
CA TYR A 52 10.98 -4.78 -4.19
C TYR A 52 10.40 -3.40 -4.47
N VAL A 53 10.97 -2.69 -5.45
CA VAL A 53 10.49 -1.36 -5.80
C VAL A 53 9.20 -1.46 -6.61
N ASP A 54 9.15 -2.41 -7.54
CA ASP A 54 7.95 -2.61 -8.35
C ASP A 54 6.75 -2.86 -7.45
N LEU A 55 6.95 -3.68 -6.44
CA LEU A 55 5.90 -4.00 -5.49
C LEU A 55 5.52 -2.73 -4.72
N LYS A 56 6.54 -1.95 -4.37
CA LYS A 56 6.34 -0.70 -3.65
C LYS A 56 5.62 0.31 -4.55
N ASP A 57 5.73 0.09 -5.86
CA ASP A 57 5.08 0.96 -6.83
C ASP A 57 3.59 0.69 -6.86
N LYS A 58 3.23 -0.59 -6.74
CA LYS A 58 1.82 -0.98 -6.73
C LYS A 58 1.15 -0.44 -5.48
N TRP A 59 1.91 -0.37 -4.39
CA TRP A 59 1.40 0.15 -3.12
C TRP A 59 1.28 1.68 -3.20
N LYS A 60 2.36 2.31 -3.66
CA LYS A 60 2.39 3.76 -3.80
C LYS A 60 1.31 4.24 -4.74
N THR A 61 1.07 3.49 -5.80
CA THR A 61 0.05 3.83 -6.78
C THR A 61 -1.34 3.52 -6.23
N LEU A 62 -1.39 2.55 -5.33
CA LEU A 62 -2.65 2.16 -4.71
C LEU A 62 -3.21 3.30 -3.87
N VAL A 63 -2.33 4.02 -3.19
CA VAL A 63 -2.74 5.15 -2.37
C VAL A 63 -2.88 6.41 -3.22
N HIS A 64 -1.93 6.61 -4.13
CA HIS A 64 -1.95 7.76 -5.02
C HIS A 64 -3.26 7.83 -5.80
N THR A 65 -3.74 6.67 -6.24
CA THR A 65 -4.98 6.59 -6.99
C THR A 65 -6.20 6.62 -6.08
N ALA A 66 -5.98 6.32 -4.80
CA ALA A 66 -7.08 6.32 -3.82
C ALA A 66 -7.84 7.64 -3.85
N LYS A 67 -7.25 8.68 -3.25
CA LYS A 67 -7.90 9.98 -3.19
C LYS A 67 -6.89 11.07 -2.83
N ILE A 68 -5.60 10.78 -3.04
CA ILE A 68 -4.55 11.74 -2.75
C ILE A 68 -4.73 13.01 -3.59
N SER A 69 -5.33 12.85 -4.76
CA SER A 69 -5.56 13.97 -5.67
C SER A 69 -4.32 14.86 -5.80
N PRO A 70 -3.18 14.28 -6.25
CA PRO A 70 -1.94 15.03 -6.42
C PRO A 70 -1.93 15.88 -7.69
N GLN A 71 -2.29 15.26 -8.81
CA GLN A 71 -2.33 15.95 -10.09
C GLN A 71 -3.61 16.75 -10.25
N GLN A 72 -4.59 16.48 -9.40
CA GLN A 72 -5.87 17.17 -9.44
C GLN A 72 -5.69 18.65 -9.09
N ARG A 73 -4.59 18.96 -8.42
CA ARG A 73 -4.30 20.35 -8.03
C ARG A 73 -3.21 20.93 -8.91
N ARG A 74 -3.56 21.96 -9.68
CA ARG A 74 -2.61 22.61 -10.57
C ARG A 74 -1.71 23.57 -9.79
N GLY A 75 -0.40 23.37 -9.90
CA GLY A 75 0.55 24.23 -9.20
C GLY A 75 1.64 23.44 -8.52
N GLU A 76 2.16 22.42 -9.20
CA GLU A 76 3.22 21.59 -8.65
C GLU A 76 3.93 20.81 -9.76
N PRO A 77 5.23 20.52 -9.57
CA PRO A 77 6.02 19.78 -10.57
C PRO A 77 5.63 18.31 -10.64
N VAL A 78 6.05 17.54 -9.64
CA VAL A 78 5.74 16.12 -9.58
C VAL A 78 5.11 15.75 -8.23
N PRO A 79 4.26 14.71 -8.20
CA PRO A 79 3.61 14.26 -6.96
C PRO A 79 4.57 13.57 -6.01
N GLN A 80 5.04 14.30 -5.01
CA GLN A 80 5.97 13.76 -4.03
C GLN A 80 5.24 13.27 -2.78
N GLU A 81 4.07 13.87 -2.53
CA GLU A 81 3.26 13.51 -1.36
C GLU A 81 3.06 12.00 -1.25
N LEU A 82 2.88 11.34 -2.40
CA LEU A 82 2.66 9.91 -2.43
C LEU A 82 3.91 9.15 -1.97
N LEU A 83 5.02 9.36 -2.69
CA LEU A 83 6.27 8.69 -2.36
C LEU A 83 6.72 9.05 -0.95
N ASN A 84 6.27 10.19 -0.46
CA ASN A 84 6.63 10.64 0.88
C ASN A 84 5.95 9.78 1.94
N ARG A 85 4.64 9.62 1.81
CA ARG A 85 3.87 8.81 2.77
C ARG A 85 4.16 7.33 2.59
N VAL A 86 4.66 6.96 1.41
CA VAL A 86 4.98 5.57 1.11
C VAL A 86 6.26 5.14 1.84
N LEU A 87 7.37 5.78 1.50
CA LEU A 87 8.64 5.45 2.13
C LEU A 87 8.60 5.71 3.63
N ASN A 88 7.74 6.63 4.05
CA ASN A 88 7.59 6.96 5.46
C ASN A 88 6.89 5.83 6.20
N ALA A 89 5.74 5.42 5.68
CA ALA A 89 4.96 4.35 6.27
C ALA A 89 5.75 3.04 6.33
N HIS A 90 6.37 2.68 5.21
CA HIS A 90 7.16 1.46 5.14
C HIS A 90 8.30 1.50 6.15
N GLY A 91 9.11 2.55 6.05
CA GLY A 91 10.23 2.71 6.97
C GLY A 91 9.78 2.72 8.41
N TYR A 92 8.58 3.25 8.65
CA TYR A 92 8.02 3.31 9.99
C TYR A 92 7.80 1.91 10.55
N TRP A 93 7.27 1.01 9.73
CA TRP A 93 7.04 -0.36 10.16
C TRP A 93 8.35 -1.02 10.58
N THR A 94 9.30 -1.07 9.65
CA THR A 94 10.59 -1.69 9.91
C THR A 94 11.39 -0.98 10.99
N GLN A 95 11.26 0.34 11.07
CA GLN A 95 12.00 1.12 12.06
C GLN A 95 11.28 1.17 13.40
N GLN A 96 10.09 1.77 13.43
CA GLN A 96 9.33 1.89 14.65
C GLN A 96 9.02 0.51 15.24
N GLN A 97 9.17 -0.52 14.42
CA GLN A 97 8.92 -1.90 14.86
C GLN A 97 7.47 -2.08 15.31
N MET A 98 6.54 -1.80 14.39
CA MET A 98 5.12 -1.94 14.67
C MET A 98 4.73 -1.16 15.93
N GLN A 99 5.55 -0.16 16.28
CA GLN A 99 5.31 0.67 17.47
C GLN A 99 5.66 -0.08 18.76
N GLN A 100 5.25 -1.35 18.83
CA GLN A 100 5.53 -2.17 20.00
C GLN A 100 5.65 -3.64 19.62
N LEU A 101 6.45 -4.38 20.38
CA LEU A 101 6.65 -5.80 20.13
C LEU A 101 5.51 -6.63 20.70
N GLN A 102 4.62 -5.96 21.43
CA GLN A 102 3.48 -6.64 22.05
C GLN A 102 2.20 -5.82 21.86
N GLN A 103 1.11 -6.50 21.51
CA GLN A 103 -0.17 -5.83 21.30
C GLN A 103 -0.06 -4.76 20.22
N ASN A 104 -0.26 -5.17 18.97
CA ASN A 104 -0.18 -4.24 17.86
C ASN A 104 -1.57 -3.69 17.52
N VAL A 105 -2.07 -2.81 18.38
CA VAL A 105 -3.39 -2.21 18.18
C VAL A 105 -4.48 -3.28 18.11
N GLN A 9 -16.23 -16.64 -14.70
CA GLN A 9 -16.24 -15.19 -14.81
C GLN A 9 -17.57 -14.61 -14.33
N ARG A 10 -18.66 -15.08 -14.92
CA ARG A 10 -19.99 -14.61 -14.56
C ARG A 10 -20.32 -14.98 -13.12
N ARG A 11 -20.30 -16.28 -12.82
CA ARG A 11 -20.60 -16.77 -11.49
C ARG A 11 -19.36 -16.72 -10.60
N ILE A 12 -19.43 -15.92 -9.54
CA ILE A 12 -18.31 -15.77 -8.62
C ILE A 12 -18.81 -15.69 -7.17
N ARG A 13 -18.03 -16.25 -6.25
CA ARG A 13 -18.38 -16.25 -4.84
C ARG A 13 -17.94 -14.94 -4.17
N ARG A 14 -16.65 -14.86 -3.86
CA ARG A 14 -16.11 -13.66 -3.22
C ARG A 14 -14.73 -13.30 -3.79
N PRO A 15 -14.69 -12.52 -4.88
CA PRO A 15 -13.44 -12.10 -5.51
C PRO A 15 -12.81 -10.90 -4.83
N PHE A 16 -11.51 -11.01 -4.53
CA PHE A 16 -10.78 -9.92 -3.88
C PHE A 16 -9.88 -9.20 -4.88
N SER A 17 -10.01 -7.88 -4.94
CA SER A 17 -9.22 -7.07 -5.84
C SER A 17 -8.59 -5.88 -5.11
N VAL A 18 -7.79 -5.10 -5.83
CA VAL A 18 -7.12 -3.94 -5.24
C VAL A 18 -8.12 -3.04 -4.52
N ALA A 19 -9.38 -3.12 -4.93
CA ALA A 19 -10.44 -2.32 -4.31
C ALA A 19 -10.51 -2.60 -2.82
N GLU A 20 -10.73 -3.86 -2.46
CA GLU A 20 -10.80 -4.25 -1.06
C GLU A 20 -9.45 -4.07 -0.38
N VAL A 21 -8.39 -4.32 -1.13
CA VAL A 21 -7.03 -4.18 -0.61
C VAL A 21 -6.79 -2.77 -0.10
N GLU A 22 -7.55 -1.81 -0.63
CA GLU A 22 -7.42 -0.42 -0.22
C GLU A 22 -7.60 -0.29 1.28
N ALA A 23 -8.72 -0.80 1.78
CA ALA A 23 -9.02 -0.76 3.21
C ALA A 23 -8.04 -1.61 3.99
N LEU A 24 -7.70 -2.78 3.41
CA LEU A 24 -6.76 -3.70 4.06
C LEU A 24 -5.44 -3.00 4.38
N VAL A 25 -4.85 -2.36 3.38
CA VAL A 25 -3.59 -1.66 3.56
C VAL A 25 -3.75 -0.49 4.50
N GLN A 26 -4.97 0.08 4.52
CA GLN A 26 -5.25 1.22 5.39
C GLN A 26 -5.24 0.76 6.85
N ALA A 27 -5.44 -0.53 7.05
CA ALA A 27 -5.44 -1.11 8.38
C ALA A 27 -4.03 -1.53 8.83
N VAL A 28 -3.21 -1.95 7.87
CA VAL A 28 -1.85 -2.39 8.17
C VAL A 28 -0.84 -1.26 8.22
N GLU A 29 -1.20 -0.11 7.63
CA GLU A 29 -0.29 1.04 7.61
C GLU A 29 0.11 1.48 9.02
N LYS A 30 -0.54 0.93 10.03
CA LYS A 30 -0.25 1.28 11.42
C LYS A 30 0.63 0.23 12.10
N LEU A 31 0.32 -1.05 11.87
CA LEU A 31 1.08 -2.14 12.49
C LEU A 31 1.60 -3.11 11.44
N GLY A 32 1.91 -2.58 10.25
CA GLY A 32 2.41 -3.43 9.17
C GLY A 32 3.89 -3.72 9.31
N THR A 33 4.49 -4.22 8.22
CA THR A 33 5.91 -4.54 8.22
C THR A 33 6.50 -4.37 6.82
N GLY A 34 5.79 -4.86 5.81
CA GLY A 34 6.26 -4.76 4.45
C GLY A 34 5.17 -4.97 3.43
N ARG A 35 3.91 -4.88 3.87
CA ARG A 35 2.75 -5.07 3.00
C ARG A 35 2.88 -6.33 2.14
N TRP A 36 3.79 -7.22 2.55
CA TRP A 36 4.03 -8.46 1.81
C TRP A 36 2.76 -9.29 1.70
N ARG A 37 2.06 -9.45 2.82
CA ARG A 37 0.83 -10.24 2.83
C ARG A 37 -0.23 -9.61 1.93
N ASP A 38 -0.24 -8.28 1.87
CA ASP A 38 -1.21 -7.57 1.05
C ASP A 38 -1.00 -7.84 -0.43
N VAL A 39 0.18 -7.47 -0.91
CA VAL A 39 0.52 -7.67 -2.32
C VAL A 39 0.44 -9.14 -2.70
N LYS A 40 0.62 -10.02 -1.70
CA LYS A 40 0.56 -11.46 -1.94
C LYS A 40 -0.86 -11.89 -2.30
N LEU A 41 -1.84 -11.38 -1.55
CA LEU A 41 -3.23 -11.71 -1.79
C LEU A 41 -4.02 -10.50 -2.29
N CYS A 42 -3.30 -9.55 -2.90
CA CYS A 42 -3.93 -8.35 -3.42
C CYS A 42 -5.06 -8.71 -4.40
N ALA A 43 -4.76 -9.65 -5.28
CA ALA A 43 -5.73 -10.10 -6.28
C ALA A 43 -5.13 -11.22 -7.14
N PHE A 44 -4.16 -11.94 -6.59
CA PHE A 44 -3.50 -13.01 -7.31
C PHE A 44 -2.73 -12.41 -8.47
N GLU A 45 -2.56 -11.09 -8.40
CA GLU A 45 -1.86 -10.36 -9.43
C GLU A 45 -0.36 -10.37 -9.18
N ASP A 46 0.04 -10.14 -7.93
CA ASP A 46 1.46 -10.13 -7.57
C ASP A 46 1.75 -11.19 -6.53
N ALA A 47 0.94 -12.24 -6.51
CA ALA A 47 1.12 -13.34 -5.57
C ALA A 47 2.42 -14.09 -5.83
N ASP A 48 3.17 -13.65 -6.83
CA ASP A 48 4.44 -14.30 -7.18
C ASP A 48 5.62 -13.36 -6.93
N HIS A 49 5.30 -12.10 -6.63
CA HIS A 49 6.33 -11.09 -6.36
C HIS A 49 7.19 -10.84 -7.60
N ARG A 50 7.09 -9.64 -8.15
CA ARG A 50 7.86 -9.28 -9.33
C ARG A 50 9.20 -8.65 -8.94
N THR A 51 9.15 -7.56 -8.18
CA THR A 51 10.36 -6.86 -7.75
C THR A 51 10.09 -6.05 -6.49
N TYR A 52 11.15 -5.72 -5.75
CA TYR A 52 11.00 -4.95 -4.52
C TYR A 52 10.44 -3.55 -4.80
N VAL A 53 10.97 -2.86 -5.79
CA VAL A 53 10.48 -1.53 -6.14
C VAL A 53 9.17 -1.63 -6.91
N ASP A 54 9.08 -2.59 -7.83
CA ASP A 54 7.86 -2.78 -8.61
C ASP A 54 6.68 -3.00 -7.68
N LEU A 55 6.89 -3.85 -6.68
CA LEU A 55 5.86 -4.13 -5.69
C LEU A 55 5.56 -2.87 -4.91
N LYS A 56 6.61 -2.09 -4.67
CA LYS A 56 6.47 -0.83 -3.95
C LYS A 56 5.70 0.18 -4.79
N ASP A 57 5.75 0.00 -6.11
CA ASP A 57 5.06 0.88 -7.03
C ASP A 57 3.56 0.60 -7.00
N LYS A 58 3.21 -0.69 -6.90
CA LYS A 58 1.82 -1.09 -6.85
C LYS A 58 1.16 -0.59 -5.57
N TRP A 59 1.95 -0.54 -4.50
CA TRP A 59 1.47 -0.08 -3.20
C TRP A 59 1.35 1.45 -3.22
N LYS A 60 2.42 2.11 -3.65
CA LYS A 60 2.44 3.57 -3.73
C LYS A 60 1.30 4.08 -4.62
N THR A 61 1.06 3.39 -5.71
CA THR A 61 0.00 3.77 -6.64
C THR A 61 -1.38 3.48 -6.06
N LEU A 62 -1.46 2.45 -5.24
CA LEU A 62 -2.73 2.06 -4.63
C LEU A 62 -3.21 3.13 -3.64
N VAL A 63 -2.25 3.82 -3.01
CA VAL A 63 -2.59 4.87 -2.05
C VAL A 63 -2.73 6.22 -2.74
N HIS A 64 -1.84 6.51 -3.69
CA HIS A 64 -1.89 7.76 -4.43
C HIS A 64 -3.19 7.85 -5.23
N THR A 65 -3.66 6.70 -5.70
CA THR A 65 -4.90 6.63 -6.48
C THR A 65 -6.14 6.70 -5.58
N ALA A 66 -5.94 6.43 -4.29
CA ALA A 66 -7.04 6.45 -3.34
C ALA A 66 -7.80 7.76 -3.40
N LYS A 67 -7.22 8.82 -2.84
CA LYS A 67 -7.86 10.13 -2.85
C LYS A 67 -6.84 11.24 -2.59
N ILE A 68 -5.57 10.94 -2.79
CA ILE A 68 -4.51 11.92 -2.60
C ILE A 68 -4.69 13.10 -3.54
N SER A 69 -5.32 12.84 -4.68
CA SER A 69 -5.57 13.88 -5.68
C SER A 69 -4.30 14.70 -5.95
N PRO A 70 -3.28 14.09 -6.57
CA PRO A 70 -2.02 14.77 -6.89
C PRO A 70 -2.15 15.73 -8.07
N GLN A 71 -3.08 15.42 -8.97
CA GLN A 71 -3.31 16.26 -10.14
C GLN A 71 -4.56 17.12 -9.97
N GLN A 72 -5.50 16.62 -9.17
CA GLN A 72 -6.75 17.34 -8.93
C GLN A 72 -6.59 18.37 -7.79
N ARG A 73 -5.35 18.73 -7.51
CA ARG A 73 -5.08 19.70 -6.45
C ARG A 73 -4.06 20.75 -6.91
N ARG A 74 -4.58 21.91 -7.30
CA ARG A 74 -3.72 23.02 -7.77
C ARG A 74 -2.91 22.61 -8.98
N GLY A 75 -3.20 21.44 -9.53
CA GLY A 75 -2.47 20.95 -10.70
C GLY A 75 -0.97 20.97 -10.51
N GLU A 76 -0.49 20.19 -9.54
CA GLU A 76 0.94 20.11 -9.25
C GLU A 76 1.68 19.34 -10.34
N PRO A 77 2.96 19.65 -10.57
CA PRO A 77 3.76 18.95 -11.58
C PRO A 77 4.12 17.52 -11.17
N VAL A 78 5.21 17.37 -10.44
CA VAL A 78 5.66 16.06 -9.99
C VAL A 78 5.11 15.76 -8.58
N PRO A 79 4.25 14.73 -8.45
CA PRO A 79 3.67 14.35 -7.16
C PRO A 79 4.65 13.60 -6.28
N GLN A 80 5.18 14.29 -5.26
CA GLN A 80 6.13 13.69 -4.34
C GLN A 80 5.43 13.20 -3.09
N GLU A 81 4.42 13.95 -2.67
CA GLU A 81 3.63 13.64 -1.49
C GLU A 81 3.30 12.15 -1.38
N LEU A 82 3.04 11.51 -2.50
CA LEU A 82 2.71 10.10 -2.52
C LEU A 82 3.92 9.26 -2.12
N LEU A 83 4.99 9.37 -2.90
CA LEU A 83 6.21 8.60 -2.62
C LEU A 83 6.76 8.92 -1.24
N ASN A 84 6.42 10.11 -0.74
CA ASN A 84 6.88 10.56 0.58
C ASN A 84 6.19 9.77 1.69
N ARG A 85 4.86 9.70 1.61
CA ARG A 85 4.08 8.99 2.61
C ARG A 85 4.27 7.48 2.47
N VAL A 86 4.73 7.05 1.30
CA VAL A 86 4.95 5.63 1.05
C VAL A 86 6.23 5.15 1.73
N LEU A 87 7.36 5.73 1.34
CA LEU A 87 8.65 5.35 1.93
C LEU A 87 8.65 5.63 3.43
N ASN A 88 7.83 6.58 3.86
CA ASN A 88 7.72 6.93 5.27
C ASN A 88 7.01 5.82 6.04
N ALA A 89 5.87 5.39 5.51
CA ALA A 89 5.08 4.33 6.13
C ALA A 89 5.90 3.05 6.25
N HIS A 90 6.62 2.71 5.18
CA HIS A 90 7.43 1.51 5.17
C HIS A 90 8.52 1.60 6.24
N GLY A 91 9.31 2.67 6.16
CA GLY A 91 10.37 2.87 7.14
C GLY A 91 9.83 2.91 8.55
N TYR A 92 8.58 3.33 8.68
CA TYR A 92 7.92 3.41 9.99
C TYR A 92 7.75 2.02 10.58
N TRP A 93 7.20 1.09 9.80
CA TRP A 93 7.00 -0.28 10.28
C TRP A 93 8.33 -0.87 10.72
N THR A 94 9.29 -0.87 9.82
CA THR A 94 10.62 -1.42 10.10
C THR A 94 11.22 -0.74 11.33
N GLN A 95 11.04 0.58 11.42
CA GLN A 95 11.57 1.35 12.54
C GLN A 95 10.62 1.26 13.73
N GLN A 96 9.44 0.70 13.50
CA GLN A 96 8.45 0.57 14.56
C GLN A 96 8.80 -0.63 15.44
N GLN A 97 9.47 -1.62 14.83
CA GLN A 97 9.88 -2.83 15.54
C GLN A 97 8.65 -3.64 15.96
N MET A 98 7.57 -3.51 15.19
CA MET A 98 6.34 -4.23 15.48
C MET A 98 5.85 -3.91 16.89
N GLN A 99 5.51 -2.64 17.11
CA GLN A 99 5.02 -2.19 18.41
C GLN A 99 5.96 -2.63 19.53
N GLN A 100 7.07 -1.91 19.68
CA GLN A 100 8.05 -2.22 20.72
C GLN A 100 8.45 -0.96 21.49
N LEU A 101 8.51 0.17 20.78
CA LEU A 101 8.88 1.43 21.39
C LEU A 101 7.66 2.34 21.54
N GLN A 102 6.75 2.26 20.58
CA GLN A 102 5.54 3.07 20.61
C GLN A 102 4.32 2.25 20.22
N GLN A 103 3.19 2.52 20.86
CA GLN A 103 1.95 1.81 20.58
C GLN A 103 0.77 2.76 20.53
N ASN A 104 1.03 4.03 20.79
CA ASN A 104 -0.02 5.05 20.78
C ASN A 104 -0.11 5.71 19.40
N VAL A 105 -0.76 5.03 18.47
CA VAL A 105 -0.91 5.55 17.11
C VAL A 105 -2.05 6.57 17.03
N GLN A 9 -4.65 -15.35 -19.08
CA GLN A 9 -3.35 -14.71 -18.99
C GLN A 9 -3.38 -13.57 -17.96
N ARG A 10 -4.50 -12.89 -17.87
CA ARG A 10 -4.66 -11.79 -16.92
C ARG A 10 -6.08 -11.73 -16.36
N ARG A 11 -6.73 -12.89 -16.30
CA ARG A 11 -8.09 -12.98 -15.80
C ARG A 11 -8.18 -12.41 -14.39
N ILE A 12 -9.14 -11.51 -14.17
CA ILE A 12 -9.34 -10.89 -12.87
C ILE A 12 -10.02 -11.85 -11.91
N ARG A 13 -9.64 -11.75 -10.64
CA ARG A 13 -10.21 -12.61 -9.60
C ARG A 13 -11.64 -12.17 -9.27
N ARG A 14 -12.12 -12.58 -8.10
CA ARG A 14 -13.47 -12.22 -7.67
C ARG A 14 -13.54 -12.01 -6.15
N PRO A 15 -13.07 -12.99 -5.33
CA PRO A 15 -13.11 -12.87 -3.87
C PRO A 15 -12.51 -11.55 -3.38
N PHE A 16 -11.24 -11.33 -3.69
CA PHE A 16 -10.55 -10.11 -3.28
C PHE A 16 -9.77 -9.49 -4.44
N SER A 17 -9.69 -8.16 -4.44
CA SER A 17 -8.97 -7.45 -5.48
C SER A 17 -8.27 -6.22 -4.89
N VAL A 18 -7.48 -5.54 -5.72
CA VAL A 18 -6.75 -4.35 -5.28
C VAL A 18 -7.69 -3.35 -4.62
N ALA A 19 -8.96 -3.35 -5.04
CA ALA A 19 -9.96 -2.44 -4.49
C ALA A 19 -10.10 -2.66 -2.99
N GLU A 20 -10.30 -3.91 -2.58
CA GLU A 20 -10.44 -4.24 -1.17
C GLU A 20 -9.13 -4.03 -0.43
N VAL A 21 -8.03 -4.32 -1.12
CA VAL A 21 -6.70 -4.15 -0.53
C VAL A 21 -6.51 -2.71 -0.04
N GLU A 22 -7.15 -1.77 -0.73
CA GLU A 22 -7.06 -0.36 -0.36
C GLU A 22 -7.37 -0.17 1.13
N ALA A 23 -8.54 -0.65 1.54
CA ALA A 23 -8.94 -0.56 2.93
C ALA A 23 -7.96 -1.32 3.82
N LEU A 24 -7.58 -2.50 3.36
CA LEU A 24 -6.63 -3.33 4.10
C LEU A 24 -5.31 -2.60 4.28
N VAL A 25 -5.04 -1.67 3.38
CA VAL A 25 -3.82 -0.87 3.44
C VAL A 25 -3.93 0.21 4.50
N GLN A 26 -5.12 0.81 4.60
CA GLN A 26 -5.35 1.86 5.58
C GLN A 26 -5.31 1.28 6.99
N ALA A 27 -5.51 -0.03 7.09
CA ALA A 27 -5.49 -0.72 8.37
C ALA A 27 -4.08 -1.18 8.76
N VAL A 28 -3.31 -1.62 7.77
CA VAL A 28 -1.95 -2.10 8.03
C VAL A 28 -0.91 -0.98 8.04
N GLU A 29 -1.26 0.17 7.48
CA GLU A 29 -0.33 1.30 7.43
C GLU A 29 0.16 1.71 8.83
N LYS A 30 -0.48 1.16 9.86
CA LYS A 30 -0.10 1.48 11.24
C LYS A 30 0.64 0.32 11.91
N LEU A 31 0.10 -0.89 11.78
CA LEU A 31 0.71 -2.06 12.39
C LEU A 31 1.24 -3.04 11.33
N GLY A 32 1.70 -2.49 10.21
CA GLY A 32 2.22 -3.32 9.15
C GLY A 32 3.69 -3.64 9.31
N THR A 33 4.28 -4.26 8.29
CA THR A 33 5.69 -4.62 8.32
C THR A 33 6.31 -4.47 6.93
N GLY A 34 5.58 -4.91 5.91
CA GLY A 34 6.07 -4.82 4.55
C GLY A 34 5.04 -5.29 3.54
N ARG A 35 3.77 -5.21 3.92
CA ARG A 35 2.66 -5.63 3.05
C ARG A 35 2.94 -6.96 2.38
N TRP A 36 3.76 -7.79 3.02
CA TRP A 36 4.10 -9.10 2.48
C TRP A 36 2.83 -9.91 2.21
N ARG A 37 1.92 -9.91 3.18
CA ARG A 37 0.68 -10.65 3.07
C ARG A 37 -0.26 -9.99 2.07
N ASP A 38 -0.20 -8.66 2.01
CA ASP A 38 -1.04 -7.89 1.10
C ASP A 38 -0.68 -8.19 -0.35
N VAL A 39 0.58 -7.99 -0.69
CA VAL A 39 1.07 -8.24 -2.04
C VAL A 39 0.85 -9.69 -2.44
N LYS A 40 0.91 -10.58 -1.45
CA LYS A 40 0.73 -12.01 -1.70
C LYS A 40 -0.69 -12.31 -2.17
N LEU A 41 -1.68 -11.72 -1.49
CA LEU A 41 -3.08 -11.94 -1.83
C LEU A 41 -3.72 -10.66 -2.38
N CYS A 42 -2.90 -9.78 -2.94
CA CYS A 42 -3.41 -8.53 -3.48
C CYS A 42 -4.49 -8.80 -4.54
N ALA A 43 -4.20 -9.77 -5.41
CA ALA A 43 -5.12 -10.14 -6.48
C ALA A 43 -4.56 -11.27 -7.33
N PHE A 44 -3.66 -12.07 -6.73
CA PHE A 44 -3.03 -13.16 -7.45
C PHE A 44 -2.13 -12.59 -8.52
N GLU A 45 -1.88 -11.28 -8.38
CA GLU A 45 -1.04 -10.57 -9.32
C GLU A 45 0.43 -10.70 -8.96
N ASP A 46 0.76 -10.41 -7.70
CA ASP A 46 2.13 -10.51 -7.22
C ASP A 46 2.25 -11.57 -6.13
N ALA A 47 1.39 -12.58 -6.21
CA ALA A 47 1.40 -13.67 -5.24
C ALA A 47 2.71 -14.47 -5.30
N ASP A 48 3.59 -14.10 -6.23
CA ASP A 48 4.87 -14.79 -6.38
C ASP A 48 6.04 -13.85 -6.12
N HIS A 49 5.73 -12.63 -5.70
CA HIS A 49 6.75 -11.62 -5.41
C HIS A 49 7.54 -11.26 -6.66
N ARG A 50 7.46 -10.00 -7.06
CA ARG A 50 8.17 -9.52 -8.25
C ARG A 50 9.44 -8.76 -7.86
N THR A 51 9.26 -7.59 -7.26
CA THR A 51 10.40 -6.76 -6.85
C THR A 51 10.00 -5.83 -5.71
N TYR A 52 10.99 -5.34 -4.97
CA TYR A 52 10.73 -4.44 -3.84
C TYR A 52 10.13 -3.12 -4.32
N VAL A 53 10.71 -2.52 -5.36
CA VAL A 53 10.21 -1.26 -5.89
C VAL A 53 8.92 -1.49 -6.67
N ASP A 54 8.86 -2.60 -7.41
CA ASP A 54 7.66 -2.93 -8.18
C ASP A 54 6.48 -3.13 -7.24
N LEU A 55 6.74 -3.82 -6.13
CA LEU A 55 5.71 -4.07 -5.13
C LEU A 55 5.23 -2.74 -4.58
N LYS A 56 6.17 -1.82 -4.39
CA LYS A 56 5.85 -0.49 -3.89
C LYS A 56 5.28 0.38 -5.00
N ASP A 57 5.46 -0.07 -6.24
CA ASP A 57 4.93 0.65 -7.37
C ASP A 57 3.42 0.54 -7.37
N LYS A 58 2.95 -0.67 -7.10
CA LYS A 58 1.51 -0.94 -7.03
C LYS A 58 0.93 -0.45 -5.71
N TRP A 59 1.77 -0.44 -4.66
CA TRP A 59 1.33 0.02 -3.35
C TRP A 59 1.19 1.54 -3.36
N LYS A 60 2.25 2.21 -3.77
CA LYS A 60 2.26 3.67 -3.85
C LYS A 60 1.16 4.17 -4.77
N THR A 61 0.95 3.46 -5.87
CA THR A 61 -0.08 3.83 -6.85
C THR A 61 -1.47 3.53 -6.28
N LEU A 62 -1.53 2.52 -5.44
CA LEU A 62 -2.79 2.12 -4.81
C LEU A 62 -3.31 3.23 -3.89
N VAL A 63 -2.39 3.92 -3.22
CA VAL A 63 -2.76 5.00 -2.31
C VAL A 63 -2.86 6.33 -3.06
N HIS A 64 -1.95 6.53 -4.02
CA HIS A 64 -1.91 7.75 -4.81
C HIS A 64 -3.19 7.91 -5.63
N THR A 65 -3.71 6.79 -6.11
CA THR A 65 -4.92 6.79 -6.93
C THR A 65 -6.17 6.77 -6.05
N ALA A 66 -6.00 6.41 -4.78
CA ALA A 66 -7.11 6.35 -3.85
C ALA A 66 -7.90 7.65 -3.84
N LYS A 67 -7.45 8.62 -3.05
CA LYS A 67 -8.13 9.90 -2.94
C LYS A 67 -7.14 11.04 -2.66
N ILE A 68 -5.87 10.79 -2.97
CA ILE A 68 -4.84 11.81 -2.75
C ILE A 68 -5.17 13.08 -3.52
N SER A 69 -5.87 12.93 -4.63
CA SER A 69 -6.26 14.07 -5.47
C SER A 69 -5.07 15.00 -5.73
N PRO A 70 -4.17 14.61 -6.66
CA PRO A 70 -2.99 15.41 -7.01
C PRO A 70 -3.36 16.66 -7.80
N GLN A 71 -4.59 16.71 -8.28
CA GLN A 71 -5.06 17.85 -9.07
C GLN A 71 -5.60 18.95 -8.17
N GLN A 72 -6.30 18.56 -7.11
CA GLN A 72 -6.87 19.52 -6.17
C GLN A 72 -5.77 20.34 -5.51
N ARG A 73 -4.73 19.67 -5.04
CA ARG A 73 -3.61 20.32 -4.38
C ARG A 73 -4.07 21.13 -3.18
N ARG A 74 -4.03 20.51 -2.00
CA ARG A 74 -4.44 21.17 -0.77
C ARG A 74 -3.23 21.73 -0.04
N GLY A 75 -2.09 21.75 -0.72
CA GLY A 75 -0.88 22.29 -0.13
C GLY A 75 0.37 21.81 -0.86
N GLU A 76 1.47 22.52 -0.65
CA GLU A 76 2.74 22.18 -1.29
C GLU A 76 2.66 22.35 -2.81
N PRO A 77 3.81 22.60 -3.48
CA PRO A 77 3.85 22.79 -4.93
C PRO A 77 3.62 21.49 -5.70
N VAL A 78 4.65 20.64 -5.75
CA VAL A 78 4.57 19.38 -6.47
C VAL A 78 4.02 18.26 -5.57
N PRO A 79 3.35 17.25 -6.15
CA PRO A 79 2.79 16.14 -5.39
C PRO A 79 3.85 15.14 -4.94
N GLN A 80 4.51 15.46 -3.84
CA GLN A 80 5.54 14.58 -3.28
C GLN A 80 4.97 13.71 -2.18
N GLU A 81 3.93 14.24 -1.54
CA GLU A 81 3.24 13.57 -0.44
C GLU A 81 3.04 12.07 -0.70
N LEU A 82 2.70 11.69 -1.92
CA LEU A 82 2.48 10.28 -2.24
C LEU A 82 3.71 9.44 -1.94
N LEU A 83 4.83 9.74 -2.60
CA LEU A 83 6.06 8.99 -2.39
C LEU A 83 6.61 9.21 -0.98
N ASN A 84 6.25 10.34 -0.39
CA ASN A 84 6.70 10.68 0.95
C ASN A 84 6.07 9.76 2.00
N ARG A 85 4.75 9.59 1.92
CA ARG A 85 4.04 8.74 2.87
C ARG A 85 4.30 7.27 2.60
N VAL A 86 4.68 6.94 1.38
CA VAL A 86 4.96 5.56 1.00
C VAL A 86 6.28 5.08 1.61
N LEU A 87 7.37 5.77 1.29
CA LEU A 87 8.67 5.41 1.81
C LEU A 87 8.73 5.57 3.32
N ASN A 88 7.94 6.51 3.83
CA ASN A 88 7.89 6.76 5.27
C ASN A 88 7.17 5.64 6.00
N ALA A 89 5.98 5.30 5.51
CA ALA A 89 5.18 4.23 6.09
C ALA A 89 5.95 2.92 6.15
N HIS A 90 6.63 2.60 5.05
CA HIS A 90 7.41 1.37 4.98
C HIS A 90 8.53 1.39 6.02
N GLY A 91 9.35 2.42 5.95
CA GLY A 91 10.44 2.57 6.90
C GLY A 91 9.94 2.65 8.32
N TYR A 92 8.70 3.10 8.48
CA TYR A 92 8.09 3.23 9.79
C TYR A 92 7.87 1.86 10.42
N TRP A 93 7.25 0.95 9.68
CA TRP A 93 7.01 -0.40 10.18
C TRP A 93 8.33 -1.04 10.59
N THR A 94 9.25 -1.10 9.64
CA THR A 94 10.57 -1.70 9.89
C THR A 94 11.25 -1.04 11.08
N GLN A 95 11.10 0.27 11.19
CA GLN A 95 11.69 1.02 12.29
C GLN A 95 10.76 1.02 13.50
N GLN A 96 9.55 0.50 13.30
CA GLN A 96 8.57 0.44 14.37
C GLN A 96 8.86 -0.76 15.28
N GLN A 97 9.46 -1.79 14.69
CA GLN A 97 9.81 -3.00 15.44
C GLN A 97 8.54 -3.67 15.99
N MET A 98 7.52 -3.72 15.15
CA MET A 98 6.24 -4.32 15.53
C MET A 98 5.60 -3.58 16.71
N GLN A 99 5.03 -2.42 16.42
CA GLN A 99 4.36 -1.61 17.44
C GLN A 99 5.31 -1.22 18.58
N GLN A 100 6.61 -1.48 18.38
CA GLN A 100 7.62 -1.16 19.39
C GLN A 100 7.13 -1.45 20.82
N LEU A 101 7.72 -0.76 21.79
CA LEU A 101 7.33 -0.95 23.19
C LEU A 101 6.42 0.16 23.67
N GLN A 102 5.82 0.87 22.72
CA GLN A 102 4.91 1.97 23.04
C GLN A 102 3.84 2.12 21.96
N GLN A 103 2.84 2.97 22.22
CA GLN A 103 1.75 3.19 21.28
C GLN A 103 0.97 1.92 21.04
N ASN A 104 -0.07 1.72 21.84
CA ASN A 104 -0.92 0.53 21.70
C ASN A 104 -2.17 0.86 20.90
N VAL A 105 -1.99 1.03 19.60
CA VAL A 105 -3.11 1.34 18.70
C VAL A 105 -4.24 0.34 18.87
N GLN A 9 -17.06 -10.25 -17.77
CA GLN A 9 -16.14 -9.18 -18.19
C GLN A 9 -15.82 -8.25 -17.02
N ARG A 10 -16.84 -7.89 -16.25
CA ARG A 10 -16.66 -7.01 -15.11
C ARG A 10 -16.53 -7.81 -13.81
N ARG A 11 -17.20 -8.96 -13.77
CA ARG A 11 -17.17 -9.82 -12.59
C ARG A 11 -15.88 -10.65 -12.57
N ILE A 12 -15.21 -10.66 -11.43
CA ILE A 12 -13.97 -11.41 -11.28
C ILE A 12 -14.23 -12.76 -10.60
N ARG A 13 -13.17 -13.56 -10.47
CA ARG A 13 -13.28 -14.87 -9.85
C ARG A 13 -12.40 -14.96 -8.61
N ARG A 14 -11.71 -13.87 -8.30
CA ARG A 14 -10.83 -13.81 -7.14
C ARG A 14 -11.60 -13.39 -5.88
N PRO A 15 -11.17 -13.84 -4.70
CA PRO A 15 -11.83 -13.49 -3.44
C PRO A 15 -11.61 -12.04 -3.05
N PHE A 16 -10.40 -11.54 -3.31
CA PHE A 16 -10.05 -10.16 -2.99
C PHE A 16 -9.35 -9.48 -4.17
N SER A 17 -9.31 -8.15 -4.14
CA SER A 17 -8.68 -7.38 -5.19
C SER A 17 -8.17 -6.06 -4.64
N VAL A 18 -7.50 -5.28 -5.50
CA VAL A 18 -6.97 -3.98 -5.09
C VAL A 18 -8.05 -3.12 -4.45
N ALA A 19 -9.28 -3.25 -4.95
CA ALA A 19 -10.41 -2.50 -4.43
C ALA A 19 -10.58 -2.76 -2.95
N GLU A 20 -10.35 -4.00 -2.55
CA GLU A 20 -10.46 -4.40 -1.15
C GLU A 20 -9.15 -4.12 -0.42
N VAL A 21 -8.07 -4.12 -1.18
CA VAL A 21 -6.74 -3.87 -0.63
C VAL A 21 -6.70 -2.51 0.07
N GLU A 22 -7.42 -1.53 -0.47
CA GLU A 22 -7.45 -0.20 0.11
C GLU A 22 -7.73 -0.30 1.60
N ALA A 23 -8.77 -1.05 1.95
CA ALA A 23 -9.13 -1.26 3.36
C ALA A 23 -7.99 -1.98 4.08
N LEU A 24 -7.42 -2.97 3.41
CA LEU A 24 -6.32 -3.73 3.97
C LEU A 24 -5.15 -2.81 4.29
N VAL A 25 -5.05 -1.72 3.53
CA VAL A 25 -3.99 -0.73 3.74
C VAL A 25 -4.25 0.06 5.01
N GLN A 26 -5.52 0.43 5.21
CA GLN A 26 -5.90 1.20 6.39
C GLN A 26 -5.73 0.35 7.65
N ALA A 27 -5.69 -0.96 7.47
CA ALA A 27 -5.52 -1.89 8.58
C ALA A 27 -4.06 -2.15 8.89
N VAL A 28 -3.23 -2.26 7.85
CA VAL A 28 -1.81 -2.54 8.01
C VAL A 28 -0.98 -1.27 8.25
N GLU A 29 -1.54 -0.11 7.93
CA GLU A 29 -0.82 1.15 8.11
C GLU A 29 -0.32 1.32 9.54
N LYS A 30 -0.86 0.52 10.47
CA LYS A 30 -0.45 0.60 11.87
C LYS A 30 0.45 -0.56 12.26
N LEU A 31 0.04 -1.78 11.92
CA LEU A 31 0.80 -2.98 12.25
C LEU A 31 1.54 -3.53 11.03
N GLY A 32 1.88 -2.65 10.10
CA GLY A 32 2.57 -3.06 8.90
C GLY A 32 3.96 -3.59 9.18
N THR A 33 4.61 -4.12 8.15
CA THR A 33 5.96 -4.66 8.28
C THR A 33 6.71 -4.62 6.96
N GLY A 34 5.97 -4.84 5.86
CA GLY A 34 6.58 -4.82 4.55
C GLY A 34 5.62 -5.23 3.45
N ARG A 35 4.33 -4.92 3.67
CA ARG A 35 3.27 -5.23 2.71
C ARG A 35 3.40 -6.66 2.18
N TRP A 36 4.02 -7.53 2.97
CA TRP A 36 4.20 -8.92 2.57
C TRP A 36 2.84 -9.58 2.34
N ARG A 37 1.95 -9.40 3.30
CA ARG A 37 0.61 -9.96 3.21
C ARG A 37 -0.15 -9.35 2.03
N ASP A 38 0.16 -8.09 1.75
CA ASP A 38 -0.48 -7.36 0.67
C ASP A 38 -0.11 -7.98 -0.68
N VAL A 39 1.16 -7.93 -1.02
CA VAL A 39 1.65 -8.49 -2.28
C VAL A 39 1.21 -9.94 -2.45
N LYS A 40 0.98 -10.63 -1.34
CA LYS A 40 0.55 -12.01 -1.37
C LYS A 40 -0.89 -12.14 -1.89
N LEU A 41 -1.81 -11.43 -1.26
CA LEU A 41 -3.22 -11.50 -1.65
C LEU A 41 -3.72 -10.17 -2.22
N CYS A 42 -2.82 -9.39 -2.78
CA CYS A 42 -3.19 -8.10 -3.37
C CYS A 42 -4.36 -8.28 -4.31
N ALA A 43 -4.25 -9.30 -5.15
CA ALA A 43 -5.29 -9.63 -6.12
C ALA A 43 -4.86 -10.80 -7.01
N PHE A 44 -3.98 -11.65 -6.48
CA PHE A 44 -3.47 -12.79 -7.23
C PHE A 44 -2.62 -12.26 -8.36
N GLU A 45 -2.35 -10.96 -8.29
CA GLU A 45 -1.57 -10.27 -9.30
C GLU A 45 -0.08 -10.38 -9.01
N ASP A 46 0.30 -10.09 -7.77
CA ASP A 46 1.71 -10.15 -7.37
C ASP A 46 1.95 -11.32 -6.42
N ALA A 47 1.10 -12.34 -6.50
CA ALA A 47 1.24 -13.51 -5.66
C ALA A 47 2.50 -14.29 -5.99
N ASP A 48 3.18 -13.88 -7.05
CA ASP A 48 4.41 -14.54 -7.48
C ASP A 48 5.62 -13.67 -7.18
N HIS A 49 5.37 -12.43 -6.77
CA HIS A 49 6.42 -11.48 -6.44
C HIS A 49 7.26 -11.14 -7.67
N ARG A 50 7.13 -9.90 -8.14
CA ARG A 50 7.87 -9.46 -9.31
C ARG A 50 9.17 -8.77 -8.91
N THR A 51 9.06 -7.63 -8.25
CA THR A 51 10.23 -6.87 -7.81
C THR A 51 9.89 -6.01 -6.58
N TYR A 52 10.91 -5.71 -5.78
CA TYR A 52 10.72 -4.91 -4.58
C TYR A 52 10.17 -3.52 -4.90
N VAL A 53 10.74 -2.85 -5.89
CA VAL A 53 10.28 -1.52 -6.28
C VAL A 53 9.00 -1.59 -7.09
N ASP A 54 8.95 -2.53 -8.04
CA ASP A 54 7.76 -2.70 -8.88
C ASP A 54 6.53 -2.91 -7.99
N LEU A 55 6.64 -3.84 -7.05
CA LEU A 55 5.54 -4.12 -6.13
C LEU A 55 5.25 -2.87 -5.30
N LYS A 56 6.31 -2.16 -4.94
CA LYS A 56 6.19 -0.93 -4.17
C LYS A 56 5.47 0.13 -4.99
N ASP A 57 5.58 0.01 -6.31
CA ASP A 57 4.94 0.96 -7.21
C ASP A 57 3.43 0.74 -7.24
N LYS A 58 3.03 -0.53 -7.20
CA LYS A 58 1.61 -0.88 -7.19
C LYS A 58 0.96 -0.41 -5.89
N TRP A 59 1.74 -0.44 -4.81
CA TRP A 59 1.26 0.00 -3.51
C TRP A 59 1.20 1.52 -3.44
N LYS A 60 2.26 2.15 -3.92
CA LYS A 60 2.36 3.61 -3.93
C LYS A 60 1.28 4.23 -4.82
N THR A 61 0.93 3.54 -5.90
CA THR A 61 -0.09 4.03 -6.81
C THR A 61 -1.48 3.75 -6.26
N LEU A 62 -1.57 2.70 -5.47
CA LEU A 62 -2.83 2.31 -4.84
C LEU A 62 -3.22 3.32 -3.76
N VAL A 63 -2.22 3.95 -3.16
CA VAL A 63 -2.47 4.93 -2.10
C VAL A 63 -2.64 6.35 -2.66
N HIS A 64 -1.89 6.69 -3.71
CA HIS A 64 -1.99 8.03 -4.29
C HIS A 64 -3.26 8.16 -5.13
N THR A 65 -3.67 7.07 -5.75
CA THR A 65 -4.87 7.06 -6.56
C THR A 65 -6.12 6.97 -5.69
N ALA A 66 -5.92 6.57 -4.43
CA ALA A 66 -7.01 6.44 -3.48
C ALA A 66 -7.81 7.73 -3.39
N LYS A 67 -7.23 8.75 -2.76
CA LYS A 67 -7.91 10.03 -2.61
C LYS A 67 -6.93 11.14 -2.23
N ILE A 68 -5.64 10.92 -2.48
CA ILE A 68 -4.62 11.90 -2.17
C ILE A 68 -4.67 13.06 -3.15
N SER A 69 -5.27 12.81 -4.32
CA SER A 69 -5.40 13.82 -5.36
C SER A 69 -4.05 14.46 -5.69
N PRO A 70 -3.18 13.74 -6.41
CA PRO A 70 -1.85 14.24 -6.78
C PRO A 70 -1.93 15.30 -7.88
N GLN A 71 -2.41 14.91 -9.06
CA GLN A 71 -2.52 15.82 -10.19
C GLN A 71 -3.97 16.23 -10.42
N GLN A 72 -4.89 15.53 -9.78
CA GLN A 72 -6.32 15.83 -9.92
C GLN A 72 -6.63 17.26 -9.51
N ARG A 73 -6.09 17.67 -8.36
CA ARG A 73 -6.32 19.02 -7.86
C ARG A 73 -5.30 19.37 -6.79
N ARG A 74 -4.31 20.18 -7.16
CA ARG A 74 -3.26 20.59 -6.23
C ARG A 74 -2.44 21.74 -6.82
N GLY A 75 -1.88 21.51 -8.00
CA GLY A 75 -1.08 22.53 -8.64
C GLY A 75 0.41 22.29 -8.49
N GLU A 76 0.82 21.03 -8.61
CA GLU A 76 2.23 20.67 -8.48
C GLU A 76 2.73 19.97 -9.75
N PRO A 77 4.03 20.07 -10.05
CA PRO A 77 4.62 19.45 -11.24
C PRO A 77 4.71 17.93 -11.10
N VAL A 78 5.78 17.45 -10.50
CA VAL A 78 5.99 16.02 -10.31
C VAL A 78 5.42 15.55 -8.96
N PRO A 79 4.63 14.46 -8.96
CA PRO A 79 4.03 13.92 -7.74
C PRO A 79 5.06 13.26 -6.84
N GLN A 80 5.71 14.06 -5.99
CA GLN A 80 6.72 13.55 -5.08
C GLN A 80 6.15 13.27 -3.69
N GLU A 81 5.12 14.04 -3.32
CA GLU A 81 4.49 13.90 -2.02
C GLU A 81 4.15 12.44 -1.72
N LEU A 82 3.42 11.81 -2.65
CA LEU A 82 3.03 10.41 -2.49
C LEU A 82 4.23 9.53 -2.15
N LEU A 83 5.25 9.55 -3.02
CA LEU A 83 6.45 8.74 -2.80
C LEU A 83 7.05 9.01 -1.43
N ASN A 84 6.95 10.25 -0.97
CA ASN A 84 7.49 10.63 0.33
C ASN A 84 6.76 9.93 1.47
N ARG A 85 5.43 9.99 1.45
CA ARG A 85 4.62 9.36 2.48
C ARG A 85 4.65 7.85 2.35
N VAL A 86 5.00 7.36 1.15
CA VAL A 86 5.07 5.93 0.91
C VAL A 86 6.26 5.32 1.63
N LEU A 87 7.46 5.76 1.28
CA LEU A 87 8.68 5.25 1.91
C LEU A 87 8.67 5.57 3.40
N ASN A 88 7.93 6.62 3.77
CA ASN A 88 7.82 7.01 5.17
C ASN A 88 7.07 5.96 5.96
N ALA A 89 5.92 5.55 5.42
CA ALA A 89 5.09 4.54 6.05
C ALA A 89 5.85 3.22 6.17
N HIS A 90 6.57 2.84 5.13
CA HIS A 90 7.35 1.60 5.13
C HIS A 90 8.40 1.64 6.23
N GLY A 91 9.24 2.68 6.18
CA GLY A 91 10.28 2.83 7.19
C GLY A 91 9.71 2.83 8.59
N TYR A 92 8.50 3.37 8.73
CA TYR A 92 7.82 3.42 10.01
C TYR A 92 7.57 2.02 10.53
N TRP A 93 7.03 1.14 9.69
CA TRP A 93 6.75 -0.23 10.10
C TRP A 93 8.03 -0.90 10.62
N THR A 94 9.05 -0.92 9.77
CA THR A 94 10.33 -1.52 10.11
C THR A 94 10.94 -0.87 11.34
N GLN A 95 10.72 0.43 11.50
CA GLN A 95 11.25 1.17 12.64
C GLN A 95 10.27 1.17 13.80
N GLN A 96 9.07 0.65 13.56
CA GLN A 96 8.06 0.59 14.60
C GLN A 96 8.21 -0.69 15.42
N GLN A 97 8.77 -1.72 14.79
CA GLN A 97 8.99 -3.01 15.44
C GLN A 97 7.65 -3.70 15.71
N MET A 98 6.68 -3.45 14.84
CA MET A 98 5.36 -4.05 14.97
C MET A 98 4.71 -3.68 16.30
N GLN A 99 5.16 -2.56 16.88
CA GLN A 99 4.63 -2.08 18.15
C GLN A 99 4.77 -3.16 19.22
N GLN A 100 6.01 -3.50 19.55
CA GLN A 100 6.28 -4.52 20.58
C GLN A 100 5.67 -5.86 20.18
N LEU A 101 5.63 -6.13 18.88
CA LEU A 101 5.08 -7.38 18.37
C LEU A 101 3.60 -7.52 18.74
N GLN A 102 2.97 -6.40 19.06
CA GLN A 102 1.55 -6.40 19.43
C GLN A 102 0.67 -6.21 18.20
N GLN A 103 -0.01 -7.27 17.78
CA GLN A 103 -0.89 -7.21 16.62
C GLN A 103 -2.34 -6.99 17.03
N ASN A 104 -2.58 -6.99 18.35
CA ASN A 104 -3.92 -6.77 18.86
C ASN A 104 -4.20 -5.28 19.05
N VAL A 105 -4.54 -4.62 17.96
CA VAL A 105 -4.84 -3.19 17.98
C VAL A 105 -6.32 -2.93 17.78
N GLN A 9 -11.18 -21.16 -19.65
CA GLN A 9 -10.53 -20.85 -20.93
C GLN A 9 -10.67 -19.37 -21.27
N ARG A 10 -11.92 -18.91 -21.34
CA ARG A 10 -12.19 -17.51 -21.66
C ARG A 10 -12.93 -16.83 -20.51
N ARG A 11 -13.17 -17.59 -19.44
CA ARG A 11 -13.86 -17.07 -18.27
C ARG A 11 -12.96 -17.12 -17.04
N ILE A 12 -12.33 -16.00 -16.71
CA ILE A 12 -11.44 -15.92 -15.56
C ILE A 12 -11.89 -14.83 -14.59
N ARG A 13 -11.88 -15.14 -13.30
CA ARG A 13 -12.28 -14.19 -12.27
C ARG A 13 -11.34 -14.27 -11.08
N ARG A 14 -11.64 -13.50 -10.04
CA ARG A 14 -10.82 -13.48 -8.83
C ARG A 14 -11.65 -13.11 -7.60
N PRO A 15 -11.24 -13.58 -6.41
CA PRO A 15 -11.96 -13.29 -5.16
C PRO A 15 -11.67 -11.87 -4.64
N PHE A 16 -10.39 -11.55 -4.49
CA PHE A 16 -9.99 -10.24 -4.00
C PHE A 16 -9.56 -9.33 -5.14
N SER A 17 -9.50 -8.03 -4.87
CA SER A 17 -9.10 -7.05 -5.87
C SER A 17 -8.39 -5.87 -5.21
N VAL A 18 -7.67 -5.09 -6.02
CA VAL A 18 -6.95 -3.93 -5.51
C VAL A 18 -7.87 -3.03 -4.70
N ALA A 19 -9.15 -3.01 -5.07
CA ALA A 19 -10.14 -2.20 -4.37
C ALA A 19 -10.23 -2.63 -2.91
N GLU A 20 -10.36 -3.93 -2.70
CA GLU A 20 -10.43 -4.49 -1.35
C GLU A 20 -9.12 -4.25 -0.60
N VAL A 21 -8.02 -4.31 -1.34
CA VAL A 21 -6.70 -4.10 -0.75
C VAL A 21 -6.62 -2.72 -0.11
N GLU A 22 -7.33 -1.76 -0.70
CA GLU A 22 -7.36 -0.39 -0.17
C GLU A 22 -7.62 -0.39 1.33
N ALA A 23 -8.75 -0.99 1.71
CA ALA A 23 -9.12 -1.08 3.12
C ALA A 23 -8.05 -1.86 3.89
N LEU A 24 -7.57 -2.94 3.27
CA LEU A 24 -6.54 -3.77 3.89
C LEU A 24 -5.29 -2.94 4.15
N VAL A 25 -5.11 -1.88 3.35
CA VAL A 25 -3.96 -1.00 3.49
C VAL A 25 -4.14 -0.08 4.69
N GLN A 26 -5.36 0.41 4.86
CA GLN A 26 -5.68 1.30 5.97
C GLN A 26 -5.54 0.56 7.30
N ALA A 27 -5.62 -0.77 7.24
CA ALA A 27 -5.51 -1.60 8.43
C ALA A 27 -4.06 -1.96 8.74
N VAL A 28 -3.27 -2.20 7.70
CA VAL A 28 -1.87 -2.58 7.88
C VAL A 28 -0.94 -1.37 8.02
N GLU A 29 -1.41 -0.20 7.61
CA GLU A 29 -0.59 1.00 7.68
C GLU A 29 -0.15 1.31 9.11
N LYS A 30 -0.72 0.59 10.08
CA LYS A 30 -0.37 0.80 11.49
C LYS A 30 0.50 -0.33 12.03
N LEU A 31 0.10 -1.57 11.77
CA LEU A 31 0.85 -2.74 12.25
C LEU A 31 1.45 -3.52 11.09
N GLY A 32 1.83 -2.81 10.03
CA GLY A 32 2.41 -3.47 8.87
C GLY A 32 3.89 -3.76 9.04
N THR A 33 4.50 -4.30 8.00
CA THR A 33 5.92 -4.63 8.02
C THR A 33 6.51 -4.58 6.62
N GLY A 34 5.77 -5.09 5.64
CA GLY A 34 6.24 -5.09 4.27
C GLY A 34 5.13 -5.41 3.28
N ARG A 35 3.88 -5.26 3.71
CA ARG A 35 2.71 -5.54 2.87
C ARG A 35 2.88 -6.85 2.11
N TRP A 36 3.71 -7.74 2.64
CA TRP A 36 3.96 -9.03 2.01
C TRP A 36 2.67 -9.82 1.85
N ARG A 37 1.84 -9.79 2.89
CA ARG A 37 0.57 -10.52 2.85
C ARG A 37 -0.39 -9.86 1.87
N ASP A 38 -0.30 -8.54 1.75
CA ASP A 38 -1.15 -7.79 0.85
C ASP A 38 -0.85 -8.13 -0.61
N VAL A 39 0.42 -8.01 -0.98
CA VAL A 39 0.84 -8.29 -2.35
C VAL A 39 0.56 -9.76 -2.71
N LYS A 40 0.62 -10.63 -1.71
CA LYS A 40 0.36 -12.05 -1.92
C LYS A 40 -1.09 -12.30 -2.32
N LEU A 41 -2.02 -11.68 -1.60
CA LEU A 41 -3.44 -11.85 -1.88
C LEU A 41 -4.07 -10.57 -2.39
N CYS A 42 -3.27 -9.71 -3.01
CA CYS A 42 -3.76 -8.45 -3.55
C CYS A 42 -4.95 -8.72 -4.46
N ALA A 43 -4.79 -9.71 -5.33
CA ALA A 43 -5.83 -10.10 -6.27
C ALA A 43 -5.37 -11.26 -7.16
N PHE A 44 -4.42 -12.05 -6.64
CA PHE A 44 -3.87 -13.18 -7.38
C PHE A 44 -3.07 -12.64 -8.54
N GLU A 45 -2.89 -11.32 -8.53
CA GLU A 45 -2.15 -10.64 -9.56
C GLU A 45 -0.65 -10.64 -9.27
N ASP A 46 -0.28 -10.21 -8.06
CA ASP A 46 1.11 -10.17 -7.66
C ASP A 46 1.46 -11.33 -6.74
N ALA A 47 0.71 -12.42 -6.87
CA ALA A 47 0.94 -13.60 -6.04
C ALA A 47 2.31 -14.23 -6.35
N ASP A 48 2.95 -13.73 -7.41
CA ASP A 48 4.26 -14.25 -7.81
C ASP A 48 5.36 -13.28 -7.39
N HIS A 49 4.96 -12.11 -6.90
CA HIS A 49 5.91 -11.08 -6.46
C HIS A 49 6.77 -10.59 -7.62
N ARG A 50 6.54 -9.35 -8.05
CA ARG A 50 7.29 -8.76 -9.15
C ARG A 50 8.71 -8.40 -8.70
N THR A 51 8.82 -7.30 -7.97
CA THR A 51 10.12 -6.83 -7.48
C THR A 51 9.93 -5.92 -6.27
N TYR A 52 11.05 -5.50 -5.67
CA TYR A 52 10.98 -4.63 -4.50
C TYR A 52 10.34 -3.27 -4.82
N VAL A 53 10.79 -2.65 -5.92
CA VAL A 53 10.22 -1.36 -6.31
C VAL A 53 8.88 -1.55 -7.01
N ASP A 54 8.77 -2.59 -7.82
CA ASP A 54 7.53 -2.88 -8.52
C ASP A 54 6.40 -3.10 -7.52
N LEU A 55 6.73 -3.79 -6.44
CA LEU A 55 5.76 -4.05 -5.38
C LEU A 55 5.39 -2.75 -4.68
N LYS A 56 6.43 -1.95 -4.36
CA LYS A 56 6.22 -0.67 -3.70
C LYS A 56 5.53 0.30 -4.66
N ASP A 57 5.57 -0.03 -5.95
CA ASP A 57 4.94 0.80 -6.97
C ASP A 57 3.44 0.62 -6.92
N LYS A 58 3.00 -0.63 -6.90
CA LYS A 58 1.57 -0.94 -6.85
C LYS A 58 0.97 -0.42 -5.56
N TRP A 59 1.78 -0.39 -4.50
CA TRP A 59 1.34 0.09 -3.20
C TRP A 59 1.25 1.62 -3.20
N LYS A 60 2.31 2.26 -3.70
CA LYS A 60 2.37 3.70 -3.77
C LYS A 60 1.17 4.25 -4.55
N THR A 61 0.82 3.54 -5.63
CA THR A 61 -0.31 3.93 -6.46
C THR A 61 -1.62 3.54 -5.80
N LEU A 62 -1.54 2.53 -4.94
CA LEU A 62 -2.72 2.04 -4.22
C LEU A 62 -3.29 3.15 -3.34
N VAL A 63 -2.40 3.88 -2.66
CA VAL A 63 -2.81 4.98 -1.80
C VAL A 63 -3.01 6.25 -2.61
N HIS A 64 -2.06 6.51 -3.52
CA HIS A 64 -2.12 7.70 -4.38
C HIS A 64 -3.49 7.81 -5.04
N THR A 65 -3.91 6.75 -5.71
CA THR A 65 -5.18 6.71 -6.41
C THR A 65 -6.34 7.02 -5.46
N ALA A 66 -6.18 6.71 -4.19
CA ALA A 66 -7.22 6.95 -3.21
C ALA A 66 -7.59 8.43 -3.13
N LYS A 67 -6.89 9.17 -2.27
CA LYS A 67 -7.15 10.60 -2.11
C LYS A 67 -5.91 11.34 -1.64
N ILE A 68 -4.74 10.78 -1.93
CA ILE A 68 -3.48 11.41 -1.54
C ILE A 68 -3.36 12.80 -2.18
N SER A 69 -3.95 12.94 -3.37
CA SER A 69 -3.90 14.20 -4.10
C SER A 69 -2.53 14.88 -3.99
N PRO A 70 -1.51 14.32 -4.66
CA PRO A 70 -0.14 14.87 -4.64
C PRO A 70 -0.03 16.16 -5.44
N GLN A 71 -1.14 16.57 -6.05
CA GLN A 71 -1.16 17.79 -6.85
C GLN A 71 -1.86 18.92 -6.11
N GLN A 72 -3.04 18.63 -5.56
CA GLN A 72 -3.85 19.60 -4.81
C GLN A 72 -4.46 20.64 -5.75
N ARG A 73 -3.85 20.82 -6.92
CA ARG A 73 -4.33 21.78 -7.92
C ARG A 73 -3.46 21.74 -9.16
N ARG A 74 -2.88 20.56 -9.44
CA ARG A 74 -2.01 20.39 -10.60
C ARG A 74 -0.79 21.30 -10.49
N GLY A 75 0.29 20.77 -9.94
CA GLY A 75 1.52 21.52 -9.79
C GLY A 75 2.20 21.82 -11.12
N GLU A 76 3.34 21.20 -11.33
CA GLU A 76 4.10 21.38 -12.57
C GLU A 76 5.22 20.35 -12.71
N PRO A 77 6.09 20.18 -11.69
CA PRO A 77 7.18 19.21 -11.76
C PRO A 77 6.70 17.76 -11.68
N VAL A 78 6.78 17.17 -10.48
CA VAL A 78 6.35 15.78 -10.30
C VAL A 78 5.82 15.55 -8.87
N PRO A 79 4.92 14.57 -8.69
CA PRO A 79 4.35 14.27 -7.38
C PRO A 79 5.34 13.54 -6.48
N GLN A 80 5.91 14.27 -5.53
CA GLN A 80 6.88 13.70 -4.60
C GLN A 80 6.22 13.28 -3.29
N GLU A 81 5.13 13.95 -2.97
CA GLU A 81 4.39 13.68 -1.73
C GLU A 81 4.07 12.19 -1.59
N LEU A 82 3.56 11.58 -2.66
CA LEU A 82 3.21 10.16 -2.64
C LEU A 82 4.42 9.29 -2.29
N LEU A 83 5.60 9.68 -2.76
CA LEU A 83 6.82 8.92 -2.50
C LEU A 83 7.34 9.18 -1.10
N ASN A 84 7.06 10.36 -0.58
CA ASN A 84 7.51 10.74 0.76
C ASN A 84 6.74 9.98 1.84
N ARG A 85 5.42 10.00 1.74
CA ARG A 85 4.56 9.33 2.72
C ARG A 85 4.64 7.81 2.58
N VAL A 86 4.85 7.32 1.36
CA VAL A 86 4.94 5.88 1.12
C VAL A 86 6.22 5.31 1.71
N LEU A 87 7.36 5.84 1.28
CA LEU A 87 8.66 5.37 1.77
C LEU A 87 8.73 5.54 3.29
N ASN A 88 8.04 6.55 3.80
CA ASN A 88 8.01 6.82 5.24
C ASN A 88 7.15 5.77 5.95
N ALA A 89 6.02 5.45 5.33
CA ALA A 89 5.10 4.47 5.88
C ALA A 89 5.80 3.14 6.13
N HIS A 90 6.39 2.58 5.07
CA HIS A 90 7.12 1.32 5.18
C HIS A 90 8.23 1.43 6.21
N GLY A 91 9.05 2.46 6.04
CA GLY A 91 10.15 2.69 6.96
C GLY A 91 9.68 2.79 8.39
N TYR A 92 8.45 3.29 8.57
CA TYR A 92 7.86 3.44 9.89
C TYR A 92 7.59 2.08 10.50
N TRP A 93 7.10 1.15 9.67
CA TRP A 93 6.81 -0.20 10.14
C TRP A 93 8.05 -0.85 10.71
N THR A 94 9.11 -0.91 9.90
CA THR A 94 10.38 -1.52 10.32
C THR A 94 11.06 -0.72 11.43
N GLN A 95 11.18 0.59 11.24
CA GLN A 95 11.83 1.44 12.21
C GLN A 95 11.04 1.56 13.51
N GLN A 96 9.85 2.14 13.43
CA GLN A 96 9.02 2.32 14.62
C GLN A 96 8.60 0.98 15.21
N GLN A 97 8.71 -0.08 14.41
CA GLN A 97 8.34 -1.42 14.84
C GLN A 97 6.89 -1.48 15.33
N MET A 98 5.96 -1.35 14.39
CA MET A 98 4.53 -1.40 14.72
C MET A 98 4.18 -0.39 15.81
N GLN A 99 4.51 0.88 15.58
CA GLN A 99 4.23 1.96 16.53
C GLN A 99 5.18 1.91 17.74
N GLN A 100 5.51 0.70 18.19
CA GLN A 100 6.40 0.52 19.33
C GLN A 100 6.80 -0.93 19.49
N LEU A 101 5.88 -1.73 20.00
CA LEU A 101 6.11 -3.16 20.23
C LEU A 101 4.90 -3.78 20.90
N GLN A 102 4.21 -2.97 21.71
CA GLN A 102 3.03 -3.42 22.43
C GLN A 102 1.92 -3.82 21.46
N GLN A 103 1.22 -4.90 21.78
CA GLN A 103 0.13 -5.39 20.94
C GLN A 103 -0.99 -4.36 20.84
N ASN A 104 -1.14 -3.55 21.88
CA ASN A 104 -2.18 -2.52 21.91
C ASN A 104 -1.82 -1.37 20.97
N VAL A 105 -2.08 -1.56 19.68
CA VAL A 105 -1.79 -0.54 18.69
C VAL A 105 -2.94 0.45 18.56
N GLN A 9 -13.64 -21.90 -12.95
CA GLN A 9 -14.03 -22.63 -14.15
C GLN A 9 -14.01 -21.72 -15.37
N ARG A 10 -14.80 -22.06 -16.39
CA ARG A 10 -14.89 -21.28 -17.61
C ARG A 10 -15.10 -19.80 -17.31
N ARG A 11 -15.85 -19.52 -16.25
CA ARG A 11 -16.14 -18.15 -15.84
C ARG A 11 -15.11 -17.65 -14.84
N ILE A 12 -14.57 -16.47 -15.08
CA ILE A 12 -13.57 -15.87 -14.19
C ILE A 12 -14.24 -15.12 -13.05
N ARG A 13 -13.73 -15.32 -11.83
CA ARG A 13 -14.28 -14.66 -10.65
C ARG A 13 -13.16 -14.26 -9.69
N ARG A 14 -13.37 -13.14 -8.99
CA ARG A 14 -12.39 -12.65 -8.04
C ARG A 14 -13.08 -12.14 -6.76
N PRO A 15 -12.63 -12.61 -5.58
CA PRO A 15 -13.22 -12.20 -4.30
C PRO A 15 -12.71 -10.84 -3.84
N PHE A 16 -11.43 -10.58 -4.06
CA PHE A 16 -10.83 -9.31 -3.66
C PHE A 16 -10.25 -8.57 -4.85
N SER A 17 -9.94 -7.29 -4.64
CA SER A 17 -9.38 -6.44 -5.69
C SER A 17 -8.73 -5.20 -5.08
N VAL A 18 -8.02 -4.44 -5.91
CA VAL A 18 -7.35 -3.22 -5.44
C VAL A 18 -8.27 -2.37 -4.57
N ALA A 19 -9.56 -2.36 -4.90
CA ALA A 19 -10.53 -1.59 -4.14
C ALA A 19 -10.55 -2.02 -2.68
N GLU A 20 -10.58 -3.33 -2.45
CA GLU A 20 -10.58 -3.87 -1.10
C GLU A 20 -9.22 -3.67 -0.44
N VAL A 21 -8.17 -3.75 -1.25
CA VAL A 21 -6.81 -3.57 -0.75
C VAL A 21 -6.67 -2.23 -0.04
N GLU A 22 -7.39 -1.22 -0.54
CA GLU A 22 -7.35 0.11 0.06
C GLU A 22 -7.62 0.03 1.56
N ALA A 23 -8.74 -0.59 1.91
CA ALA A 23 -9.10 -0.76 3.31
C ALA A 23 -8.01 -1.51 4.06
N LEU A 24 -7.50 -2.55 3.42
CA LEU A 24 -6.43 -3.36 4.00
C LEU A 24 -5.22 -2.49 4.30
N VAL A 25 -5.02 -1.46 3.50
CA VAL A 25 -3.90 -0.54 3.69
C VAL A 25 -4.10 0.29 4.95
N GLN A 26 -5.34 0.76 5.15
CA GLN A 26 -5.66 1.55 6.33
C GLN A 26 -5.56 0.72 7.60
N ALA A 27 -5.63 -0.61 7.42
CA ALA A 27 -5.54 -1.53 8.54
C ALA A 27 -4.09 -1.92 8.86
N VAL A 28 -3.26 -2.03 7.83
CA VAL A 28 -1.86 -2.42 8.00
C VAL A 28 -0.95 -1.22 8.30
N GLU A 29 -1.43 -0.02 7.99
CA GLU A 29 -0.61 1.19 8.22
C GLU A 29 -0.21 1.34 9.68
N LYS A 30 -0.79 0.51 10.56
CA LYS A 30 -0.46 0.58 11.99
C LYS A 30 0.52 -0.52 12.39
N LEU A 31 0.26 -1.76 11.98
CA LEU A 31 1.12 -2.89 12.32
C LEU A 31 1.71 -3.53 11.08
N GLY A 32 1.97 -2.73 10.05
CA GLY A 32 2.52 -3.25 8.81
C GLY A 32 3.97 -3.67 8.96
N THR A 33 4.55 -4.14 7.87
CA THR A 33 5.95 -4.58 7.87
C THR A 33 6.58 -4.40 6.49
N GLY A 34 5.79 -4.67 5.45
CA GLY A 34 6.28 -4.52 4.10
C GLY A 34 5.25 -4.94 3.06
N ARG A 35 3.97 -4.80 3.41
CA ARG A 35 2.87 -5.15 2.52
C ARG A 35 3.11 -6.50 1.84
N TRP A 36 3.85 -7.38 2.52
CA TRP A 36 4.14 -8.70 1.99
C TRP A 36 2.86 -9.51 1.85
N ARG A 37 2.07 -9.53 2.91
CA ARG A 37 0.81 -10.26 2.93
C ARG A 37 -0.23 -9.56 2.06
N ASP A 38 -0.08 -8.25 1.92
CA ASP A 38 -1.01 -7.46 1.12
C ASP A 38 -0.87 -7.81 -0.35
N VAL A 39 0.34 -7.67 -0.88
CA VAL A 39 0.61 -7.98 -2.26
C VAL A 39 0.34 -9.46 -2.54
N LYS A 40 0.48 -10.27 -1.50
CA LYS A 40 0.26 -11.70 -1.60
C LYS A 40 -1.20 -12.01 -1.94
N LEU A 41 -2.12 -11.45 -1.17
CA LEU A 41 -3.54 -11.70 -1.38
C LEU A 41 -4.28 -10.44 -1.85
N CYS A 42 -3.56 -9.51 -2.46
CA CYS A 42 -4.19 -8.29 -2.94
C CYS A 42 -5.30 -8.64 -3.93
N ALA A 43 -4.99 -9.56 -4.84
CA ALA A 43 -5.94 -10.01 -5.85
C ALA A 43 -5.28 -10.97 -6.82
N PHE A 44 -4.24 -11.67 -6.35
CA PHE A 44 -3.49 -12.60 -7.18
C PHE A 44 -2.78 -11.79 -8.25
N GLU A 45 -2.69 -10.49 -7.96
CA GLU A 45 -2.07 -9.55 -8.87
C GLU A 45 -0.55 -9.50 -8.66
N ASP A 46 -0.14 -9.25 -7.42
CA ASP A 46 1.27 -9.18 -7.10
C ASP A 46 1.75 -10.50 -6.51
N ALA A 47 0.98 -11.56 -6.72
CA ALA A 47 1.33 -12.87 -6.21
C ALA A 47 2.63 -13.38 -6.83
N ASP A 48 3.17 -12.63 -7.78
CA ASP A 48 4.42 -13.00 -8.44
C ASP A 48 5.60 -12.31 -7.78
N HIS A 49 5.33 -11.15 -7.16
CA HIS A 49 6.35 -10.37 -6.48
C HIS A 49 7.51 -10.04 -7.41
N ARG A 50 7.46 -8.86 -8.02
CA ARG A 50 8.52 -8.42 -8.93
C ARG A 50 9.80 -8.10 -8.17
N THR A 51 9.88 -6.89 -7.62
CA THR A 51 11.06 -6.46 -6.88
C THR A 51 10.67 -5.50 -5.75
N TYR A 52 11.65 -5.05 -5.00
CA TYR A 52 11.40 -4.13 -3.88
C TYR A 52 10.76 -2.82 -4.36
N VAL A 53 11.29 -2.23 -5.42
CA VAL A 53 10.75 -0.97 -5.94
C VAL A 53 9.50 -1.21 -6.79
N ASP A 54 9.52 -2.26 -7.61
CA ASP A 54 8.37 -2.59 -8.46
C ASP A 54 7.14 -2.89 -7.60
N LEU A 55 7.36 -3.66 -6.53
CA LEU A 55 6.28 -4.02 -5.62
C LEU A 55 5.77 -2.78 -4.91
N LYS A 56 6.68 -2.02 -4.31
CA LYS A 56 6.30 -0.80 -3.60
C LYS A 56 5.69 0.21 -4.58
N ASP A 57 6.00 0.03 -5.86
CA ASP A 57 5.48 0.90 -6.90
C ASP A 57 3.98 0.69 -7.03
N LYS A 58 3.59 -0.58 -7.17
CA LYS A 58 2.19 -0.93 -7.29
C LYS A 58 1.44 -0.51 -6.03
N TRP A 59 2.19 -0.42 -4.92
CA TRP A 59 1.64 -0.02 -3.65
C TRP A 59 1.44 1.50 -3.62
N LYS A 60 2.47 2.22 -4.05
CA LYS A 60 2.42 3.68 -4.10
C LYS A 60 1.27 4.14 -5.00
N THR A 61 1.00 3.36 -6.04
CA THR A 61 -0.06 3.69 -6.98
C THR A 61 -1.39 3.21 -6.43
N LEU A 62 -1.32 2.19 -5.59
CA LEU A 62 -2.49 1.63 -4.95
C LEU A 62 -3.16 2.67 -4.06
N VAL A 63 -2.32 3.50 -3.42
CA VAL A 63 -2.82 4.55 -2.55
C VAL A 63 -3.06 5.84 -3.36
N HIS A 64 -2.12 6.15 -4.24
CA HIS A 64 -2.23 7.34 -5.09
C HIS A 64 -3.56 7.35 -5.85
N THR A 65 -4.02 6.17 -6.24
CA THR A 65 -5.27 6.04 -6.98
C THR A 65 -6.46 5.89 -6.03
N ALA A 66 -6.18 5.54 -4.77
CA ALA A 66 -7.23 5.36 -3.77
C ALA A 66 -8.15 6.58 -3.71
N LYS A 67 -7.68 7.65 -3.09
CA LYS A 67 -8.47 8.88 -2.97
C LYS A 67 -7.58 10.07 -2.66
N ILE A 68 -6.30 9.95 -2.98
CA ILE A 68 -5.34 11.03 -2.74
C ILE A 68 -5.76 12.30 -3.47
N SER A 69 -6.50 12.13 -4.56
CA SER A 69 -6.96 13.28 -5.35
C SER A 69 -5.79 14.15 -5.80
N PRO A 70 -5.00 13.66 -6.78
CA PRO A 70 -3.85 14.39 -7.30
C PRO A 70 -4.24 15.50 -8.26
N GLN A 71 -4.81 15.13 -9.40
CA GLN A 71 -5.23 16.09 -10.41
C GLN A 71 -6.64 16.62 -10.10
N GLN A 72 -7.24 16.09 -9.05
CA GLN A 72 -8.59 16.51 -8.64
C GLN A 72 -8.52 17.81 -7.85
N ARG A 73 -7.31 18.36 -7.70
CA ARG A 73 -7.12 19.60 -6.96
C ARG A 73 -6.32 20.61 -7.79
N ARG A 74 -6.19 21.82 -7.27
CA ARG A 74 -5.45 22.88 -7.95
C ARG A 74 -4.03 22.97 -7.43
N GLY A 75 -3.15 23.58 -8.21
CA GLY A 75 -1.76 23.73 -7.81
C GLY A 75 -1.03 22.41 -7.75
N GLU A 76 0.13 22.41 -7.09
CA GLU A 76 0.95 21.20 -6.95
C GLU A 76 1.44 20.72 -8.31
N PRO A 77 2.78 20.65 -8.52
CA PRO A 77 3.36 20.19 -9.78
C PRO A 77 3.18 18.70 -10.00
N VAL A 78 3.97 17.90 -9.28
CA VAL A 78 3.90 16.45 -9.38
C VAL A 78 3.45 15.83 -8.07
N PRO A 79 2.78 14.66 -8.12
CA PRO A 79 2.30 13.97 -6.92
C PRO A 79 3.44 13.34 -6.12
N GLN A 80 3.93 14.08 -5.12
CA GLN A 80 5.02 13.60 -4.28
C GLN A 80 4.47 12.98 -2.99
N GLU A 81 3.28 13.43 -2.59
CA GLU A 81 2.63 12.94 -1.39
C GLU A 81 2.64 11.41 -1.32
N LEU A 82 2.50 10.77 -2.47
CA LEU A 82 2.49 9.33 -2.55
C LEU A 82 3.84 8.76 -2.14
N LEU A 83 4.89 9.14 -2.86
CA LEU A 83 6.24 8.66 -2.57
C LEU A 83 6.60 8.93 -1.11
N ASN A 84 6.13 10.07 -0.60
CA ASN A 84 6.42 10.45 0.78
C ASN A 84 5.79 9.49 1.77
N ARG A 85 4.50 9.22 1.62
CA ARG A 85 3.79 8.32 2.52
C ARG A 85 4.24 6.87 2.35
N VAL A 86 4.86 6.57 1.21
CA VAL A 86 5.34 5.22 0.94
C VAL A 86 6.62 4.92 1.72
N LEU A 87 7.66 5.68 1.46
CA LEU A 87 8.94 5.49 2.15
C LEU A 87 8.82 5.79 3.64
N ASN A 88 7.85 6.63 3.99
CA ASN A 88 7.63 6.99 5.39
C ASN A 88 6.93 5.86 6.14
N ALA A 89 5.78 5.44 5.63
CA ALA A 89 5.01 4.37 6.25
C ALA A 89 5.81 3.07 6.28
N HIS A 90 6.42 2.74 5.14
CA HIS A 90 7.21 1.52 5.04
C HIS A 90 8.36 1.55 6.06
N GLY A 91 9.16 2.62 5.98
CA GLY A 91 10.27 2.76 6.90
C GLY A 91 9.82 2.74 8.34
N TYR A 92 8.61 3.23 8.58
CA TYR A 92 8.05 3.27 9.92
C TYR A 92 7.76 1.86 10.43
N TRP A 93 7.21 1.01 9.55
CA TRP A 93 6.91 -0.36 9.93
C TRP A 93 8.17 -1.07 10.40
N THR A 94 9.20 -1.05 9.56
CA THR A 94 10.47 -1.70 9.88
C THR A 94 11.18 -1.03 11.05
N GLN A 95 11.32 0.29 10.97
CA GLN A 95 12.00 1.06 12.01
C GLN A 95 11.25 1.00 13.34
N GLN A 96 10.02 1.52 13.34
CA GLN A 96 9.22 1.52 14.55
C GLN A 96 8.96 0.10 15.05
N GLN A 97 9.11 -0.87 14.15
CA GLN A 97 8.90 -2.28 14.48
C GLN A 97 7.47 -2.51 14.98
N MET A 98 6.50 -1.92 14.26
CA MET A 98 5.10 -2.07 14.61
C MET A 98 4.84 -1.55 16.02
N GLN A 99 5.38 -0.39 16.33
CA GLN A 99 5.21 0.23 17.64
C GLN A 99 5.74 -0.69 18.74
N GLN A 100 7.06 -0.74 18.88
CA GLN A 100 7.70 -1.57 19.89
C GLN A 100 7.35 -3.05 19.69
N LEU A 101 7.80 -3.88 20.63
CA LEU A 101 7.53 -5.32 20.56
C LEU A 101 6.35 -5.69 21.45
N GLN A 102 6.38 -5.22 22.70
CA GLN A 102 5.32 -5.50 23.65
C GLN A 102 4.02 -4.80 23.24
N GLN A 103 2.91 -5.49 23.45
CA GLN A 103 1.59 -4.94 23.10
C GLN A 103 1.51 -4.60 21.62
N ASN A 104 1.07 -5.57 20.82
CA ASN A 104 0.94 -5.37 19.39
C ASN A 104 -0.38 -4.67 19.06
N VAL A 105 -0.46 -3.39 19.39
CA VAL A 105 -1.66 -2.59 19.14
C VAL A 105 -2.87 -3.20 19.83
N GLN A 9 -24.14 -22.87 -6.50
CA GLN A 9 -22.79 -22.89 -5.95
C GLN A 9 -22.53 -21.64 -5.11
N ARG A 10 -23.23 -20.56 -5.43
CA ARG A 10 -23.08 -19.30 -4.71
C ARG A 10 -21.64 -18.80 -4.78
N ARG A 11 -20.89 -19.30 -5.75
CA ARG A 11 -19.50 -18.91 -5.92
C ARG A 11 -19.39 -17.65 -6.77
N ILE A 12 -18.60 -16.68 -6.30
CA ILE A 12 -18.41 -15.44 -7.02
C ILE A 12 -17.05 -15.38 -7.69
N ARG A 13 -16.98 -14.78 -8.86
CA ARG A 13 -15.71 -14.67 -9.60
C ARG A 13 -14.87 -13.50 -9.07
N ARG A 14 -13.91 -13.83 -8.22
CA ARG A 14 -13.03 -12.83 -7.63
C ARG A 14 -13.82 -11.71 -6.96
N PRO A 15 -14.22 -11.90 -5.69
CA PRO A 15 -14.98 -10.91 -4.94
C PRO A 15 -14.11 -9.74 -4.47
N PHE A 16 -12.90 -10.04 -4.05
CA PHE A 16 -11.97 -9.01 -3.58
C PHE A 16 -11.19 -8.41 -4.74
N SER A 17 -10.62 -7.24 -4.50
CA SER A 17 -9.84 -6.53 -5.51
C SER A 17 -9.05 -5.39 -4.88
N VAL A 18 -8.35 -4.63 -5.71
CA VAL A 18 -7.55 -3.51 -5.24
C VAL A 18 -8.39 -2.58 -4.34
N ALA A 19 -9.68 -2.48 -4.66
CA ALA A 19 -10.58 -1.64 -3.89
C ALA A 19 -10.60 -2.06 -2.43
N GLU A 20 -10.79 -3.36 -2.20
CA GLU A 20 -10.80 -3.91 -0.85
C GLU A 20 -9.44 -3.74 -0.20
N VAL A 21 -8.39 -3.87 -1.00
CA VAL A 21 -7.03 -3.73 -0.51
C VAL A 21 -6.84 -2.38 0.16
N GLU A 22 -7.55 -1.37 -0.35
CA GLU A 22 -7.46 -0.02 0.21
C GLU A 22 -7.68 -0.06 1.71
N ALA A 23 -8.80 -0.68 2.13
CA ALA A 23 -9.10 -0.81 3.55
C ALA A 23 -8.01 -1.60 4.25
N LEU A 24 -7.57 -2.67 3.60
CA LEU A 24 -6.51 -3.51 4.16
C LEU A 24 -5.25 -2.69 4.38
N VAL A 25 -5.09 -1.63 3.58
CA VAL A 25 -3.94 -0.75 3.71
C VAL A 25 -4.05 0.11 4.94
N GLN A 26 -5.25 0.64 5.18
CA GLN A 26 -5.50 1.48 6.34
C GLN A 26 -5.32 0.68 7.63
N ALA A 27 -5.43 -0.63 7.52
CA ALA A 27 -5.29 -1.52 8.67
C ALA A 27 -3.83 -1.91 8.91
N VAL A 28 -3.08 -2.10 7.84
CA VAL A 28 -1.68 -2.50 7.94
C VAL A 28 -0.73 -1.32 8.13
N GLU A 29 -1.20 -0.12 7.80
CA GLU A 29 -0.37 1.07 7.93
C GLU A 29 0.01 1.35 9.38
N LYS A 30 -0.60 0.63 10.31
CA LYS A 30 -0.31 0.82 11.73
C LYS A 30 0.58 -0.29 12.31
N LEU A 31 0.26 -1.54 11.98
CA LEU A 31 1.03 -2.68 12.48
C LEU A 31 1.59 -3.53 11.34
N GLY A 32 1.90 -2.89 10.23
CA GLY A 32 2.45 -3.60 9.09
C GLY A 32 3.96 -3.75 9.15
N THR A 33 4.54 -4.28 8.07
CA THR A 33 5.98 -4.48 8.00
C THR A 33 6.49 -4.16 6.60
N GLY A 34 5.71 -4.54 5.59
CA GLY A 34 6.08 -4.29 4.22
C GLY A 34 4.99 -4.68 3.24
N ARG A 35 3.75 -4.67 3.73
CA ARG A 35 2.58 -5.04 2.93
C ARG A 35 2.84 -6.23 2.01
N TRP A 36 3.77 -7.09 2.45
CA TRP A 36 4.11 -8.27 1.68
C TRP A 36 2.88 -9.15 1.47
N ARG A 37 2.11 -9.32 2.53
CA ARG A 37 0.90 -10.13 2.47
C ARG A 37 -0.16 -9.45 1.62
N ASP A 38 -0.05 -8.13 1.50
CA ASP A 38 -1.00 -7.35 0.71
C ASP A 38 -0.77 -7.55 -0.78
N VAL A 39 0.47 -7.38 -1.22
CA VAL A 39 0.82 -7.53 -2.62
C VAL A 39 0.63 -8.97 -3.08
N LYS A 40 0.82 -9.92 -2.17
CA LYS A 40 0.66 -11.33 -2.49
C LYS A 40 -0.81 -11.70 -2.67
N LEU A 41 -1.67 -11.18 -1.78
CA LEU A 41 -3.10 -11.48 -1.86
C LEU A 41 -3.91 -10.24 -2.23
N CYS A 42 -3.29 -9.29 -2.92
CA CYS A 42 -4.00 -8.07 -3.33
C CYS A 42 -5.20 -8.44 -4.18
N ALA A 43 -4.98 -9.35 -5.12
CA ALA A 43 -6.02 -9.82 -6.02
C ALA A 43 -5.50 -10.91 -6.96
N PHE A 44 -4.46 -11.61 -6.50
CA PHE A 44 -3.84 -12.67 -7.29
C PHE A 44 -3.19 -12.05 -8.50
N GLU A 45 -3.10 -10.72 -8.47
CA GLU A 45 -2.51 -9.97 -9.56
C GLU A 45 -1.00 -9.86 -9.41
N ASP A 46 -0.55 -9.43 -8.23
CA ASP A 46 0.89 -9.29 -7.97
C ASP A 46 1.39 -10.40 -7.06
N ALA A 47 0.68 -11.53 -7.06
CA ALA A 47 1.06 -12.67 -6.23
C ALA A 47 2.38 -13.26 -6.70
N ASP A 48 2.88 -12.79 -7.84
CA ASP A 48 4.14 -13.28 -8.40
C ASP A 48 5.33 -12.46 -7.88
N HIS A 49 5.03 -11.47 -7.03
CA HIS A 49 6.04 -10.59 -6.44
C HIS A 49 7.16 -10.26 -7.44
N ARG A 50 7.02 -9.13 -8.11
CA ARG A 50 8.01 -8.69 -9.08
C ARG A 50 9.35 -8.41 -8.42
N THR A 51 9.41 -7.34 -7.63
CA THR A 51 10.63 -6.96 -6.94
C THR A 51 10.32 -6.06 -5.75
N TYR A 52 11.35 -5.66 -5.01
CA TYR A 52 11.15 -4.80 -3.85
C TYR A 52 10.59 -3.44 -4.25
N VAL A 53 11.18 -2.80 -5.26
CA VAL A 53 10.69 -1.50 -5.72
C VAL A 53 9.47 -1.65 -6.61
N ASP A 54 9.47 -2.70 -7.43
CA ASP A 54 8.35 -2.95 -8.33
C ASP A 54 7.07 -3.18 -7.54
N LEU A 55 7.13 -4.10 -6.58
CA LEU A 55 5.97 -4.39 -5.74
C LEU A 55 5.61 -3.15 -4.93
N LYS A 56 6.63 -2.42 -4.48
CA LYS A 56 6.42 -1.21 -3.71
C LYS A 56 5.77 -0.15 -4.59
N ASP A 57 6.00 -0.25 -5.89
CA ASP A 57 5.43 0.68 -6.86
C ASP A 57 3.93 0.47 -6.93
N LYS A 58 3.52 -0.79 -7.06
CA LYS A 58 2.11 -1.14 -7.13
C LYS A 58 1.40 -0.60 -5.90
N TRP A 59 2.08 -0.66 -4.76
CA TRP A 59 1.53 -0.18 -3.50
C TRP A 59 1.41 1.34 -3.54
N LYS A 60 2.46 1.99 -4.01
CA LYS A 60 2.49 3.44 -4.13
C LYS A 60 1.36 3.94 -5.02
N THR A 61 1.01 3.14 -6.02
CA THR A 61 -0.06 3.50 -6.95
C THR A 61 -1.41 3.09 -6.37
N LEU A 62 -1.38 2.07 -5.53
CA LEU A 62 -2.58 1.57 -4.88
C LEU A 62 -3.12 2.59 -3.90
N VAL A 63 -2.22 3.34 -3.25
CA VAL A 63 -2.61 4.35 -2.29
C VAL A 63 -2.83 5.70 -2.96
N HIS A 64 -2.07 5.95 -4.03
CA HIS A 64 -2.17 7.21 -4.76
C HIS A 64 -3.49 7.29 -5.52
N THR A 65 -3.92 6.16 -6.07
CA THR A 65 -5.17 6.09 -6.82
C THR A 65 -6.37 6.04 -5.88
N ALA A 66 -6.11 5.71 -4.61
CA ALA A 66 -7.16 5.62 -3.61
C ALA A 66 -8.03 6.88 -3.60
N LYS A 67 -7.49 7.97 -3.06
CA LYS A 67 -8.22 9.23 -3.00
C LYS A 67 -7.28 10.41 -2.78
N ILE A 68 -6.00 10.21 -3.07
CA ILE A 68 -5.01 11.26 -2.92
C ILE A 68 -5.37 12.48 -3.76
N SER A 69 -6.08 12.24 -4.86
CA SER A 69 -6.49 13.32 -5.76
C SER A 69 -5.30 14.16 -6.22
N PRO A 70 -4.68 13.82 -7.36
CA PRO A 70 -3.53 14.56 -7.90
C PRO A 70 -3.97 15.85 -8.60
N GLN A 71 -5.29 16.04 -8.70
CA GLN A 71 -5.84 17.22 -9.36
C GLN A 71 -6.40 18.21 -8.34
N GLN A 72 -5.85 18.20 -7.13
CA GLN A 72 -6.31 19.10 -6.08
C GLN A 72 -6.02 20.56 -6.44
N ARG A 73 -5.45 20.79 -7.62
CA ARG A 73 -5.14 22.13 -8.09
C ARG A 73 -4.15 22.81 -7.14
N ARG A 74 -4.12 24.15 -7.17
CA ARG A 74 -3.20 24.91 -6.32
C ARG A 74 -1.75 24.57 -6.64
N GLY A 75 -0.84 25.12 -5.83
CA GLY A 75 0.58 24.87 -6.04
C GLY A 75 0.95 23.42 -5.84
N GLU A 76 0.85 22.63 -6.91
CA GLU A 76 1.18 21.20 -6.83
C GLU A 76 1.39 20.62 -8.23
N PRO A 77 2.64 20.73 -8.76
CA PRO A 77 2.96 20.20 -10.10
C PRO A 77 3.00 18.68 -10.12
N VAL A 78 4.14 18.12 -9.75
CA VAL A 78 4.32 16.68 -9.73
C VAL A 78 3.88 16.10 -8.38
N PRO A 79 3.09 15.00 -8.39
CA PRO A 79 2.62 14.36 -7.16
C PRO A 79 3.73 13.65 -6.40
N GLN A 80 4.32 14.35 -5.43
CA GLN A 80 5.40 13.79 -4.63
C GLN A 80 4.87 13.23 -3.32
N GLU A 81 3.74 13.75 -2.89
CA GLU A 81 3.10 13.30 -1.64
C GLU A 81 3.04 11.78 -1.55
N LEU A 82 2.79 11.13 -2.68
CA LEU A 82 2.71 9.68 -2.72
C LEU A 82 4.03 9.03 -2.28
N LEU A 83 5.12 9.47 -2.90
CA LEU A 83 6.44 8.92 -2.58
C LEU A 83 6.82 9.25 -1.13
N ASN A 84 6.34 10.38 -0.65
CA ASN A 84 6.62 10.82 0.72
C ASN A 84 5.95 9.93 1.75
N ARG A 85 4.66 9.65 1.54
CA ARG A 85 3.89 8.81 2.46
C ARG A 85 4.25 7.34 2.32
N VAL A 86 4.65 6.93 1.12
CA VAL A 86 5.01 5.53 0.87
C VAL A 86 6.32 5.17 1.55
N LEU A 87 7.36 5.96 1.31
CA LEU A 87 8.66 5.71 1.90
C LEU A 87 8.62 5.93 3.41
N ASN A 88 7.77 6.85 3.85
CA ASN A 88 7.63 7.15 5.27
C ASN A 88 6.95 6.00 6.01
N ALA A 89 5.74 5.67 5.57
CA ALA A 89 4.97 4.60 6.17
C ALA A 89 5.78 3.31 6.24
N HIS A 90 6.51 3.01 5.16
CA HIS A 90 7.33 1.81 5.11
C HIS A 90 8.40 1.85 6.19
N GLY A 91 9.19 2.93 6.19
CA GLY A 91 10.24 3.08 7.18
C GLY A 91 9.70 3.00 8.59
N TYR A 92 8.45 3.42 8.76
CA TYR A 92 7.80 3.39 10.07
C TYR A 92 7.59 1.95 10.52
N TRP A 93 7.06 1.11 9.64
CA TRP A 93 6.83 -0.29 9.98
C TRP A 93 8.13 -0.94 10.45
N THR A 94 9.16 -0.86 9.61
CA THR A 94 10.46 -1.43 9.94
C THR A 94 11.02 -0.81 11.22
N GLN A 95 11.00 0.51 11.28
CA GLN A 95 11.51 1.22 12.46
C GLN A 95 10.58 0.99 13.65
N GLN A 96 9.38 0.49 13.38
CA GLN A 96 8.43 0.22 14.44
C GLN A 96 8.81 -1.05 15.16
N GLN A 97 9.39 -1.99 14.42
CA GLN A 97 9.84 -3.27 14.97
C GLN A 97 8.65 -4.08 15.46
N MET A 98 7.47 -3.81 14.89
CA MET A 98 6.25 -4.52 15.25
C MET A 98 5.94 -4.33 16.74
N GLN A 99 6.70 -3.48 17.41
CA GLN A 99 6.50 -3.21 18.82
C GLN A 99 5.39 -2.19 19.04
N GLN A 100 4.97 -1.55 17.95
CA GLN A 100 3.93 -0.54 18.01
C GLN A 100 4.32 0.58 18.96
N LEU A 101 5.62 0.84 19.06
CA LEU A 101 6.13 1.89 19.94
C LEU A 101 5.38 3.20 19.74
N GLN A 102 4.95 3.44 18.50
CA GLN A 102 4.21 4.66 18.18
C GLN A 102 2.77 4.33 17.80
N GLN A 103 1.83 4.67 18.68
CA GLN A 103 0.42 4.42 18.44
C GLN A 103 -0.24 5.61 17.77
N ASN A 104 0.56 6.61 17.42
CA ASN A 104 0.05 7.81 16.78
C ASN A 104 -0.15 7.58 15.28
N VAL A 105 -1.27 6.94 14.93
CA VAL A 105 -1.58 6.65 13.54
C VAL A 105 -2.39 7.79 12.92
N GLN A 9 -13.23 -25.79 -9.71
CA GLN A 9 -12.45 -25.73 -8.48
C GLN A 9 -13.38 -25.65 -7.26
N ARG A 10 -14.55 -25.05 -7.45
CA ARG A 10 -15.53 -24.91 -6.39
C ARG A 10 -14.93 -24.14 -5.20
N ARG A 11 -13.87 -23.38 -5.47
CA ARG A 11 -13.21 -22.60 -4.43
C ARG A 11 -14.18 -21.59 -3.81
N ILE A 12 -13.91 -21.20 -2.57
CA ILE A 12 -14.76 -20.25 -1.86
C ILE A 12 -14.91 -18.96 -2.66
N ARG A 13 -16.15 -18.57 -2.92
CA ARG A 13 -16.44 -17.35 -3.67
C ARG A 13 -16.06 -16.11 -2.87
N ARG A 14 -14.88 -15.57 -3.16
CA ARG A 14 -14.41 -14.37 -2.47
C ARG A 14 -13.14 -13.82 -3.16
N PRO A 15 -13.30 -13.30 -4.39
CA PRO A 15 -12.17 -12.74 -5.15
C PRO A 15 -11.78 -11.35 -4.65
N PHE A 16 -10.51 -11.19 -4.33
CA PHE A 16 -10.01 -9.91 -3.84
C PHE A 16 -9.40 -9.09 -4.97
N SER A 17 -9.62 -7.78 -4.94
CA SER A 17 -9.10 -6.88 -5.95
C SER A 17 -8.41 -5.68 -5.32
N VAL A 18 -7.90 -4.79 -6.15
CA VAL A 18 -7.21 -3.59 -5.65
C VAL A 18 -8.17 -2.74 -4.81
N ALA A 19 -9.46 -2.87 -5.08
CA ALA A 19 -10.47 -2.13 -4.35
C ALA A 19 -10.53 -2.59 -2.90
N GLU A 20 -10.35 -3.90 -2.71
CA GLU A 20 -10.39 -4.49 -1.38
C GLU A 20 -9.05 -4.26 -0.66
N VAL A 21 -7.95 -4.42 -1.40
CA VAL A 21 -6.63 -4.23 -0.82
C VAL A 21 -6.47 -2.81 -0.29
N GLU A 22 -7.25 -1.88 -0.86
CA GLU A 22 -7.21 -0.49 -0.42
C GLU A 22 -7.43 -0.40 1.08
N ALA A 23 -8.48 -1.07 1.54
CA ALA A 23 -8.80 -1.09 2.96
C ALA A 23 -7.78 -1.91 3.74
N LEU A 24 -7.31 -2.99 3.12
CA LEU A 24 -6.31 -3.86 3.74
C LEU A 24 -5.03 -3.09 4.05
N VAL A 25 -4.60 -2.26 3.10
CA VAL A 25 -3.38 -1.47 3.29
C VAL A 25 -3.60 -0.34 4.27
N GLN A 26 -4.86 0.12 4.36
CA GLN A 26 -5.20 1.19 5.28
C GLN A 26 -5.21 0.66 6.71
N ALA A 27 -5.35 -0.66 6.85
CA ALA A 27 -5.37 -1.29 8.16
C ALA A 27 -3.96 -1.65 8.63
N VAL A 28 -3.12 -2.09 7.69
CA VAL A 28 -1.74 -2.47 8.03
C VAL A 28 -0.82 -1.26 8.08
N GLU A 29 -1.24 -0.15 7.48
CA GLU A 29 -0.43 1.06 7.46
C GLU A 29 0.07 1.43 8.86
N LYS A 30 -0.62 0.95 9.88
CA LYS A 30 -0.25 1.25 11.26
C LYS A 30 0.58 0.11 11.89
N LEU A 31 0.13 -1.13 11.73
CA LEU A 31 0.83 -2.27 12.30
C LEU A 31 1.47 -3.14 11.21
N GLY A 32 1.92 -2.49 10.15
CA GLY A 32 2.55 -3.21 9.05
C GLY A 32 3.96 -3.64 9.36
N THR A 33 4.63 -4.23 8.38
CA THR A 33 6.00 -4.69 8.55
C THR A 33 6.71 -4.78 7.19
N GLY A 34 5.97 -5.15 6.16
CA GLY A 34 6.55 -5.26 4.84
C GLY A 34 5.53 -5.61 3.77
N ARG A 35 4.26 -5.28 4.03
CA ARG A 35 3.16 -5.55 3.11
C ARG A 35 3.26 -6.96 2.53
N TRP A 36 3.83 -7.88 3.31
CA TRP A 36 3.96 -9.26 2.88
C TRP A 36 2.59 -9.89 2.65
N ARG A 37 1.70 -9.69 3.63
CA ARG A 37 0.35 -10.24 3.54
C ARG A 37 -0.40 -9.58 2.39
N ASP A 38 -0.17 -8.29 2.19
CA ASP A 38 -0.81 -7.54 1.13
C ASP A 38 -0.42 -8.08 -0.24
N VAL A 39 0.86 -7.99 -0.57
CA VAL A 39 1.36 -8.47 -1.85
C VAL A 39 0.90 -9.89 -2.13
N LYS A 40 0.71 -10.67 -1.08
CA LYS A 40 0.27 -12.06 -1.22
C LYS A 40 -1.16 -12.15 -1.74
N LEU A 41 -2.08 -11.48 -1.05
CA LEU A 41 -3.50 -11.52 -1.43
C LEU A 41 -4.00 -10.15 -1.90
N CYS A 42 -3.10 -9.33 -2.40
CA CYS A 42 -3.47 -8.00 -2.88
C CYS A 42 -4.64 -8.10 -3.86
N ALA A 43 -4.52 -9.05 -4.78
CA ALA A 43 -5.54 -9.30 -5.79
C ALA A 43 -5.12 -10.40 -6.74
N PHE A 44 -4.26 -11.30 -6.27
CA PHE A 44 -3.75 -12.40 -7.08
C PHE A 44 -2.89 -11.82 -8.18
N GLU A 45 -2.59 -10.53 -8.01
CA GLU A 45 -1.78 -9.80 -8.97
C GLU A 45 -0.30 -9.97 -8.67
N ASP A 46 0.08 -9.78 -7.41
CA ASP A 46 1.48 -9.91 -7.01
C ASP A 46 1.68 -11.12 -6.09
N ALA A 47 0.79 -12.10 -6.21
CA ALA A 47 0.86 -13.30 -5.40
C ALA A 47 2.11 -14.12 -5.73
N ASP A 48 2.84 -13.68 -6.75
CA ASP A 48 4.06 -14.37 -7.16
C ASP A 48 5.29 -13.56 -6.81
N HIS A 49 5.08 -12.33 -6.36
CA HIS A 49 6.17 -11.44 -5.99
C HIS A 49 7.07 -11.14 -7.18
N ARG A 50 7.03 -9.89 -7.64
CA ARG A 50 7.84 -9.47 -8.78
C ARG A 50 9.13 -8.80 -8.32
N THR A 51 9.02 -7.62 -7.74
CA THR A 51 10.18 -6.88 -7.26
C THR A 51 9.81 -6.01 -6.06
N TYR A 52 10.80 -5.69 -5.22
CA TYR A 52 10.56 -4.88 -4.04
C TYR A 52 10.05 -3.48 -4.41
N VAL A 53 10.68 -2.83 -5.37
CA VAL A 53 10.25 -1.50 -5.78
C VAL A 53 8.99 -1.58 -6.63
N ASP A 54 8.93 -2.55 -7.53
CA ASP A 54 7.77 -2.73 -8.39
C ASP A 54 6.51 -2.89 -7.53
N LEU A 55 6.61 -3.74 -6.52
CA LEU A 55 5.51 -3.98 -5.60
C LEU A 55 5.19 -2.68 -4.86
N LYS A 56 6.24 -1.93 -4.56
CA LYS A 56 6.10 -0.65 -3.86
C LYS A 56 5.43 0.36 -4.78
N ASP A 57 5.57 0.16 -6.09
CA ASP A 57 4.98 1.05 -7.08
C ASP A 57 3.47 0.86 -7.12
N LYS A 58 3.04 -0.40 -7.10
CA LYS A 58 1.61 -0.70 -7.12
C LYS A 58 0.96 -0.28 -5.80
N TRP A 59 1.75 -0.31 -4.74
CA TRP A 59 1.28 0.06 -3.41
C TRP A 59 1.10 1.57 -3.33
N LYS A 60 2.11 2.31 -3.76
CA LYS A 60 2.07 3.77 -3.75
C LYS A 60 1.05 4.29 -4.75
N THR A 61 0.88 3.57 -5.86
CA THR A 61 -0.07 3.98 -6.89
C THR A 61 -1.48 3.67 -6.44
N LEU A 62 -1.59 2.71 -5.54
CA LEU A 62 -2.87 2.30 -4.99
C LEU A 62 -3.39 3.35 -4.01
N VAL A 63 -2.46 3.95 -3.26
CA VAL A 63 -2.81 4.98 -2.29
C VAL A 63 -2.79 6.37 -2.92
N HIS A 64 -2.01 6.52 -4.00
CA HIS A 64 -1.91 7.79 -4.70
C HIS A 64 -3.15 8.05 -5.53
N THR A 65 -3.61 7.01 -6.22
CA THR A 65 -4.80 7.11 -7.08
C THR A 65 -6.07 7.18 -6.22
N ALA A 66 -5.95 6.79 -4.96
CA ALA A 66 -7.08 6.80 -4.04
C ALA A 66 -7.79 8.14 -4.05
N LYS A 67 -7.15 9.16 -3.47
CA LYS A 67 -7.74 10.50 -3.43
C LYS A 67 -6.70 11.54 -3.07
N ILE A 68 -5.45 11.29 -3.45
CA ILE A 68 -4.37 12.22 -3.17
C ILE A 68 -4.52 13.50 -3.99
N SER A 69 -5.20 13.38 -5.13
CA SER A 69 -5.43 14.52 -6.02
C SER A 69 -4.12 15.25 -6.33
N PRO A 70 -3.26 14.66 -7.17
CA PRO A 70 -1.98 15.25 -7.54
C PRO A 70 -2.13 16.35 -8.59
N GLN A 71 -3.34 16.49 -9.11
CA GLN A 71 -3.62 17.50 -10.13
C GLN A 71 -3.65 18.90 -9.51
N GLN A 72 -4.37 19.03 -8.40
CA GLN A 72 -4.49 20.31 -7.70
C GLN A 72 -5.00 21.39 -8.64
N ARG A 73 -5.88 20.99 -9.57
CA ARG A 73 -6.46 21.92 -10.53
C ARG A 73 -5.39 22.52 -11.44
N ARG A 74 -4.38 21.71 -11.75
CA ARG A 74 -3.28 22.15 -12.62
C ARG A 74 -2.49 23.28 -11.98
N GLY A 75 -1.26 22.99 -11.58
CA GLY A 75 -0.42 24.00 -10.97
C GLY A 75 0.44 23.43 -9.85
N GLU A 76 1.29 22.47 -10.19
CA GLU A 76 2.17 21.84 -9.21
C GLU A 76 3.46 21.36 -9.85
N PRO A 77 4.55 21.24 -9.07
CA PRO A 77 5.85 20.78 -9.58
C PRO A 77 5.84 19.30 -9.92
N VAL A 78 6.12 18.47 -8.92
CA VAL A 78 6.16 17.02 -9.10
C VAL A 78 5.46 16.30 -7.95
N PRO A 79 4.92 15.09 -8.19
CA PRO A 79 4.23 14.31 -7.16
C PRO A 79 5.19 13.74 -6.12
N GLN A 80 5.42 14.51 -5.07
CA GLN A 80 6.30 14.08 -3.98
C GLN A 80 5.50 13.51 -2.82
N GLU A 81 4.26 13.94 -2.72
CA GLU A 81 3.36 13.52 -1.65
C GLU A 81 3.36 12.00 -1.47
N LEU A 82 3.03 11.26 -2.52
CA LEU A 82 2.98 9.80 -2.45
C LEU A 82 4.32 9.22 -2.00
N LEU A 83 5.41 9.66 -2.62
CA LEU A 83 6.74 9.16 -2.29
C LEU A 83 7.06 9.40 -0.81
N ASN A 84 6.54 10.49 -0.26
CA ASN A 84 6.79 10.83 1.14
C ASN A 84 5.98 9.97 2.09
N ARG A 85 4.66 9.91 1.87
CA ARG A 85 3.77 9.13 2.73
C ARG A 85 4.01 7.63 2.58
N VAL A 86 4.59 7.22 1.46
CA VAL A 86 4.85 5.81 1.20
C VAL A 86 6.16 5.36 1.83
N LEU A 87 7.26 5.97 1.42
CA LEU A 87 8.57 5.61 1.97
C LEU A 87 8.60 5.77 3.48
N ASN A 88 7.76 6.67 3.98
CA ASN A 88 7.68 6.92 5.42
C ASN A 88 7.00 5.74 6.12
N ALA A 89 5.84 5.35 5.58
CA ALA A 89 5.08 4.24 6.15
C ALA A 89 5.92 2.96 6.19
N HIS A 90 6.59 2.66 5.08
CA HIS A 90 7.42 1.46 5.00
C HIS A 90 8.53 1.52 6.04
N GLY A 91 9.31 2.60 6.00
CA GLY A 91 10.39 2.76 6.95
C GLY A 91 9.89 2.81 8.37
N TYR A 92 8.63 3.20 8.54
CA TYR A 92 8.01 3.27 9.85
C TYR A 92 7.86 1.89 10.46
N TRP A 93 7.28 0.95 9.71
CA TRP A 93 7.12 -0.42 10.20
C TRP A 93 8.48 -1.01 10.56
N THR A 94 9.39 -0.96 9.60
CA THR A 94 10.73 -1.49 9.80
C THR A 94 11.39 -0.84 11.02
N GLN A 95 11.15 0.44 11.19
CA GLN A 95 11.68 1.19 12.33
C GLN A 95 10.76 1.08 13.52
N GLN A 96 9.58 0.49 13.29
CA GLN A 96 8.60 0.32 14.35
C GLN A 96 9.01 -0.84 15.25
N GLN A 97 9.68 -1.82 14.65
CA GLN A 97 10.15 -3.00 15.38
C GLN A 97 8.97 -3.82 15.89
N MET A 98 7.97 -4.01 15.03
CA MET A 98 6.78 -4.77 15.40
C MET A 98 6.13 -4.19 16.64
N GLN A 99 5.51 -3.01 16.47
CA GLN A 99 4.84 -2.32 17.57
C GLN A 99 5.85 -1.71 18.55
N GLN A 100 6.64 -2.57 19.18
CA GLN A 100 7.65 -2.14 20.14
C GLN A 100 7.01 -1.41 21.32
N LEU A 101 6.79 -0.11 21.17
CA LEU A 101 6.19 0.70 22.23
C LEU A 101 5.23 1.74 21.63
N GLN A 102 4.79 1.50 20.41
CA GLN A 102 3.88 2.41 19.73
C GLN A 102 2.52 1.76 19.49
N GLN A 103 1.47 2.35 20.05
CA GLN A 103 0.12 1.82 19.90
C GLN A 103 -0.92 2.92 19.98
N ASN A 104 -0.46 4.17 19.99
CA ASN A 104 -1.35 5.32 20.06
C ASN A 104 -1.91 5.65 18.68
N VAL A 105 -2.94 4.91 18.28
CA VAL A 105 -3.57 5.12 16.99
C VAL A 105 -5.08 5.31 17.15
N GLN A 9 -13.78 -25.81 -10.83
CA GLN A 9 -13.09 -24.67 -11.40
C GLN A 9 -14.03 -23.86 -12.31
N ARG A 10 -15.30 -24.25 -12.33
CA ARG A 10 -16.29 -23.57 -13.14
C ARG A 10 -16.51 -22.14 -12.65
N ARG A 11 -16.34 -21.93 -11.35
CA ARG A 11 -16.53 -20.62 -10.75
C ARG A 11 -15.32 -19.73 -11.02
N ILE A 12 -15.57 -18.43 -11.17
CA ILE A 12 -14.51 -17.46 -11.44
C ILE A 12 -13.50 -17.44 -10.28
N ARG A 13 -12.22 -17.37 -10.63
CA ARG A 13 -11.16 -17.32 -9.63
C ARG A 13 -10.94 -15.90 -9.13
N ARG A 14 -9.81 -15.68 -8.45
CA ARG A 14 -9.48 -14.37 -7.91
C ARG A 14 -10.58 -13.86 -6.98
N PRO A 15 -10.54 -14.24 -5.69
CA PRO A 15 -11.54 -13.82 -4.71
C PRO A 15 -11.39 -12.35 -4.33
N PHE A 16 -10.18 -11.93 -4.00
CA PHE A 16 -9.91 -10.55 -3.62
C PHE A 16 -9.22 -9.79 -4.75
N SER A 17 -9.31 -8.47 -4.69
CA SER A 17 -8.70 -7.60 -5.69
C SER A 17 -8.14 -6.34 -5.05
N VAL A 18 -7.39 -5.57 -5.83
CA VAL A 18 -6.79 -4.33 -5.33
C VAL A 18 -7.83 -3.44 -4.66
N ALA A 19 -9.09 -3.59 -5.07
CA ALA A 19 -10.18 -2.80 -4.50
C ALA A 19 -10.28 -3.02 -2.99
N GLU A 20 -10.46 -4.28 -2.60
CA GLU A 20 -10.56 -4.62 -1.18
C GLU A 20 -9.24 -4.34 -0.46
N VAL A 21 -8.14 -4.57 -1.17
CA VAL A 21 -6.81 -4.34 -0.62
C VAL A 21 -6.65 -2.90 -0.17
N GLU A 22 -7.41 -1.99 -0.79
CA GLU A 22 -7.35 -0.57 -0.44
C GLU A 22 -7.63 -0.37 1.04
N ALA A 23 -8.70 -1.00 1.52
CA ALA A 23 -9.06 -0.91 2.93
C ALA A 23 -8.06 -1.66 3.80
N LEU A 24 -7.64 -2.82 3.31
CA LEU A 24 -6.68 -3.65 4.03
C LEU A 24 -5.42 -2.87 4.34
N VAL A 25 -4.86 -2.22 3.33
CA VAL A 25 -3.65 -1.43 3.50
C VAL A 25 -3.91 -0.22 4.38
N GLN A 26 -5.14 0.29 4.32
CA GLN A 26 -5.52 1.45 5.13
C GLN A 26 -5.46 1.08 6.62
N ALA A 27 -5.57 -0.22 6.89
CA ALA A 27 -5.52 -0.73 8.25
C ALA A 27 -4.09 -1.04 8.68
N VAL A 28 -3.25 -1.47 7.73
CA VAL A 28 -1.87 -1.83 8.03
C VAL A 28 -0.92 -0.63 8.00
N GLU A 29 -1.35 0.45 7.36
CA GLU A 29 -0.51 1.65 7.25
C GLU A 29 -0.12 2.19 8.63
N LYS A 30 -0.74 1.65 9.68
CA LYS A 30 -0.44 2.10 11.04
C LYS A 30 0.37 1.06 11.82
N LEU A 31 -0.02 -0.20 11.72
CA LEU A 31 0.68 -1.27 12.43
C LEU A 31 1.16 -2.36 11.47
N GLY A 32 1.57 -1.96 10.28
CA GLY A 32 2.04 -2.91 9.30
C GLY A 32 3.47 -3.35 9.53
N THR A 33 4.02 -4.10 8.58
CA THR A 33 5.40 -4.59 8.67
C THR A 33 6.12 -4.44 7.34
N GLY A 34 5.42 -4.76 6.26
CA GLY A 34 6.01 -4.66 4.94
C GLY A 34 5.05 -5.05 3.84
N ARG A 35 3.74 -4.87 4.10
CA ARG A 35 2.69 -5.20 3.15
C ARG A 35 2.97 -6.51 2.42
N TRP A 36 3.63 -7.43 3.10
CA TRP A 36 3.95 -8.74 2.53
C TRP A 36 2.69 -9.54 2.28
N ARG A 37 1.78 -9.51 3.25
CA ARG A 37 0.52 -10.23 3.14
C ARG A 37 -0.39 -9.60 2.11
N ASP A 38 -0.28 -8.28 1.95
CA ASP A 38 -1.10 -7.55 0.99
C ASP A 38 -0.74 -7.95 -0.43
N VAL A 39 0.53 -7.81 -0.78
CA VAL A 39 1.00 -8.16 -2.11
C VAL A 39 0.73 -9.62 -2.41
N LYS A 40 0.80 -10.46 -1.38
CA LYS A 40 0.57 -11.90 -1.55
C LYS A 40 -0.87 -12.18 -2.00
N LEU A 41 -1.83 -11.53 -1.35
CA LEU A 41 -3.24 -11.73 -1.68
C LEU A 41 -3.85 -10.49 -2.29
N CYS A 42 -3.03 -9.64 -2.91
CA CYS A 42 -3.51 -8.43 -3.53
C CYS A 42 -4.62 -8.74 -4.52
N ALA A 43 -4.36 -9.76 -5.34
CA ALA A 43 -5.32 -10.20 -6.35
C ALA A 43 -4.78 -11.38 -7.15
N PHE A 44 -3.86 -12.14 -6.54
CA PHE A 44 -3.23 -13.27 -7.20
C PHE A 44 -2.36 -12.74 -8.32
N GLU A 45 -2.16 -11.42 -8.28
CA GLU A 45 -1.36 -10.74 -9.29
C GLU A 45 0.12 -10.78 -8.93
N ASP A 46 0.45 -10.33 -7.72
CA ASP A 46 1.83 -10.31 -7.27
C ASP A 46 2.04 -11.27 -6.11
N ALA A 47 1.28 -12.36 -6.11
CA ALA A 47 1.37 -13.37 -5.07
C ALA A 47 2.73 -14.08 -5.10
N ASP A 48 3.59 -13.69 -6.03
CA ASP A 48 4.91 -14.30 -6.16
C ASP A 48 6.01 -13.25 -5.95
N HIS A 49 5.61 -12.02 -5.67
CA HIS A 49 6.55 -10.92 -5.45
C HIS A 49 7.37 -10.64 -6.71
N ARG A 50 7.24 -9.44 -7.24
CA ARG A 50 7.96 -9.05 -8.45
C ARG A 50 9.30 -8.37 -8.10
N THR A 51 9.22 -7.21 -7.46
CA THR A 51 10.42 -6.47 -7.09
C THR A 51 10.11 -5.53 -5.92
N TYR A 52 11.15 -5.14 -5.17
CA TYR A 52 10.97 -4.26 -4.03
C TYR A 52 10.40 -2.90 -4.45
N VAL A 53 10.94 -2.31 -5.52
CA VAL A 53 10.47 -1.02 -6.00
C VAL A 53 9.16 -1.18 -6.78
N ASP A 54 9.08 -2.22 -7.60
CA ASP A 54 7.88 -2.48 -8.38
C ASP A 54 6.68 -2.68 -7.45
N LEU A 55 6.86 -3.55 -6.47
CA LEU A 55 5.83 -3.83 -5.49
C LEU A 55 5.45 -2.53 -4.78
N LYS A 56 6.46 -1.73 -4.47
CA LYS A 56 6.26 -0.45 -3.81
C LYS A 56 5.53 0.52 -4.73
N ASP A 57 5.70 0.33 -6.04
CA ASP A 57 5.06 1.18 -7.03
C ASP A 57 3.55 0.98 -7.02
N LYS A 58 3.13 -0.28 -7.03
CA LYS A 58 1.71 -0.60 -7.02
C LYS A 58 1.06 -0.11 -5.73
N TRP A 59 1.80 -0.21 -4.64
CA TRP A 59 1.32 0.23 -3.33
C TRP A 59 1.18 1.75 -3.29
N LYS A 60 2.18 2.43 -3.83
CA LYS A 60 2.18 3.89 -3.87
C LYS A 60 1.03 4.41 -4.71
N THR A 61 0.66 3.65 -5.74
CA THR A 61 -0.43 4.04 -6.63
C THR A 61 -1.75 3.59 -6.03
N LEU A 62 -1.67 2.54 -5.23
CA LEU A 62 -2.82 1.97 -4.56
C LEU A 62 -3.41 2.98 -3.57
N VAL A 63 -2.52 3.77 -2.97
CA VAL A 63 -2.95 4.79 -2.01
C VAL A 63 -3.23 6.10 -2.73
N HIS A 64 -2.34 6.49 -3.64
CA HIS A 64 -2.50 7.71 -4.41
C HIS A 64 -3.87 7.76 -5.09
N THR A 65 -4.31 6.60 -5.56
CA THR A 65 -5.60 6.50 -6.23
C THR A 65 -6.75 6.40 -5.22
N ALA A 66 -6.43 5.97 -4.01
CA ALA A 66 -7.43 5.83 -2.96
C ALA A 66 -8.07 7.17 -2.61
N LYS A 67 -7.42 7.92 -1.72
CA LYS A 67 -7.93 9.22 -1.30
C LYS A 67 -6.83 10.05 -0.64
N ILE A 68 -5.59 9.83 -1.06
CA ILE A 68 -4.45 10.56 -0.51
C ILE A 68 -4.58 12.06 -0.79
N SER A 69 -5.38 12.41 -1.78
CA SER A 69 -5.58 13.81 -2.16
C SER A 69 -4.25 14.48 -2.53
N PRO A 70 -3.75 14.22 -3.74
CA PRO A 70 -2.48 14.79 -4.21
C PRO A 70 -2.62 16.24 -4.66
N GLN A 71 -3.81 16.80 -4.46
CA GLN A 71 -4.08 18.18 -4.85
C GLN A 71 -4.13 19.10 -3.62
N GLN A 72 -4.78 18.61 -2.56
CA GLN A 72 -4.91 19.38 -1.32
C GLN A 72 -5.61 20.71 -1.56
N ARG A 73 -6.21 20.86 -2.75
CA ARG A 73 -6.92 22.09 -3.10
C ARG A 73 -5.99 23.29 -3.02
N ARG A 74 -4.69 23.03 -3.02
CA ARG A 74 -3.69 24.10 -2.95
C ARG A 74 -2.98 24.26 -4.28
N GLY A 75 -2.71 23.14 -4.95
CA GLY A 75 -2.03 23.18 -6.24
C GLY A 75 -0.64 22.58 -6.18
N GLU A 76 -0.47 21.45 -6.85
CA GLU A 76 0.83 20.77 -6.87
C GLU A 76 1.08 20.12 -8.24
N PRO A 77 2.30 20.27 -8.79
CA PRO A 77 2.64 19.70 -10.10
C PRO A 77 2.79 18.18 -10.04
N VAL A 78 3.98 17.72 -9.66
CA VAL A 78 4.24 16.29 -9.57
C VAL A 78 3.87 15.75 -8.18
N PRO A 79 3.09 14.66 -8.11
CA PRO A 79 2.67 14.07 -6.83
C PRO A 79 3.80 13.32 -6.14
N GLN A 80 4.50 14.01 -5.25
CA GLN A 80 5.61 13.41 -4.51
C GLN A 80 5.16 12.93 -3.13
N GLU A 81 4.10 13.56 -2.62
CA GLU A 81 3.53 13.22 -1.32
C GLU A 81 3.33 11.71 -1.16
N LEU A 82 2.95 11.06 -2.26
CA LEU A 82 2.70 9.63 -2.24
C LEU A 82 3.99 8.87 -1.91
N LEU A 83 5.00 9.05 -2.74
CA LEU A 83 6.29 8.39 -2.54
C LEU A 83 6.85 8.70 -1.15
N ASN A 84 6.63 9.93 -0.70
CA ASN A 84 7.12 10.36 0.61
C ASN A 84 6.48 9.55 1.73
N ARG A 85 5.15 9.47 1.72
CA ARG A 85 4.42 8.73 2.75
C ARG A 85 4.64 7.24 2.62
N VAL A 86 5.07 6.80 1.45
CA VAL A 86 5.33 5.38 1.21
C VAL A 86 6.59 4.92 1.93
N LEU A 87 7.73 5.52 1.57
CA LEU A 87 8.99 5.17 2.20
C LEU A 87 8.96 5.50 3.68
N ASN A 88 8.11 6.44 4.07
CA ASN A 88 7.97 6.84 5.46
C ASN A 88 7.19 5.78 6.24
N ALA A 89 6.03 5.43 5.72
CA ALA A 89 5.17 4.42 6.36
C ALA A 89 5.86 3.06 6.41
N HIS A 90 6.28 2.57 5.25
CA HIS A 90 6.95 1.28 5.16
C HIS A 90 8.15 1.24 6.11
N GLY A 91 9.05 2.22 5.94
CA GLY A 91 10.22 2.29 6.78
C GLY A 91 9.85 2.37 8.26
N TYR A 92 8.73 3.01 8.54
CA TYR A 92 8.25 3.14 9.91
C TYR A 92 7.86 1.78 10.48
N TRP A 93 7.22 0.95 9.66
CA TRP A 93 6.81 -0.38 10.12
C TRP A 93 8.02 -1.17 10.58
N THR A 94 8.98 -1.33 9.68
CA THR A 94 10.19 -2.08 9.98
C THR A 94 11.04 -1.41 11.07
N GLN A 95 11.29 -0.11 10.91
CA GLN A 95 12.10 0.64 11.88
C GLN A 95 11.42 0.71 13.24
N GLN A 96 10.26 1.36 13.30
CA GLN A 96 9.54 1.50 14.55
C GLN A 96 9.21 0.13 15.15
N GLN A 97 9.21 -0.89 14.30
CA GLN A 97 8.91 -2.25 14.72
C GLN A 97 7.55 -2.32 15.41
N MET A 98 6.52 -1.85 14.72
CA MET A 98 5.16 -1.86 15.25
C MET A 98 5.09 -1.15 16.61
N GLN A 99 5.94 -0.14 16.78
CA GLN A 99 5.99 0.62 18.02
C GLN A 99 6.32 -0.28 19.21
N GLN A 100 7.13 -1.30 18.96
CA GLN A 100 7.53 -2.25 20.00
C GLN A 100 6.34 -3.06 20.51
N LEU A 101 5.70 -3.79 19.60
CA LEU A 101 4.54 -4.61 19.95
C LEU A 101 3.45 -3.80 20.66
N GLN A 102 3.45 -2.50 20.44
CA GLN A 102 2.46 -1.62 21.06
C GLN A 102 1.06 -1.90 20.49
N GLN A 103 0.90 -1.63 19.19
CA GLN A 103 -0.38 -1.85 18.53
C GLN A 103 -1.50 -1.06 19.19
N ASN A 104 -1.13 -0.04 19.97
CA ASN A 104 -2.10 0.78 20.66
C ASN A 104 -2.36 2.07 19.88
N VAL A 105 -3.19 1.98 18.85
CA VAL A 105 -3.52 3.14 18.03
C VAL A 105 -4.94 3.05 17.50
N GLN A 9 -19.90 -18.44 -16.70
CA GLN A 9 -19.45 -17.10 -17.02
C GLN A 9 -17.94 -17.06 -17.20
N ARG A 10 -17.47 -16.14 -18.03
CA ARG A 10 -16.05 -16.00 -18.30
C ARG A 10 -15.49 -14.74 -17.63
N ARG A 11 -16.27 -14.17 -16.72
CA ARG A 11 -15.86 -12.95 -16.01
C ARG A 11 -14.91 -13.28 -14.87
N ILE A 12 -13.83 -12.51 -14.75
CA ILE A 12 -12.86 -12.72 -13.70
C ILE A 12 -12.87 -11.55 -12.72
N ARG A 13 -12.46 -11.82 -11.47
CA ARG A 13 -12.42 -10.80 -10.43
C ARG A 13 -13.82 -10.30 -10.10
N ARG A 14 -14.25 -10.54 -8.87
CA ARG A 14 -15.58 -10.12 -8.44
C ARG A 14 -15.64 -9.87 -6.92
N PRO A 15 -15.19 -10.81 -6.07
CA PRO A 15 -15.23 -10.65 -4.62
C PRO A 15 -14.21 -9.62 -4.12
N PHE A 16 -12.93 -9.90 -4.30
CA PHE A 16 -11.88 -8.99 -3.87
C PHE A 16 -11.28 -8.24 -5.05
N SER A 17 -10.50 -7.21 -4.74
CA SER A 17 -9.86 -6.39 -5.76
C SER A 17 -8.98 -5.33 -5.11
N VAL A 18 -8.27 -4.56 -5.92
CA VAL A 18 -7.40 -3.50 -5.40
C VAL A 18 -8.18 -2.55 -4.50
N ALA A 19 -9.47 -2.40 -4.80
CA ALA A 19 -10.35 -1.54 -4.01
C ALA A 19 -10.40 -2.01 -2.56
N GLU A 20 -10.60 -3.30 -2.38
CA GLU A 20 -10.66 -3.88 -1.03
C GLU A 20 -9.30 -3.74 -0.35
N VAL A 21 -8.24 -4.00 -1.11
CA VAL A 21 -6.89 -3.89 -0.60
C VAL A 21 -6.67 -2.54 0.08
N GLU A 22 -7.31 -1.50 -0.47
CA GLU A 22 -7.21 -0.16 0.10
C GLU A 22 -7.53 -0.20 1.59
N ALA A 23 -8.65 -0.82 1.93
CA ALA A 23 -9.07 -0.94 3.32
C ALA A 23 -7.99 -1.69 4.10
N LEU A 24 -7.50 -2.77 3.51
CA LEU A 24 -6.47 -3.58 4.14
C LEU A 24 -5.24 -2.72 4.44
N VAL A 25 -5.03 -1.70 3.62
CA VAL A 25 -3.91 -0.78 3.80
C VAL A 25 -4.13 0.08 5.03
N GLN A 26 -5.36 0.54 5.23
CA GLN A 26 -5.70 1.36 6.38
C GLN A 26 -5.58 0.56 7.66
N ALA A 27 -5.63 -0.76 7.53
CA ALA A 27 -5.53 -1.65 8.68
C ALA A 27 -4.08 -2.01 8.99
N VAL A 28 -3.27 -2.19 7.94
CA VAL A 28 -1.86 -2.56 8.12
C VAL A 28 -0.95 -1.35 8.33
N GLU A 29 -1.43 -0.16 7.97
CA GLU A 29 -0.63 1.06 8.13
C GLU A 29 -0.17 1.26 9.57
N LYS A 30 -0.71 0.48 10.50
CA LYS A 30 -0.34 0.60 11.90
C LYS A 30 0.63 -0.50 12.33
N LEU A 31 0.33 -1.74 11.97
CA LEU A 31 1.18 -2.87 12.34
C LEU A 31 1.76 -3.56 11.10
N GLY A 32 2.01 -2.76 10.06
CA GLY A 32 2.56 -3.30 8.83
C GLY A 32 4.01 -3.71 8.96
N THR A 33 4.57 -4.23 7.88
CA THR A 33 5.97 -4.66 7.87
C THR A 33 6.55 -4.61 6.46
N GLY A 34 5.76 -5.04 5.49
CA GLY A 34 6.21 -5.05 4.11
C GLY A 34 5.11 -5.41 3.13
N ARG A 35 3.85 -5.22 3.56
CA ARG A 35 2.69 -5.53 2.72
C ARG A 35 2.84 -6.87 2.01
N TRP A 36 3.61 -7.77 2.59
CA TRP A 36 3.83 -9.09 2.01
C TRP A 36 2.50 -9.78 1.73
N ARG A 37 1.59 -9.69 2.70
CA ARG A 37 0.28 -10.31 2.56
C ARG A 37 -0.58 -9.56 1.55
N ASP A 38 -0.36 -8.26 1.45
CA ASP A 38 -1.12 -7.42 0.52
C ASP A 38 -0.76 -7.78 -0.91
N VAL A 39 0.52 -7.66 -1.25
CA VAL A 39 0.98 -7.98 -2.59
C VAL A 39 0.63 -9.41 -2.97
N LYS A 40 0.59 -10.30 -1.97
CA LYS A 40 0.26 -11.69 -2.19
C LYS A 40 -1.17 -11.87 -2.70
N LEU A 41 -2.12 -11.25 -2.00
CA LEU A 41 -3.53 -11.36 -2.38
C LEU A 41 -4.10 -10.03 -2.86
N CYS A 42 -3.24 -9.16 -3.37
CA CYS A 42 -3.68 -7.86 -3.86
C CYS A 42 -4.83 -8.03 -4.85
N ALA A 43 -4.64 -8.98 -5.76
CA ALA A 43 -5.64 -9.29 -6.79
C ALA A 43 -5.09 -10.33 -7.77
N PHE A 44 -4.20 -11.18 -7.30
CA PHE A 44 -3.57 -12.19 -8.13
C PHE A 44 -2.75 -11.49 -9.18
N GLU A 45 -2.51 -10.20 -8.93
CA GLU A 45 -1.76 -9.36 -9.84
C GLU A 45 -0.26 -9.48 -9.58
N ASP A 46 0.13 -9.26 -8.32
CA ASP A 46 1.54 -9.33 -7.95
C ASP A 46 1.78 -10.50 -7.00
N ALA A 47 0.95 -11.53 -7.11
CA ALA A 47 1.08 -12.71 -6.26
C ALA A 47 2.39 -13.44 -6.54
N ASP A 48 3.15 -12.97 -7.53
CA ASP A 48 4.42 -13.57 -7.89
C ASP A 48 5.58 -12.78 -7.31
N HIS A 49 5.29 -11.53 -6.92
CA HIS A 49 6.30 -10.64 -6.34
C HIS A 49 7.42 -10.35 -7.35
N ARG A 50 7.41 -9.14 -7.90
CA ARG A 50 8.43 -8.75 -8.88
C ARG A 50 9.73 -8.37 -8.17
N THR A 51 9.79 -7.15 -7.66
CA THR A 51 10.98 -6.66 -6.96
C THR A 51 10.60 -5.70 -5.84
N TYR A 52 11.59 -5.24 -5.09
CA TYR A 52 11.36 -4.31 -3.98
C TYR A 52 10.72 -3.01 -4.46
N VAL A 53 11.23 -2.43 -5.54
CA VAL A 53 10.69 -1.18 -6.06
C VAL A 53 9.39 -1.43 -6.82
N ASP A 54 9.39 -2.42 -7.70
CA ASP A 54 8.20 -2.75 -8.47
C ASP A 54 7.01 -2.96 -7.55
N LEU A 55 7.21 -3.76 -6.50
CA LEU A 55 6.16 -4.03 -5.52
C LEU A 55 5.76 -2.73 -4.84
N LYS A 56 6.76 -1.89 -4.54
CA LYS A 56 6.52 -0.62 -3.89
C LYS A 56 5.80 0.34 -4.83
N ASP A 57 5.90 0.07 -6.13
CA ASP A 57 5.25 0.91 -7.13
C ASP A 57 3.75 0.62 -7.16
N LYS A 58 3.40 -0.66 -7.13
CA LYS A 58 2.01 -1.08 -7.15
C LYS A 58 1.32 -0.62 -5.87
N TRP A 59 2.09 -0.52 -4.80
CA TRP A 59 1.57 -0.09 -3.49
C TRP A 59 1.43 1.44 -3.47
N LYS A 60 2.48 2.13 -3.88
CA LYS A 60 2.49 3.58 -3.92
C LYS A 60 1.34 4.10 -4.80
N THR A 61 1.03 3.34 -5.84
CA THR A 61 -0.05 3.71 -6.75
C THR A 61 -1.38 3.24 -6.20
N LEU A 62 -1.31 2.20 -5.39
CA LEU A 62 -2.49 1.63 -4.76
C LEU A 62 -3.12 2.65 -3.81
N VAL A 63 -2.28 3.48 -3.21
CA VAL A 63 -2.75 4.50 -2.29
C VAL A 63 -3.04 5.80 -3.04
N HIS A 64 -2.14 6.18 -3.94
CA HIS A 64 -2.30 7.38 -4.74
C HIS A 64 -3.62 7.35 -5.50
N THR A 65 -4.02 6.15 -5.91
CA THR A 65 -5.26 5.97 -6.64
C THR A 65 -6.49 6.00 -5.73
N ALA A 66 -6.27 5.73 -4.44
CA ALA A 66 -7.35 5.72 -3.47
C ALA A 66 -8.00 7.10 -3.36
N LYS A 67 -7.39 7.98 -2.57
CA LYS A 67 -7.92 9.33 -2.38
C LYS A 67 -6.86 10.26 -1.81
N ILE A 68 -5.60 10.06 -2.24
CA ILE A 68 -4.50 10.87 -1.77
C ILE A 68 -4.68 12.34 -2.17
N SER A 69 -5.46 12.56 -3.22
CA SER A 69 -5.73 13.90 -3.71
C SER A 69 -4.43 14.63 -4.05
N PRO A 70 -3.82 14.28 -5.19
CA PRO A 70 -2.56 14.89 -5.63
C PRO A 70 -2.77 16.27 -6.24
N GLN A 71 -3.94 16.47 -6.85
CA GLN A 71 -4.26 17.75 -7.48
C GLN A 71 -4.74 18.76 -6.44
N GLN A 72 -5.68 18.33 -5.61
CA GLN A 72 -6.25 19.17 -4.55
C GLN A 72 -7.11 20.29 -5.13
N ARG A 73 -6.93 20.59 -6.40
CA ARG A 73 -7.69 21.64 -7.06
C ARG A 73 -7.89 21.33 -8.55
N ARG A 74 -6.85 21.57 -9.34
CA ARG A 74 -6.92 21.32 -10.78
C ARG A 74 -5.60 20.75 -11.28
N GLY A 75 -4.55 21.58 -11.26
CA GLY A 75 -3.24 21.14 -11.72
C GLY A 75 -2.28 20.88 -10.57
N GLU A 76 -1.10 20.39 -10.90
CA GLU A 76 -0.08 20.09 -9.90
C GLU A 76 1.29 19.90 -10.55
N PRO A 77 2.38 20.16 -9.80
CA PRO A 77 3.74 20.01 -10.32
C PRO A 77 4.14 18.55 -10.50
N VAL A 78 4.61 17.93 -9.43
CA VAL A 78 5.01 16.53 -9.46
C VAL A 78 4.43 15.77 -8.27
N PRO A 79 3.90 14.54 -8.51
CA PRO A 79 3.31 13.73 -7.45
C PRO A 79 4.37 13.04 -6.58
N GLN A 80 5.02 13.80 -5.72
CA GLN A 80 6.04 13.27 -4.84
C GLN A 80 5.46 12.93 -3.47
N GLU A 81 4.38 13.62 -3.12
CA GLU A 81 3.71 13.41 -1.84
C GLU A 81 3.38 11.94 -1.60
N LEU A 82 3.03 11.23 -2.67
CA LEU A 82 2.69 9.82 -2.56
C LEU A 82 3.90 8.99 -2.13
N LEU A 83 4.96 9.04 -2.92
CA LEU A 83 6.18 8.30 -2.61
C LEU A 83 6.77 8.72 -1.27
N ASN A 84 6.46 9.95 -0.87
CA ASN A 84 6.95 10.48 0.40
C ASN A 84 6.30 9.75 1.57
N ARG A 85 4.97 9.67 1.55
CA ARG A 85 4.22 8.99 2.59
C ARG A 85 4.35 7.48 2.47
N VAL A 86 4.72 7.03 1.27
CA VAL A 86 4.90 5.61 1.00
C VAL A 86 6.18 5.09 1.66
N LEU A 87 7.31 5.69 1.29
CA LEU A 87 8.60 5.31 1.85
C LEU A 87 8.62 5.56 3.34
N ASN A 88 7.86 6.56 3.78
CA ASN A 88 7.79 6.90 5.20
C ASN A 88 7.01 5.84 5.96
N ALA A 89 5.85 5.47 5.41
CA ALA A 89 4.99 4.46 6.03
C ALA A 89 5.74 3.16 6.25
N HIS A 90 6.32 2.62 5.17
CA HIS A 90 7.07 1.37 5.24
C HIS A 90 8.20 1.48 6.26
N GLY A 91 9.02 2.51 6.08
CA GLY A 91 10.14 2.74 6.99
C GLY A 91 9.68 2.78 8.44
N TYR A 92 8.49 3.33 8.66
CA TYR A 92 7.93 3.42 10.00
C TYR A 92 7.65 2.03 10.56
N TRP A 93 7.14 1.15 9.71
CA TRP A 93 6.84 -0.21 10.14
C TRP A 93 8.09 -0.89 10.70
N THR A 94 9.13 -0.95 9.89
CA THR A 94 10.39 -1.58 10.30
C THR A 94 11.10 -0.80 11.40
N GLN A 95 11.23 0.50 11.22
CA GLN A 95 11.91 1.35 12.20
C GLN A 95 11.18 1.37 13.53
N GLN A 96 9.93 1.84 13.52
CA GLN A 96 9.14 1.92 14.73
C GLN A 96 8.95 0.54 15.36
N GLN A 97 9.08 -0.49 14.54
CA GLN A 97 8.92 -1.87 15.01
C GLN A 97 7.54 -2.08 15.63
N MET A 98 6.51 -1.65 14.93
CA MET A 98 5.13 -1.78 15.41
C MET A 98 4.96 -1.11 16.77
N GLN A 99 5.76 -0.07 17.01
CA GLN A 99 5.70 0.67 18.27
C GLN A 99 6.05 -0.24 19.45
N GLN A 100 6.90 -1.23 19.19
CA GLN A 100 7.32 -2.17 20.22
C GLN A 100 6.12 -2.94 20.78
N LEU A 101 5.00 -2.88 20.07
CA LEU A 101 3.79 -3.57 20.49
C LEU A 101 3.38 -3.16 21.91
N GLN A 102 3.46 -1.86 22.19
CA GLN A 102 3.10 -1.35 23.51
C GLN A 102 1.69 -1.77 23.90
N GLN A 103 0.70 -1.10 23.33
CA GLN A 103 -0.70 -1.40 23.62
C GLN A 103 -1.63 -0.67 22.66
N ASN A 104 -1.72 0.65 22.82
CA ASN A 104 -2.57 1.46 21.97
C ASN A 104 -1.92 1.68 20.61
N VAL A 105 -1.94 0.65 19.77
CA VAL A 105 -1.35 0.73 18.44
C VAL A 105 -2.05 1.80 17.59
N GLN A 9 -15.61 -26.12 -9.98
CA GLN A 9 -14.91 -24.85 -9.84
C GLN A 9 -15.46 -24.04 -8.67
N ARG A 10 -16.77 -23.80 -8.70
CA ARG A 10 -17.45 -23.05 -7.65
C ARG A 10 -16.85 -21.65 -7.51
N ARG A 11 -16.14 -21.22 -8.55
CA ARG A 11 -15.53 -19.89 -8.55
C ARG A 11 -16.19 -18.98 -9.57
N ILE A 12 -16.43 -17.73 -9.17
CA ILE A 12 -17.07 -16.76 -10.06
C ILE A 12 -16.02 -15.83 -10.68
N ARG A 13 -15.52 -14.90 -9.89
CA ARG A 13 -14.52 -13.95 -10.35
C ARG A 13 -13.51 -13.62 -9.25
N ARG A 14 -12.81 -12.51 -9.42
CA ARG A 14 -11.81 -12.09 -8.44
C ARG A 14 -12.47 -11.83 -7.08
N PRO A 15 -11.97 -12.46 -5.99
CA PRO A 15 -12.53 -12.28 -4.65
C PRO A 15 -12.20 -10.90 -4.07
N PHE A 16 -10.95 -10.47 -4.23
CA PHE A 16 -10.52 -9.18 -3.73
C PHE A 16 -9.94 -8.32 -4.84
N SER A 17 -9.84 -7.03 -4.60
CA SER A 17 -9.30 -6.09 -5.58
C SER A 17 -8.76 -4.84 -4.90
N VAL A 18 -8.18 -3.94 -5.70
CA VAL A 18 -7.62 -2.69 -5.18
C VAL A 18 -8.59 -2.01 -4.21
N ALA A 19 -9.88 -2.17 -4.45
CA ALA A 19 -10.90 -1.57 -3.60
C ALA A 19 -10.84 -2.14 -2.19
N GLU A 20 -10.84 -3.46 -2.09
CA GLU A 20 -10.78 -4.13 -0.78
C GLU A 20 -9.44 -3.88 -0.10
N VAL A 21 -8.37 -3.93 -0.88
CA VAL A 21 -7.03 -3.71 -0.35
C VAL A 21 -6.93 -2.33 0.31
N GLU A 22 -7.71 -1.37 -0.19
CA GLU A 22 -7.70 -0.02 0.37
C GLU A 22 -7.87 -0.08 1.88
N ALA A 23 -8.96 -0.70 2.32
CA ALA A 23 -9.23 -0.85 3.74
C ALA A 23 -8.09 -1.64 4.40
N LEU A 24 -7.64 -2.67 3.70
CA LEU A 24 -6.55 -3.50 4.19
C LEU A 24 -5.31 -2.66 4.45
N VAL A 25 -5.16 -1.57 3.68
CA VAL A 25 -4.04 -0.67 3.84
C VAL A 25 -4.20 0.19 5.08
N GLN A 26 -5.44 0.61 5.34
CA GLN A 26 -5.74 1.43 6.51
C GLN A 26 -5.52 0.64 7.79
N ALA A 27 -5.56 -0.69 7.69
CA ALA A 27 -5.36 -1.57 8.83
C ALA A 27 -3.89 -1.90 9.06
N VAL A 28 -3.14 -2.07 7.96
CA VAL A 28 -1.72 -2.42 8.04
C VAL A 28 -0.82 -1.19 8.20
N GLU A 29 -1.34 -0.02 7.87
CA GLU A 29 -0.56 1.21 7.98
C GLU A 29 -0.05 1.44 9.40
N LYS A 30 -0.55 0.65 10.35
CA LYS A 30 -0.14 0.79 11.74
C LYS A 30 0.76 -0.37 12.18
N LEU A 31 0.34 -1.60 11.88
CA LEU A 31 1.10 -2.78 12.25
C LEU A 31 1.72 -3.46 11.03
N GLY A 32 2.00 -2.67 10.01
CA GLY A 32 2.59 -3.21 8.78
C GLY A 32 4.03 -3.65 8.97
N THR A 33 4.63 -4.13 7.89
CA THR A 33 6.01 -4.58 7.91
C THR A 33 6.72 -4.28 6.60
N GLY A 34 6.09 -4.65 5.50
CA GLY A 34 6.68 -4.41 4.18
C GLY A 34 5.67 -4.60 3.07
N ARG A 35 4.39 -4.48 3.40
CA ARG A 35 3.29 -4.62 2.45
C ARG A 35 3.53 -5.80 1.49
N TRP A 36 4.32 -6.77 1.94
CA TRP A 36 4.62 -7.94 1.12
C TRP A 36 3.41 -8.85 1.00
N ARG A 37 2.73 -9.08 2.11
CA ARG A 37 1.55 -9.94 2.12
C ARG A 37 0.37 -9.28 1.42
N ASP A 38 0.28 -7.96 1.55
CA ASP A 38 -0.80 -7.20 0.94
C ASP A 38 -0.70 -7.21 -0.58
N VAL A 39 0.39 -6.66 -1.11
CA VAL A 39 0.59 -6.59 -2.55
C VAL A 39 0.55 -7.97 -3.19
N LYS A 40 1.12 -8.97 -2.51
CA LYS A 40 1.13 -10.33 -3.03
C LYS A 40 -0.27 -10.90 -3.13
N LEU A 41 -1.15 -10.52 -2.19
CA LEU A 41 -2.51 -11.00 -2.19
C LEU A 41 -3.49 -9.88 -2.51
N CYS A 42 -2.98 -8.81 -3.10
CA CYS A 42 -3.81 -7.66 -3.46
C CYS A 42 -5.02 -8.12 -4.28
N ALA A 43 -4.75 -8.91 -5.31
CA ALA A 43 -5.79 -9.43 -6.19
C ALA A 43 -5.19 -10.28 -7.30
N PHE A 44 -4.06 -10.91 -7.02
CA PHE A 44 -3.35 -11.73 -7.99
C PHE A 44 -2.78 -10.79 -9.05
N GLU A 45 -2.75 -9.52 -8.68
CA GLU A 45 -2.26 -8.48 -9.57
C GLU A 45 -0.73 -8.47 -9.58
N ASP A 46 -0.14 -8.39 -8.39
CA ASP A 46 1.31 -8.38 -8.26
C ASP A 46 1.76 -9.58 -7.42
N ALA A 47 0.93 -10.63 -7.41
CA ALA A 47 1.24 -11.83 -6.66
C ALA A 47 2.56 -12.46 -7.12
N ASP A 48 2.97 -12.13 -8.35
CA ASP A 48 4.21 -12.65 -8.90
C ASP A 48 5.41 -11.87 -8.37
N HIS A 49 5.13 -10.79 -7.66
CA HIS A 49 6.16 -9.92 -7.08
C HIS A 49 7.38 -9.77 -8.00
N ARG A 50 7.34 -8.76 -8.86
CA ARG A 50 8.43 -8.51 -9.80
C ARG A 50 9.74 -8.24 -9.06
N THR A 51 9.78 -7.13 -8.33
CA THR A 51 10.98 -6.77 -7.57
C THR A 51 10.61 -5.97 -6.33
N TYR A 52 11.60 -5.58 -5.55
CA TYR A 52 11.37 -4.81 -4.32
C TYR A 52 10.74 -3.45 -4.62
N VAL A 53 11.31 -2.73 -5.59
CA VAL A 53 10.77 -1.41 -5.95
C VAL A 53 9.53 -1.55 -6.84
N ASP A 54 9.54 -2.54 -7.72
CA ASP A 54 8.40 -2.77 -8.61
C ASP A 54 7.16 -3.11 -7.80
N LEU A 55 7.33 -3.99 -6.82
CA LEU A 55 6.24 -4.40 -5.96
C LEU A 55 5.75 -3.22 -5.13
N LYS A 56 6.69 -2.54 -4.48
CA LYS A 56 6.35 -1.39 -3.66
C LYS A 56 5.70 -0.32 -4.52
N ASP A 57 6.03 -0.31 -5.81
CA ASP A 57 5.47 0.64 -6.75
C ASP A 57 3.98 0.40 -6.89
N LYS A 58 3.62 -0.86 -7.13
CA LYS A 58 2.22 -1.23 -7.28
C LYS A 58 1.45 -0.84 -6.02
N TRP A 59 2.15 -0.84 -4.89
CA TRP A 59 1.56 -0.46 -3.62
C TRP A 59 1.34 1.05 -3.55
N LYS A 60 2.38 1.80 -3.91
CA LYS A 60 2.32 3.26 -3.91
C LYS A 60 1.18 3.74 -4.80
N THR A 61 0.90 2.98 -5.85
CA THR A 61 -0.17 3.32 -6.78
C THR A 61 -1.51 2.86 -6.25
N LEU A 62 -1.47 1.82 -5.43
CA LEU A 62 -2.67 1.26 -4.82
C LEU A 62 -3.27 2.27 -3.85
N VAL A 63 -2.42 3.07 -3.23
CA VAL A 63 -2.87 4.07 -2.27
C VAL A 63 -3.14 5.41 -2.96
N HIS A 64 -2.24 5.80 -3.86
CA HIS A 64 -2.39 7.07 -4.59
C HIS A 64 -3.68 7.06 -5.40
N THR A 65 -4.10 5.87 -5.83
CA THR A 65 -5.31 5.73 -6.63
C THR A 65 -6.56 5.74 -5.74
N ALA A 66 -6.38 5.39 -4.47
CA ALA A 66 -7.49 5.34 -3.53
C ALA A 66 -8.20 6.68 -3.43
N LYS A 67 -7.66 7.58 -2.60
CA LYS A 67 -8.24 8.90 -2.43
C LYS A 67 -7.23 9.87 -1.84
N ILE A 68 -5.95 9.53 -1.95
CA ILE A 68 -4.88 10.37 -1.44
C ILE A 68 -4.85 11.72 -2.16
N SER A 69 -5.39 11.74 -3.38
CA SER A 69 -5.42 12.96 -4.18
C SER A 69 -4.03 13.57 -4.33
N PRO A 70 -3.12 12.87 -5.02
CA PRO A 70 -1.75 13.34 -5.24
C PRO A 70 -1.67 14.40 -6.34
N GLN A 71 -2.81 14.69 -6.95
CA GLN A 71 -2.88 15.68 -8.02
C GLN A 71 -2.53 17.07 -7.48
N GLN A 72 -3.13 17.43 -6.35
CA GLN A 72 -2.90 18.73 -5.73
C GLN A 72 -3.16 19.86 -6.73
N ARG A 73 -4.09 19.61 -7.65
CA ARG A 73 -4.45 20.59 -8.67
C ARG A 73 -3.26 20.92 -9.55
N ARG A 74 -3.38 21.99 -10.33
CA ARG A 74 -2.30 22.41 -11.23
C ARG A 74 -1.18 23.11 -10.45
N GLY A 75 -1.29 23.10 -9.13
CA GLY A 75 -0.28 23.73 -8.29
C GLY A 75 1.07 23.05 -8.40
N GLU A 76 1.14 21.79 -7.94
CA GLU A 76 2.39 21.04 -7.98
C GLU A 76 2.51 20.28 -9.31
N PRO A 77 3.74 20.14 -9.84
CA PRO A 77 3.98 19.44 -11.09
C PRO A 77 3.84 17.92 -10.96
N VAL A 78 4.92 17.27 -10.58
CA VAL A 78 4.92 15.80 -10.42
C VAL A 78 4.51 15.42 -9.00
N PRO A 79 3.62 14.41 -8.86
CA PRO A 79 3.16 13.95 -7.55
C PRO A 79 4.23 13.19 -6.79
N GLN A 80 4.88 13.87 -5.85
CA GLN A 80 5.93 13.27 -5.05
C GLN A 80 5.38 12.78 -3.71
N GLU A 81 4.25 13.37 -3.31
CA GLU A 81 3.60 13.01 -2.05
C GLU A 81 3.42 11.51 -1.91
N LEU A 82 3.05 10.84 -2.99
CA LEU A 82 2.85 9.39 -2.97
C LEU A 82 4.14 8.66 -2.57
N LEU A 83 5.27 9.18 -3.02
CA LEU A 83 6.57 8.56 -2.72
C LEU A 83 7.00 8.85 -1.29
N ASN A 84 6.80 10.09 -0.86
CA ASN A 84 7.18 10.50 0.48
C ASN A 84 6.34 9.80 1.55
N ARG A 85 5.05 9.63 1.27
CA ARG A 85 4.14 9.00 2.22
C ARG A 85 4.35 7.49 2.28
N VAL A 86 4.66 6.88 1.14
CA VAL A 86 4.88 5.43 1.09
C VAL A 86 6.22 5.06 1.72
N LEU A 87 7.26 5.81 1.40
CA LEU A 87 8.59 5.55 1.94
C LEU A 87 8.59 5.77 3.46
N ASN A 88 7.79 6.74 3.90
CA ASN A 88 7.70 7.07 5.32
C ASN A 88 6.96 5.96 6.07
N ALA A 89 5.76 5.63 5.60
CA ALA A 89 4.95 4.59 6.21
C ALA A 89 5.73 3.28 6.34
N HIS A 90 6.45 2.93 5.27
CA HIS A 90 7.25 1.70 5.26
C HIS A 90 8.31 1.76 6.35
N GLY A 91 9.12 2.82 6.31
CA GLY A 91 10.16 3.00 7.31
C GLY A 91 9.61 2.93 8.71
N TYR A 92 8.38 3.40 8.87
CA TYR A 92 7.70 3.39 10.17
C TYR A 92 7.50 1.96 10.64
N TRP A 93 7.00 1.10 9.75
CA TRP A 93 6.78 -0.30 10.11
C TRP A 93 8.06 -0.92 10.65
N THR A 94 9.09 -0.93 9.80
CA THR A 94 10.38 -1.49 10.18
C THR A 94 10.92 -0.85 11.45
N GLN A 95 10.77 0.47 11.55
CA GLN A 95 11.24 1.20 12.73
C GLN A 95 10.25 1.08 13.88
N GLN A 96 9.07 0.52 13.59
CA GLN A 96 8.04 0.35 14.59
C GLN A 96 8.30 -0.95 15.37
N GLN A 97 8.99 -1.88 14.72
CA GLN A 97 9.32 -3.17 15.32
C GLN A 97 8.07 -4.02 15.48
N MET A 98 7.00 -3.63 14.82
CA MET A 98 5.73 -4.35 14.88
C MET A 98 5.28 -4.54 16.33
N GLN A 99 5.82 -3.73 17.23
CA GLN A 99 5.49 -3.83 18.65
C GLN A 99 4.29 -2.92 18.98
N GLN A 100 3.92 -2.07 18.04
CA GLN A 100 2.79 -1.15 18.23
C GLN A 100 3.01 -0.28 19.46
N LEU A 101 4.27 -0.06 19.82
CA LEU A 101 4.62 0.76 20.98
C LEU A 101 3.96 2.13 20.89
N GLN A 102 3.96 2.71 19.69
CA GLN A 102 3.36 4.03 19.48
C GLN A 102 1.88 3.89 19.10
N GLN A 103 1.02 4.53 19.88
CA GLN A 103 -0.42 4.48 19.63
C GLN A 103 -0.88 5.72 18.87
N ASN A 104 0.05 6.64 18.64
CA ASN A 104 -0.25 7.86 17.91
C ASN A 104 -0.34 7.60 16.41
N VAL A 105 -1.48 7.08 15.97
CA VAL A 105 -1.70 6.79 14.56
C VAL A 105 -3.07 7.27 14.10
N GLN A 9 -13.65 -23.59 -17.04
CA GLN A 9 -12.94 -24.68 -16.38
C GLN A 9 -13.56 -24.97 -15.02
N ARG A 10 -14.71 -24.38 -14.75
CA ARG A 10 -15.41 -24.56 -13.48
C ARG A 10 -14.54 -24.14 -12.31
N ARG A 11 -13.53 -23.32 -12.58
CA ARG A 11 -12.62 -22.83 -11.55
C ARG A 11 -13.07 -21.47 -11.03
N ILE A 12 -13.62 -21.45 -9.83
CA ILE A 12 -14.08 -20.20 -9.22
C ILE A 12 -13.02 -19.62 -8.30
N ARG A 13 -12.70 -18.34 -8.50
CA ARG A 13 -11.71 -17.67 -7.69
C ARG A 13 -12.37 -16.62 -6.79
N ARG A 14 -11.55 -15.79 -6.14
CA ARG A 14 -12.05 -14.75 -5.25
C ARG A 14 -12.21 -13.43 -6.00
N PRO A 15 -13.32 -12.70 -5.76
CA PRO A 15 -13.58 -11.42 -6.42
C PRO A 15 -12.77 -10.28 -5.80
N PHE A 16 -11.97 -10.60 -4.79
CA PHE A 16 -11.16 -9.60 -4.11
C PHE A 16 -10.08 -9.05 -5.05
N SER A 17 -10.02 -7.73 -5.14
CA SER A 17 -9.04 -7.06 -5.98
C SER A 17 -8.42 -5.88 -5.25
N VAL A 18 -7.58 -5.11 -5.95
CA VAL A 18 -6.92 -3.96 -5.35
C VAL A 18 -7.94 -3.03 -4.69
N ALA A 19 -9.19 -3.12 -5.13
CA ALA A 19 -10.26 -2.30 -4.57
C ALA A 19 -10.38 -2.52 -3.07
N GLU A 20 -10.59 -3.77 -2.67
CA GLU A 20 -10.71 -4.12 -1.27
C GLU A 20 -9.36 -3.96 -0.57
N VAL A 21 -8.29 -4.25 -1.32
CA VAL A 21 -6.94 -4.12 -0.80
C VAL A 21 -6.69 -2.71 -0.28
N GLU A 22 -7.43 -1.74 -0.81
CA GLU A 22 -7.29 -0.35 -0.39
C GLU A 22 -7.44 -0.25 1.12
N ALA A 23 -8.53 -0.79 1.64
CA ALA A 23 -8.79 -0.76 3.07
C ALA A 23 -7.81 -1.66 3.81
N LEU A 24 -7.48 -2.80 3.20
CA LEU A 24 -6.55 -3.75 3.77
C LEU A 24 -5.22 -3.07 4.12
N VAL A 25 -4.58 -2.51 3.09
CA VAL A 25 -3.31 -1.83 3.28
C VAL A 25 -3.47 -0.62 4.19
N GLN A 26 -4.68 -0.06 4.23
CA GLN A 26 -4.97 1.07 5.08
C GLN A 26 -4.92 0.65 6.55
N ALA A 27 -5.12 -0.64 6.77
CA ALA A 27 -5.07 -1.21 8.11
C ALA A 27 -3.66 -1.63 8.50
N VAL A 28 -2.86 -1.99 7.50
CA VAL A 28 -1.48 -2.43 7.75
C VAL A 28 -0.50 -1.26 7.81
N GLU A 29 -0.90 -0.11 7.27
CA GLU A 29 -0.02 1.06 7.28
C GLU A 29 0.27 1.53 8.70
N LYS A 30 -0.45 0.98 9.67
CA LYS A 30 -0.25 1.38 11.07
C LYS A 30 0.46 0.28 11.87
N LEU A 31 0.09 -0.98 11.63
CA LEU A 31 0.70 -2.10 12.35
C LEU A 31 1.34 -3.10 11.40
N GLY A 32 1.81 -2.61 10.26
CA GLY A 32 2.43 -3.48 9.27
C GLY A 32 3.89 -3.76 9.59
N THR A 33 4.58 -4.40 8.65
CA THR A 33 5.99 -4.74 8.83
C THR A 33 6.75 -4.67 7.51
N GLY A 34 6.07 -4.99 6.41
CA GLY A 34 6.71 -4.95 5.11
C GLY A 34 5.76 -5.29 3.98
N ARG A 35 4.47 -5.02 4.20
CA ARG A 35 3.42 -5.30 3.22
C ARG A 35 3.64 -6.62 2.49
N TRP A 36 4.32 -7.56 3.18
CA TRP A 36 4.60 -8.86 2.61
C TRP A 36 3.35 -9.73 2.55
N ARG A 37 2.56 -9.69 3.62
CA ARG A 37 1.33 -10.46 3.68
C ARG A 37 0.32 -9.94 2.67
N ASP A 38 0.37 -8.62 2.45
CA ASP A 38 -0.53 -7.98 1.50
C ASP A 38 -0.23 -8.42 0.08
N VAL A 39 1.01 -8.23 -0.36
CA VAL A 39 1.41 -8.62 -1.71
C VAL A 39 1.16 -10.10 -1.96
N LYS A 40 1.22 -10.90 -0.91
CA LYS A 40 1.00 -12.34 -1.03
C LYS A 40 -0.45 -12.67 -1.34
N LEU A 41 -1.37 -12.09 -0.58
CA LEU A 41 -2.79 -12.34 -0.78
C LEU A 41 -3.54 -11.10 -1.27
N CYS A 42 -2.82 -10.20 -1.93
CA CYS A 42 -3.43 -8.98 -2.44
C CYS A 42 -4.65 -9.33 -3.29
N ALA A 43 -4.45 -10.29 -4.18
CA ALA A 43 -5.52 -10.76 -5.07
C ALA A 43 -5.00 -11.84 -6.01
N PHE A 44 -3.99 -12.57 -5.56
CA PHE A 44 -3.39 -13.62 -6.37
C PHE A 44 -2.71 -12.98 -7.56
N GLU A 45 -2.57 -11.66 -7.48
CA GLU A 45 -1.96 -10.89 -8.53
C GLU A 45 -0.45 -10.85 -8.37
N ASP A 46 0.02 -10.54 -7.17
CA ASP A 46 1.44 -10.47 -6.89
C ASP A 46 1.86 -11.54 -5.88
N ALA A 47 1.09 -12.62 -5.83
CA ALA A 47 1.37 -13.72 -4.92
C ALA A 47 2.72 -14.37 -5.24
N ASP A 48 3.24 -14.09 -6.43
CA ASP A 48 4.52 -14.64 -6.87
C ASP A 48 5.65 -13.65 -6.60
N HIS A 49 5.28 -12.44 -6.18
CA HIS A 49 6.25 -11.39 -5.88
C HIS A 49 7.03 -11.00 -7.13
N ARG A 50 6.71 -9.83 -7.68
CA ARG A 50 7.38 -9.33 -8.87
C ARG A 50 8.69 -8.63 -8.52
N THR A 51 8.57 -7.49 -7.84
CA THR A 51 9.74 -6.71 -7.44
C THR A 51 9.42 -5.83 -6.24
N TYR A 52 10.44 -5.50 -5.45
CA TYR A 52 10.24 -4.67 -4.27
C TYR A 52 9.73 -3.27 -4.63
N VAL A 53 10.33 -2.65 -5.64
CA VAL A 53 9.89 -1.32 -6.07
C VAL A 53 8.62 -1.38 -6.90
N ASP A 54 8.46 -2.45 -7.67
CA ASP A 54 7.26 -2.62 -8.49
C ASP A 54 6.03 -2.84 -7.61
N LEU A 55 6.18 -3.70 -6.61
CA LEU A 55 5.08 -3.98 -5.69
C LEU A 55 4.73 -2.74 -4.90
N LYS A 56 5.73 -2.15 -4.26
CA LYS A 56 5.52 -0.93 -3.48
C LYS A 56 4.90 0.14 -4.36
N ASP A 57 5.20 0.07 -5.66
CA ASP A 57 4.67 1.02 -6.62
C ASP A 57 3.15 0.87 -6.69
N LYS A 58 2.71 -0.37 -6.73
CA LYS A 58 1.28 -0.67 -6.76
C LYS A 58 0.59 -0.09 -5.53
N TRP A 59 1.33 -0.06 -4.42
CA TRP A 59 0.81 0.48 -3.17
C TRP A 59 0.94 2.00 -3.16
N LYS A 60 1.98 2.47 -3.84
CA LYS A 60 2.26 3.90 -3.96
C LYS A 60 1.18 4.58 -4.79
N THR A 61 0.75 3.89 -5.84
CA THR A 61 -0.29 4.40 -6.72
C THR A 61 -1.66 4.14 -6.10
N LEU A 62 -1.71 3.09 -5.29
CA LEU A 62 -2.93 2.72 -4.60
C LEU A 62 -3.38 3.89 -3.71
N VAL A 63 -2.41 4.48 -3.00
CA VAL A 63 -2.70 5.62 -2.14
C VAL A 63 -2.80 6.90 -2.94
N HIS A 64 -1.86 7.09 -3.87
CA HIS A 64 -1.83 8.27 -4.72
C HIS A 64 -3.16 8.46 -5.45
N THR A 65 -3.80 7.36 -5.80
CA THR A 65 -5.08 7.39 -6.51
C THR A 65 -6.25 7.37 -5.54
N ALA A 66 -5.98 6.98 -4.29
CA ALA A 66 -7.02 6.93 -3.27
C ALA A 66 -7.80 8.23 -3.17
N LYS A 67 -7.27 9.18 -2.40
CA LYS A 67 -7.93 10.48 -2.22
C LYS A 67 -6.91 11.59 -2.00
N ILE A 68 -5.64 11.30 -2.29
CA ILE A 68 -4.58 12.27 -2.11
C ILE A 68 -4.82 13.50 -2.97
N SER A 69 -5.54 13.31 -4.07
CA SER A 69 -5.86 14.40 -4.99
C SER A 69 -4.61 15.22 -5.32
N PRO A 70 -3.61 14.60 -5.98
CA PRO A 70 -2.37 15.29 -6.36
C PRO A 70 -2.54 16.17 -7.58
N GLN A 71 -3.77 16.26 -8.08
CA GLN A 71 -4.07 17.07 -9.26
C GLN A 71 -4.78 18.36 -8.86
N GLN A 72 -4.71 18.71 -7.58
CA GLN A 72 -5.34 19.92 -7.07
C GLN A 72 -4.84 21.15 -7.82
N ARG A 73 -3.62 21.05 -8.36
CA ARG A 73 -3.00 22.14 -9.11
C ARG A 73 -2.80 23.38 -8.24
N ARG A 74 -1.54 23.78 -8.09
CA ARG A 74 -1.20 24.96 -7.28
C ARG A 74 -0.06 25.75 -7.94
N GLY A 75 0.28 25.35 -9.17
CA GLY A 75 1.34 26.02 -9.89
C GLY A 75 2.29 25.04 -10.54
N GLU A 76 1.73 24.02 -11.19
CA GLU A 76 2.52 23.00 -11.87
C GLU A 76 3.49 22.33 -10.89
N PRO A 77 2.97 21.76 -9.78
CA PRO A 77 3.80 21.09 -8.78
C PRO A 77 4.22 19.69 -9.19
N VAL A 78 4.67 18.90 -8.23
CA VAL A 78 5.10 17.53 -8.50
C VAL A 78 4.53 16.57 -7.47
N PRO A 79 4.15 15.34 -7.88
CA PRO A 79 3.59 14.34 -6.97
C PRO A 79 4.65 13.70 -6.08
N GLN A 80 5.10 14.43 -5.07
CA GLN A 80 6.10 13.94 -4.14
C GLN A 80 5.45 13.36 -2.89
N GLU A 81 4.29 13.90 -2.56
CA GLU A 81 3.53 13.46 -1.38
C GLU A 81 3.35 11.94 -1.35
N LEU A 82 3.14 11.35 -2.52
CA LEU A 82 2.93 9.92 -2.62
C LEU A 82 4.19 9.15 -2.24
N LEU A 83 5.30 9.42 -2.93
CA LEU A 83 6.56 8.75 -2.65
C LEU A 83 7.00 9.00 -1.21
N ASN A 84 6.66 10.17 -0.69
CA ASN A 84 7.02 10.54 0.67
C ASN A 84 6.36 9.60 1.68
N ARG A 85 5.05 9.44 1.56
CA ARG A 85 4.31 8.57 2.47
C ARG A 85 4.66 7.11 2.25
N VAL A 86 5.21 6.81 1.08
CA VAL A 86 5.60 5.43 0.76
C VAL A 86 6.81 5.00 1.58
N LEU A 87 7.93 5.69 1.40
CA LEU A 87 9.14 5.37 2.14
C LEU A 87 8.97 5.68 3.62
N ASN A 88 7.99 6.51 3.94
CA ASN A 88 7.71 6.88 5.33
C ASN A 88 6.96 5.75 6.04
N ALA A 89 5.85 5.34 5.45
CA ALA A 89 5.04 4.26 6.01
C ALA A 89 5.84 2.96 6.10
N HIS A 90 6.58 2.65 5.04
CA HIS A 90 7.39 1.44 5.02
C HIS A 90 8.44 1.49 6.11
N GLY A 91 9.25 2.55 6.10
CA GLY A 91 10.27 2.72 7.11
C GLY A 91 9.69 2.75 8.51
N TYR A 92 8.45 3.21 8.61
CA TYR A 92 7.76 3.28 9.89
C TYR A 92 7.53 1.88 10.44
N TRP A 93 7.04 0.97 9.60
CA TRP A 93 6.81 -0.41 10.04
C TRP A 93 8.10 -1.01 10.56
N THR A 94 9.11 -1.01 9.70
CA THR A 94 10.42 -1.57 10.05
C THR A 94 10.97 -0.92 11.31
N GLN A 95 10.71 0.38 11.46
CA GLN A 95 11.18 1.13 12.62
C GLN A 95 10.15 1.06 13.75
N GLN A 96 8.99 0.50 13.44
CA GLN A 96 7.93 0.38 14.43
C GLN A 96 8.19 -0.83 15.33
N GLN A 97 8.86 -1.82 14.77
CA GLN A 97 9.19 -3.05 15.49
C GLN A 97 7.94 -3.88 15.78
N MET A 98 6.99 -3.83 14.84
CA MET A 98 5.73 -4.57 14.95
C MET A 98 4.81 -3.96 16.01
N GLN A 99 5.40 -3.21 16.93
CA GLN A 99 4.62 -2.56 18.00
C GLN A 99 5.46 -1.49 18.69
N GLN A 100 5.48 -0.30 18.12
CA GLN A 100 6.24 0.82 18.69
C GLN A 100 5.77 1.13 20.11
N LEU A 101 6.70 1.53 20.97
CA LEU A 101 6.38 1.87 22.34
C LEU A 101 5.75 3.25 22.43
N GLN A 102 5.50 3.86 21.27
CA GLN A 102 4.89 5.19 21.22
C GLN A 102 3.37 5.10 21.30
N GLN A 103 2.80 4.15 20.55
CA GLN A 103 1.35 3.93 20.54
C GLN A 103 0.63 5.15 19.97
N ASN A 104 1.39 6.10 19.42
CA ASN A 104 0.80 7.30 18.83
C ASN A 104 1.05 7.36 17.34
N VAL A 105 0.29 6.57 16.59
CA VAL A 105 0.41 6.53 15.13
C VAL A 105 0.19 7.91 14.53
N GLN A 9 -27.83 -17.69 -8.18
CA GLN A 9 -28.22 -18.17 -6.86
C GLN A 9 -27.29 -17.64 -5.79
N ARG A 10 -25.99 -17.80 -6.00
CA ARG A 10 -24.98 -17.33 -5.05
C ARG A 10 -23.58 -17.44 -5.64
N ARG A 11 -23.49 -17.42 -6.96
CA ARG A 11 -22.21 -17.52 -7.65
C ARG A 11 -21.57 -16.15 -7.80
N ILE A 12 -20.31 -16.05 -7.41
CA ILE A 12 -19.58 -14.79 -7.49
C ILE A 12 -18.15 -15.02 -7.99
N ARG A 13 -17.67 -14.14 -8.87
CA ARG A 13 -16.33 -14.25 -9.43
C ARG A 13 -15.46 -13.10 -8.95
N ARG A 14 -14.31 -13.44 -8.38
CA ARG A 14 -13.36 -12.44 -7.88
C ARG A 14 -14.02 -11.55 -6.82
N PRO A 15 -14.03 -12.00 -5.56
CA PRO A 15 -14.64 -11.23 -4.46
C PRO A 15 -13.75 -10.09 -3.99
N PHE A 16 -12.45 -10.35 -3.89
CA PHE A 16 -11.50 -9.34 -3.45
C PHE A 16 -10.65 -8.84 -4.60
N SER A 17 -10.05 -7.66 -4.41
CA SER A 17 -9.21 -7.04 -5.42
C SER A 17 -8.46 -5.84 -4.83
N VAL A 18 -7.73 -5.13 -5.67
CA VAL A 18 -6.97 -3.96 -5.23
C VAL A 18 -7.88 -3.00 -4.44
N ALA A 19 -9.14 -2.93 -4.85
CA ALA A 19 -10.11 -2.07 -4.18
C ALA A 19 -10.21 -2.41 -2.69
N GLU A 20 -10.33 -3.70 -2.41
CA GLU A 20 -10.42 -4.17 -1.03
C GLU A 20 -9.10 -3.93 -0.31
N VAL A 21 -8.00 -4.10 -1.04
CA VAL A 21 -6.68 -3.88 -0.49
C VAL A 21 -6.57 -2.50 0.13
N GLU A 22 -7.26 -1.53 -0.48
CA GLU A 22 -7.25 -0.16 0.03
C GLU A 22 -7.53 -0.15 1.52
N ALA A 23 -8.66 -0.74 1.92
CA ALA A 23 -9.02 -0.81 3.32
C ALA A 23 -7.94 -1.54 4.10
N LEU A 24 -7.43 -2.62 3.52
CA LEU A 24 -6.37 -3.39 4.14
C LEU A 24 -5.15 -2.52 4.39
N VAL A 25 -4.97 -1.50 3.55
CA VAL A 25 -3.85 -0.57 3.68
C VAL A 25 -4.05 0.30 4.90
N GLN A 26 -5.28 0.76 5.11
CA GLN A 26 -5.60 1.61 6.24
C GLN A 26 -5.42 0.83 7.55
N ALA A 27 -5.49 -0.49 7.45
CA ALA A 27 -5.34 -1.35 8.62
C ALA A 27 -3.88 -1.71 8.88
N VAL A 28 -3.11 -1.91 7.82
CA VAL A 28 -1.70 -2.29 7.93
C VAL A 28 -0.78 -1.07 8.10
N GLU A 29 -1.26 0.11 7.74
CA GLU A 29 -0.46 1.32 7.85
C GLU A 29 0.03 1.56 9.28
N LYS A 30 -0.51 0.80 10.23
CA LYS A 30 -0.12 0.95 11.63
C LYS A 30 0.75 -0.21 12.11
N LEU A 31 0.33 -1.44 11.81
CA LEU A 31 1.06 -2.62 12.24
C LEU A 31 1.63 -3.39 11.04
N GLY A 32 1.97 -2.66 9.99
CA GLY A 32 2.51 -3.29 8.79
C GLY A 32 3.97 -3.68 8.96
N THR A 33 4.56 -4.18 7.88
CA THR A 33 5.96 -4.59 7.90
C THR A 33 6.58 -4.46 6.51
N GLY A 34 5.84 -4.89 5.49
CA GLY A 34 6.34 -4.81 4.13
C GLY A 34 5.26 -5.10 3.11
N ARG A 35 4.00 -4.96 3.53
CA ARG A 35 2.84 -5.21 2.66
C ARG A 35 3.00 -6.50 1.86
N TRP A 36 3.85 -7.39 2.36
CA TRP A 36 4.09 -8.67 1.70
C TRP A 36 2.79 -9.46 1.55
N ARG A 37 2.01 -9.51 2.62
CA ARG A 37 0.75 -10.22 2.60
C ARG A 37 -0.23 -9.55 1.64
N ASP A 38 -0.08 -8.24 1.46
CA ASP A 38 -0.95 -7.49 0.57
C ASP A 38 -0.76 -7.94 -0.88
N VAL A 39 0.47 -7.79 -1.38
CA VAL A 39 0.77 -8.19 -2.75
C VAL A 39 0.44 -9.67 -2.96
N LYS A 40 0.50 -10.44 -1.89
CA LYS A 40 0.21 -11.86 -1.96
C LYS A 40 -1.25 -12.11 -2.35
N LEU A 41 -2.18 -11.49 -1.63
CA LEU A 41 -3.59 -11.66 -1.91
C LEU A 41 -4.24 -10.38 -2.42
N CYS A 42 -3.42 -9.50 -3.01
CA CYS A 42 -3.93 -8.25 -3.54
C CYS A 42 -5.04 -8.50 -4.54
N ALA A 43 -4.80 -9.46 -5.43
CA ALA A 43 -5.78 -9.82 -6.45
C ALA A 43 -5.29 -11.00 -7.29
N PHE A 44 -4.38 -11.81 -6.71
CA PHE A 44 -3.82 -12.96 -7.40
C PHE A 44 -2.85 -12.46 -8.46
N GLU A 45 -2.66 -11.14 -8.46
CA GLU A 45 -1.79 -10.49 -9.42
C GLU A 45 -0.33 -10.59 -8.99
N ASP A 46 -0.04 -10.14 -7.78
CA ASP A 46 1.32 -10.18 -7.26
C ASP A 46 1.51 -11.35 -6.30
N ALA A 47 0.69 -12.38 -6.47
CA ALA A 47 0.75 -13.57 -5.62
C ALA A 47 2.07 -14.32 -5.83
N ASP A 48 2.88 -13.85 -6.76
CA ASP A 48 4.17 -14.48 -7.05
C ASP A 48 5.33 -13.56 -6.67
N HIS A 49 4.99 -12.33 -6.26
CA HIS A 49 5.99 -11.35 -5.87
C HIS A 49 6.91 -10.99 -7.04
N ARG A 50 6.82 -9.73 -7.48
CA ARG A 50 7.63 -9.26 -8.60
C ARG A 50 8.98 -8.75 -8.11
N THR A 51 8.98 -7.62 -7.41
CA THR A 51 10.21 -7.02 -6.90
C THR A 51 9.90 -6.10 -5.72
N TYR A 52 10.88 -5.88 -4.85
CA TYR A 52 10.68 -5.01 -3.69
C TYR A 52 10.25 -3.60 -4.09
N VAL A 53 10.95 -3.01 -5.06
CA VAL A 53 10.62 -1.66 -5.51
C VAL A 53 9.41 -1.68 -6.43
N ASP A 54 9.36 -2.65 -7.34
CA ASP A 54 8.24 -2.77 -8.27
C ASP A 54 6.93 -2.92 -7.51
N LEU A 55 6.90 -3.87 -6.57
CA LEU A 55 5.71 -4.09 -5.76
C LEU A 55 5.41 -2.83 -4.96
N LYS A 56 6.46 -2.15 -4.54
CA LYS A 56 6.32 -0.91 -3.78
C LYS A 56 5.72 0.17 -4.67
N ASP A 57 6.00 0.09 -5.97
CA ASP A 57 5.47 1.05 -6.92
C ASP A 57 3.96 0.90 -7.05
N LYS A 58 3.51 -0.35 -7.18
CA LYS A 58 2.08 -0.63 -7.30
C LYS A 58 1.36 -0.17 -6.04
N TRP A 59 2.07 -0.21 -4.92
CA TRP A 59 1.54 0.21 -3.63
C TRP A 59 1.40 1.72 -3.60
N LYS A 60 2.44 2.41 -4.06
CA LYS A 60 2.44 3.87 -4.12
C LYS A 60 1.25 4.38 -4.92
N THR A 61 0.88 3.60 -5.94
CA THR A 61 -0.25 3.96 -6.79
C THR A 61 -1.54 3.47 -6.15
N LEU A 62 -1.42 2.40 -5.38
CA LEU A 62 -2.54 1.82 -4.67
C LEU A 62 -3.10 2.81 -3.65
N VAL A 63 -2.21 3.63 -3.10
CA VAL A 63 -2.61 4.64 -2.12
C VAL A 63 -2.97 5.95 -2.82
N HIS A 64 -2.16 6.35 -3.79
CA HIS A 64 -2.39 7.57 -4.54
C HIS A 64 -3.76 7.54 -5.22
N THR A 65 -4.17 6.34 -5.64
CA THR A 65 -5.45 6.16 -6.30
C THR A 65 -6.62 6.26 -5.32
N ALA A 66 -6.34 6.04 -4.05
CA ALA A 66 -7.36 6.10 -3.01
C ALA A 66 -8.04 7.46 -2.98
N LYS A 67 -7.36 8.45 -2.40
CA LYS A 67 -7.91 9.80 -2.31
C LYS A 67 -6.83 10.81 -1.94
N ILE A 68 -5.58 10.46 -2.24
CA ILE A 68 -4.46 11.34 -1.94
C ILE A 68 -4.62 12.68 -2.65
N SER A 69 -5.29 12.64 -3.81
CA SER A 69 -5.52 13.85 -4.60
C SER A 69 -4.24 14.67 -4.75
N PRO A 70 -3.23 14.15 -5.45
CA PRO A 70 -1.96 14.85 -5.65
C PRO A 70 -2.06 15.92 -6.74
N GLN A 71 -3.07 15.79 -7.60
CA GLN A 71 -3.28 16.74 -8.69
C GLN A 71 -3.66 18.12 -8.14
N GLN A 72 -4.44 18.12 -7.06
CA GLN A 72 -4.88 19.37 -6.43
C GLN A 72 -5.72 20.21 -7.39
N ARG A 73 -6.06 19.63 -8.55
CA ARG A 73 -6.87 20.32 -9.54
C ARG A 73 -7.25 19.38 -10.68
N ARG A 74 -6.27 19.07 -11.53
CA ARG A 74 -6.51 18.17 -12.67
C ARG A 74 -5.20 17.74 -13.28
N GLY A 75 -4.19 18.61 -13.23
CA GLY A 75 -2.89 18.28 -13.79
C GLY A 75 -2.05 17.44 -12.85
N GLU A 76 -1.07 16.74 -13.41
CA GLU A 76 -0.18 15.90 -12.62
C GLU A 76 1.28 16.22 -12.89
N PRO A 77 1.84 17.24 -12.21
CA PRO A 77 3.24 17.63 -12.39
C PRO A 77 4.21 16.62 -11.79
N VAL A 78 4.49 16.77 -10.50
CA VAL A 78 5.39 15.87 -9.79
C VAL A 78 4.77 15.37 -8.49
N PRO A 79 4.08 14.22 -8.54
CA PRO A 79 3.43 13.64 -7.36
C PRO A 79 4.44 13.06 -6.37
N GLN A 80 4.86 13.88 -5.41
CA GLN A 80 5.81 13.45 -4.40
C GLN A 80 5.11 13.00 -3.12
N GLU A 81 3.90 13.53 -2.92
CA GLU A 81 3.11 13.20 -1.75
C GLU A 81 2.99 11.70 -1.54
N LEU A 82 2.83 10.96 -2.64
CA LEU A 82 2.69 9.52 -2.58
C LEU A 82 3.99 8.87 -2.14
N LEU A 83 5.06 9.10 -2.89
CA LEU A 83 6.37 8.53 -2.56
C LEU A 83 6.80 8.92 -1.15
N ASN A 84 6.28 10.04 -0.68
CA ASN A 84 6.60 10.53 0.66
C ASN A 84 5.93 9.67 1.73
N ARG A 85 4.63 9.44 1.57
CA ARG A 85 3.88 8.64 2.53
C ARG A 85 4.23 7.15 2.39
N VAL A 86 4.77 6.77 1.24
CA VAL A 86 5.15 5.39 1.00
C VAL A 86 6.43 5.03 1.72
N LEU A 87 7.50 5.77 1.44
CA LEU A 87 8.79 5.54 2.07
C LEU A 87 8.70 5.79 3.56
N ASN A 88 7.78 6.66 3.96
CA ASN A 88 7.60 6.98 5.37
C ASN A 88 6.88 5.85 6.10
N ALA A 89 5.70 5.51 5.61
CA ALA A 89 4.90 4.43 6.21
C ALA A 89 5.69 3.13 6.27
N HIS A 90 6.32 2.77 5.16
CA HIS A 90 7.11 1.55 5.08
C HIS A 90 8.23 1.59 6.13
N GLY A 91 9.04 2.64 6.07
CA GLY A 91 10.14 2.80 7.01
C GLY A 91 9.66 2.77 8.44
N TYR A 92 8.43 3.24 8.66
CA TYR A 92 7.84 3.27 9.99
C TYR A 92 7.57 1.84 10.46
N TRP A 93 7.10 0.99 9.55
CA TRP A 93 6.83 -0.40 9.89
C TRP A 93 8.09 -1.09 10.41
N THR A 94 9.15 -1.02 9.61
CA THR A 94 10.41 -1.65 9.99
C THR A 94 11.07 -0.96 11.17
N GLN A 95 11.16 0.37 11.11
CA GLN A 95 11.79 1.15 12.17
C GLN A 95 10.98 1.11 13.46
N GLN A 96 9.78 1.64 13.43
CA GLN A 96 8.93 1.67 14.62
C GLN A 96 8.57 0.26 15.08
N GLN A 97 8.69 -0.70 14.17
CA GLN A 97 8.37 -2.10 14.47
C GLN A 97 6.93 -2.24 14.94
N MET A 98 5.99 -2.04 14.03
CA MET A 98 4.56 -2.14 14.33
C MET A 98 4.24 -1.55 15.70
N GLN A 99 4.86 -0.43 16.01
CA GLN A 99 4.66 0.25 17.29
C GLN A 99 4.99 -0.69 18.45
N GLN A 100 6.28 -1.01 18.58
CA GLN A 100 6.76 -1.89 19.64
C GLN A 100 6.11 -3.27 19.53
N LEU A 101 6.46 -4.15 20.47
CA LEU A 101 5.92 -5.50 20.48
C LEU A 101 4.41 -5.48 20.72
N GLN A 102 3.94 -4.47 21.44
CA GLN A 102 2.52 -4.33 21.74
C GLN A 102 1.73 -4.04 20.47
N GLN A 103 0.81 -4.93 20.12
CA GLN A 103 -0.01 -4.76 18.93
C GLN A 103 -1.37 -4.15 19.28
N ASN A 104 -1.55 -3.84 20.57
CA ASN A 104 -2.80 -3.26 21.04
C ASN A 104 -2.86 -1.76 20.72
N VAL A 105 -3.19 -1.44 19.48
CA VAL A 105 -3.29 -0.06 19.05
C VAL A 105 -4.54 0.62 19.61
#